data_3OIZ
# 
_entry.id   3OIZ 
# 
_audit_conform.dict_name       mmcif_pdbx.dic 
_audit_conform.dict_version    5.398 
_audit_conform.dict_location   http://mmcif.pdb.org/dictionaries/ascii/mmcif_pdbx.dic 
# 
loop_
_database_2.database_id 
_database_2.database_code 
_database_2.pdbx_database_accession 
_database_2.pdbx_DOI 
PDB   3OIZ         pdb_00003oiz 10.2210/pdb3oiz/pdb 
RCSB  RCSB061175   ?            ?                   
WWPDB D_1000061175 ?            ?                   
# 
loop_
_pdbx_audit_revision_history.ordinal 
_pdbx_audit_revision_history.data_content_type 
_pdbx_audit_revision_history.major_revision 
_pdbx_audit_revision_history.minor_revision 
_pdbx_audit_revision_history.revision_date 
1 'Structure model' 1 0 2010-09-08 
2 'Structure model' 1 1 2011-07-13 
3 'Structure model' 1 2 2024-11-06 
# 
_pdbx_audit_revision_details.ordinal             1 
_pdbx_audit_revision_details.revision_ordinal    1 
_pdbx_audit_revision_details.data_content_type   'Structure model' 
_pdbx_audit_revision_details.provider            repository 
_pdbx_audit_revision_details.type                'Initial release' 
_pdbx_audit_revision_details.description         ? 
_pdbx_audit_revision_details.details             ? 
# 
loop_
_pdbx_audit_revision_group.ordinal 
_pdbx_audit_revision_group.revision_ordinal 
_pdbx_audit_revision_group.data_content_type 
_pdbx_audit_revision_group.group 
1 2 'Structure model' 'Version format compliance' 
2 3 'Structure model' 'Data collection'           
3 3 'Structure model' 'Database references'       
4 3 'Structure model' 'Derived calculations'      
5 3 'Structure model' 'Structure summary'         
# 
loop_
_pdbx_audit_revision_category.ordinal 
_pdbx_audit_revision_category.revision_ordinal 
_pdbx_audit_revision_category.data_content_type 
_pdbx_audit_revision_category.category 
1 3 'Structure model' chem_comp_atom            
2 3 'Structure model' chem_comp_bond            
3 3 'Structure model' database_2                
4 3 'Structure model' pdbx_entry_details        
5 3 'Structure model' pdbx_modification_feature 
6 3 'Structure model' struct_conn               
# 
loop_
_pdbx_audit_revision_item.ordinal 
_pdbx_audit_revision_item.revision_ordinal 
_pdbx_audit_revision_item.data_content_type 
_pdbx_audit_revision_item.item 
1 3 'Structure model' '_database_2.pdbx_DOI'                
2 3 'Structure model' '_database_2.pdbx_database_accession' 
3 3 'Structure model' '_struct_conn.pdbx_leaving_atom_flag' 
# 
_pdbx_database_status.entry_id                        3OIZ 
_pdbx_database_status.deposit_site                    RCSB 
_pdbx_database_status.process_site                    RCSB 
_pdbx_database_status.recvd_initial_deposition_date   2010-08-20 
_pdbx_database_status.status_code                     REL 
_pdbx_database_status.status_code_sf                  REL 
_pdbx_database_status.status_code_mr                  ? 
_pdbx_database_status.SG_entry                        Y 
_pdbx_database_status.pdb_format_compatible           Y 
_pdbx_database_status.status_code_cs                  ? 
_pdbx_database_status.status_code_nmr_data            ? 
_pdbx_database_status.methods_development_category    ? 
# 
_pdbx_database_related.db_name        TargetDB 
_pdbx_database_related.db_id          APC63694.3 
_pdbx_database_related.details        . 
_pdbx_database_related.content_type   unspecified 
# 
loop_
_audit_author.name 
_audit_author.pdbx_ordinal 
'Chang, C.'                                     1 
'Marshall, N.'                                  2 
'Freeman, L.'                                   3 
'Joachimiak, A.'                                4 
'Midwest Center for Structural Genomics (MCSG)' 5 
# 
_citation.id                        primary 
_citation.title                     'Crystal structure of antisigma-factor antagonist, STAS domain from Rhodobacter sphaeroides' 
_citation.journal_abbrev            'To be Published' 
_citation.journal_volume            ? 
_citation.page_first                ? 
_citation.page_last                 ? 
_citation.year                      ? 
_citation.journal_id_ASTM           ? 
_citation.country                   ? 
_citation.journal_id_ISSN           ? 
_citation.journal_id_CSD            0353 
_citation.book_publisher            ? 
_citation.pdbx_database_id_PubMed   ? 
_citation.pdbx_database_id_DOI      ? 
# 
loop_
_citation_author.citation_id 
_citation_author.name 
_citation_author.ordinal 
_citation_author.identifier_ORCID 
primary 'Chang, C.'      1 ? 
primary 'Marshall, N.'   2 ? 
primary 'Freeman, L.'    3 ? 
primary 'Joachimiak, A.' 4 ? 
# 
loop_
_entity.id 
_entity.type 
_entity.src_method 
_entity.pdbx_description 
_entity.formula_weight 
_entity.pdbx_number_of_molecules 
_entity.pdbx_ec 
_entity.pdbx_mutation 
_entity.pdbx_fragment 
_entity.details 
1 polymer man 'Antisigma-factor antagonist, STAS' 11442.281 1   ? ? ? ? 
2 water   nat water                               18.015    110 ? ? ? ? 
# 
_entity_poly.entity_id                      1 
_entity_poly.type                           'polypeptide(L)' 
_entity_poly.nstd_linkage                   no 
_entity_poly.nstd_monomer                   yes 
_entity_poly.pdbx_seq_one_letter_code       
;SNALFGVTSELSKDGRERIYRVEGQLFYASVEDF(MSE)AAFDFREALDRVVIDVSRAHIWDISSVQALD(MSE)AVLKF
RREGAEVRIVG(MSE)NEASET(MSE)VDRLAIHD
;
_entity_poly.pdbx_seq_one_letter_code_can   
;SNALFGVTSELSKDGRERIYRVEGQLFYASVEDFMAAFDFREALDRVVIDVSRAHIWDISSVQALDMAVLKFRREGAEVR
IVGMNEASETMVDRLAIHD
;
_entity_poly.pdbx_strand_id                 A 
_entity_poly.pdbx_target_identifier         APC63694.3 
# 
_pdbx_entity_nonpoly.entity_id   2 
_pdbx_entity_nonpoly.name        water 
_pdbx_entity_nonpoly.comp_id     HOH 
# 
loop_
_entity_poly_seq.entity_id 
_entity_poly_seq.num 
_entity_poly_seq.mon_id 
_entity_poly_seq.hetero 
1 1  SER n 
1 2  ASN n 
1 3  ALA n 
1 4  LEU n 
1 5  PHE n 
1 6  GLY n 
1 7  VAL n 
1 8  THR n 
1 9  SER n 
1 10 GLU n 
1 11 LEU n 
1 12 SER n 
1 13 LYS n 
1 14 ASP n 
1 15 GLY n 
1 16 ARG n 
1 17 GLU n 
1 18 ARG n 
1 19 ILE n 
1 20 TYR n 
1 21 ARG n 
1 22 VAL n 
1 23 GLU n 
1 24 GLY n 
1 25 GLN n 
1 26 LEU n 
1 27 PHE n 
1 28 TYR n 
1 29 ALA n 
1 30 SER n 
1 31 VAL n 
1 32 GLU n 
1 33 ASP n 
1 34 PHE n 
1 35 MSE n 
1 36 ALA n 
1 37 ALA n 
1 38 PHE n 
1 39 ASP n 
1 40 PHE n 
1 41 ARG n 
1 42 GLU n 
1 43 ALA n 
1 44 LEU n 
1 45 ASP n 
1 46 ARG n 
1 47 VAL n 
1 48 VAL n 
1 49 ILE n 
1 50 ASP n 
1 51 VAL n 
1 52 SER n 
1 53 ARG n 
1 54 ALA n 
1 55 HIS n 
1 56 ILE n 
1 57 TRP n 
1 58 ASP n 
1 59 ILE n 
1 60 SER n 
1 61 SER n 
1 62 VAL n 
1 63 GLN n 
1 64 ALA n 
1 65 LEU n 
1 66 ASP n 
1 67 MSE n 
1 68 ALA n 
1 69 VAL n 
1 70 LEU n 
1 71 LYS n 
1 72 PHE n 
1 73 ARG n 
1 74 ARG n 
1 75 GLU n 
1 76 GLY n 
1 77 ALA n 
1 78 GLU n 
1 79 VAL n 
1 80 ARG n 
1 81 ILE n 
1 82 VAL n 
1 83 GLY n 
1 84 MSE n 
1 85 ASN n 
1 86 GLU n 
1 87 ALA n 
1 88 SER n 
1 89 GLU n 
1 90 THR n 
1 91 MSE n 
1 92 VAL n 
1 93 ASP n 
1 94 ARG n 
1 95 LEU n 
1 96 ALA n 
1 97 ILE n 
1 98 HIS n 
1 99 ASP n 
# 
_entity_src_gen.entity_id                          1 
_entity_src_gen.pdbx_src_id                        1 
_entity_src_gen.pdbx_alt_source_flag               sample 
_entity_src_gen.pdbx_seq_type                      ? 
_entity_src_gen.pdbx_beg_seq_num                   ? 
_entity_src_gen.pdbx_end_seq_num                   ? 
_entity_src_gen.gene_src_common_name               ? 
_entity_src_gen.gene_src_genus                     ? 
_entity_src_gen.pdbx_gene_src_gene                 'RHOS4_40800, RSP_4197' 
_entity_src_gen.gene_src_species                   ? 
_entity_src_gen.gene_src_strain                    'ATCC 17023 / 2.4.1 / NCIB 8253 / DSM 158' 
_entity_src_gen.gene_src_tissue                    ? 
_entity_src_gen.gene_src_tissue_fraction           ? 
_entity_src_gen.gene_src_details                   ? 
_entity_src_gen.pdbx_gene_src_fragment             ? 
_entity_src_gen.pdbx_gene_src_scientific_name      'Rhodobacter sphaeroides' 
_entity_src_gen.pdbx_gene_src_ncbi_taxonomy_id     272943 
_entity_src_gen.pdbx_gene_src_variant              ? 
_entity_src_gen.pdbx_gene_src_cell_line            ? 
_entity_src_gen.pdbx_gene_src_atcc                 ? 
_entity_src_gen.pdbx_gene_src_organ                ? 
_entity_src_gen.pdbx_gene_src_organelle            ? 
_entity_src_gen.pdbx_gene_src_cell                 ? 
_entity_src_gen.pdbx_gene_src_cellular_location    ? 
_entity_src_gen.host_org_common_name               ? 
_entity_src_gen.pdbx_host_org_scientific_name      'Escherichia coli' 
_entity_src_gen.pdbx_host_org_ncbi_taxonomy_id     469008 
_entity_src_gen.host_org_genus                     ? 
_entity_src_gen.pdbx_host_org_gene                 ? 
_entity_src_gen.pdbx_host_org_organ                ? 
_entity_src_gen.host_org_species                   ? 
_entity_src_gen.pdbx_host_org_tissue               ? 
_entity_src_gen.pdbx_host_org_tissue_fraction      ? 
_entity_src_gen.pdbx_host_org_strain               'BL21(DE3)' 
_entity_src_gen.pdbx_host_org_variant              ? 
_entity_src_gen.pdbx_host_org_cell_line            ? 
_entity_src_gen.pdbx_host_org_atcc                 ? 
_entity_src_gen.pdbx_host_org_culture_collection   ? 
_entity_src_gen.pdbx_host_org_cell                 ? 
_entity_src_gen.pdbx_host_org_organelle            ? 
_entity_src_gen.pdbx_host_org_cellular_location    ? 
_entity_src_gen.pdbx_host_org_vector_type          plasmid 
_entity_src_gen.pdbx_host_org_vector               ? 
_entity_src_gen.host_org_details                   ? 
_entity_src_gen.expression_system_id               ? 
_entity_src_gen.plasmid_name                       pMCSG19 
_entity_src_gen.plasmid_details                    ? 
_entity_src_gen.pdbx_description                   ? 
# 
loop_
_chem_comp.id 
_chem_comp.type 
_chem_comp.mon_nstd_flag 
_chem_comp.name 
_chem_comp.pdbx_synonyms 
_chem_comp.formula 
_chem_comp.formula_weight 
ALA 'L-peptide linking' y ALANINE          ? 'C3 H7 N O2'     89.093  
ARG 'L-peptide linking' y ARGININE         ? 'C6 H15 N4 O2 1' 175.209 
ASN 'L-peptide linking' y ASPARAGINE       ? 'C4 H8 N2 O3'    132.118 
ASP 'L-peptide linking' y 'ASPARTIC ACID'  ? 'C4 H7 N O4'     133.103 
GLN 'L-peptide linking' y GLUTAMINE        ? 'C5 H10 N2 O3'   146.144 
GLU 'L-peptide linking' y 'GLUTAMIC ACID'  ? 'C5 H9 N O4'     147.129 
GLY 'peptide linking'   y GLYCINE          ? 'C2 H5 N O2'     75.067  
HIS 'L-peptide linking' y HISTIDINE        ? 'C6 H10 N3 O2 1' 156.162 
HOH non-polymer         . WATER            ? 'H2 O'           18.015  
ILE 'L-peptide linking' y ISOLEUCINE       ? 'C6 H13 N O2'    131.173 
LEU 'L-peptide linking' y LEUCINE          ? 'C6 H13 N O2'    131.173 
LYS 'L-peptide linking' y LYSINE           ? 'C6 H15 N2 O2 1' 147.195 
MSE 'L-peptide linking' n SELENOMETHIONINE ? 'C5 H11 N O2 Se' 196.106 
PHE 'L-peptide linking' y PHENYLALANINE    ? 'C9 H11 N O2'    165.189 
SER 'L-peptide linking' y SERINE           ? 'C3 H7 N O3'     105.093 
THR 'L-peptide linking' y THREONINE        ? 'C4 H9 N O3'     119.119 
TRP 'L-peptide linking' y TRYPTOPHAN       ? 'C11 H12 N2 O2'  204.225 
TYR 'L-peptide linking' y TYROSINE         ? 'C9 H11 N O3'    181.189 
VAL 'L-peptide linking' y VALINE           ? 'C5 H11 N O2'    117.146 
# 
loop_
_pdbx_poly_seq_scheme.asym_id 
_pdbx_poly_seq_scheme.entity_id 
_pdbx_poly_seq_scheme.seq_id 
_pdbx_poly_seq_scheme.mon_id 
_pdbx_poly_seq_scheme.ndb_seq_num 
_pdbx_poly_seq_scheme.pdb_seq_num 
_pdbx_poly_seq_scheme.auth_seq_num 
_pdbx_poly_seq_scheme.pdb_mon_id 
_pdbx_poly_seq_scheme.auth_mon_id 
_pdbx_poly_seq_scheme.pdb_strand_id 
_pdbx_poly_seq_scheme.pdb_ins_code 
_pdbx_poly_seq_scheme.hetero 
A 1 1  SER 1  387 387 SER SER A . n 
A 1 2  ASN 2  388 388 ASN ASN A . n 
A 1 3  ALA 3  389 389 ALA ALA A . n 
A 1 4  LEU 4  390 390 LEU LEU A . n 
A 1 5  PHE 5  391 391 PHE PHE A . n 
A 1 6  GLY 6  392 392 GLY GLY A . n 
A 1 7  VAL 7  393 393 VAL VAL A . n 
A 1 8  THR 8  394 394 THR THR A . n 
A 1 9  SER 9  395 395 SER SER A . n 
A 1 10 GLU 10 396 396 GLU GLU A . n 
A 1 11 LEU 11 397 397 LEU LEU A . n 
A 1 12 SER 12 398 398 SER SER A . n 
A 1 13 LYS 13 399 399 LYS LYS A . n 
A 1 14 ASP 14 400 400 ASP ASP A . n 
A 1 15 GLY 15 401 401 GLY GLY A . n 
A 1 16 ARG 16 402 402 ARG ARG A . n 
A 1 17 GLU 17 403 403 GLU GLU A . n 
A 1 18 ARG 18 404 404 ARG ARG A . n 
A 1 19 ILE 19 405 405 ILE ILE A . n 
A 1 20 TYR 20 406 406 TYR TYR A . n 
A 1 21 ARG 21 407 407 ARG ARG A . n 
A 1 22 VAL 22 408 408 VAL VAL A . n 
A 1 23 GLU 23 409 409 GLU GLU A . n 
A 1 24 GLY 24 410 410 GLY GLY A . n 
A 1 25 GLN 25 411 411 GLN GLN A . n 
A 1 26 LEU 26 412 412 LEU LEU A . n 
A 1 27 PHE 27 413 413 PHE PHE A . n 
A 1 28 TYR 28 414 414 TYR TYR A . n 
A 1 29 ALA 29 415 415 ALA ALA A . n 
A 1 30 SER 30 416 416 SER SER A . n 
A 1 31 VAL 31 417 417 VAL VAL A . n 
A 1 32 GLU 32 418 418 GLU GLU A . n 
A 1 33 ASP 33 419 419 ASP ASP A . n 
A 1 34 PHE 34 420 420 PHE PHE A . n 
A 1 35 MSE 35 421 421 MSE MSE A . n 
A 1 36 ALA 36 422 422 ALA ALA A . n 
A 1 37 ALA 37 423 423 ALA ALA A . n 
A 1 38 PHE 38 424 424 PHE PHE A . n 
A 1 39 ASP 39 425 425 ASP ASP A . n 
A 1 40 PHE 40 426 426 PHE PHE A . n 
A 1 41 ARG 41 427 427 ARG ARG A . n 
A 1 42 GLU 42 428 428 GLU GLU A . n 
A 1 43 ALA 43 429 429 ALA ALA A . n 
A 1 44 LEU 44 430 430 LEU LEU A . n 
A 1 45 ASP 45 431 431 ASP ASP A . n 
A 1 46 ARG 46 432 432 ARG ARG A . n 
A 1 47 VAL 47 433 433 VAL VAL A . n 
A 1 48 VAL 48 434 434 VAL VAL A . n 
A 1 49 ILE 49 435 435 ILE ILE A . n 
A 1 50 ASP 50 436 436 ASP ASP A . n 
A 1 51 VAL 51 437 437 VAL VAL A . n 
A 1 52 SER 52 438 438 SER SER A . n 
A 1 53 ARG 53 439 439 ARG ARG A . n 
A 1 54 ALA 54 440 440 ALA ALA A . n 
A 1 55 HIS 55 441 441 HIS HIS A . n 
A 1 56 ILE 56 442 442 ILE ILE A . n 
A 1 57 TRP 57 443 443 TRP TRP A . n 
A 1 58 ASP 58 444 444 ASP ASP A . n 
A 1 59 ILE 59 445 445 ILE ILE A . n 
A 1 60 SER 60 446 446 SER SER A . n 
A 1 61 SER 61 447 447 SER SER A . n 
A 1 62 VAL 62 448 448 VAL VAL A . n 
A 1 63 GLN 63 449 449 GLN GLN A . n 
A 1 64 ALA 64 450 450 ALA ALA A . n 
A 1 65 LEU 65 451 451 LEU LEU A . n 
A 1 66 ASP 66 452 452 ASP ASP A . n 
A 1 67 MSE 67 453 453 MSE MSE A . n 
A 1 68 ALA 68 454 454 ALA ALA A . n 
A 1 69 VAL 69 455 455 VAL VAL A . n 
A 1 70 LEU 70 456 456 LEU LEU A . n 
A 1 71 LYS 71 457 457 LYS LYS A . n 
A 1 72 PHE 72 458 458 PHE PHE A . n 
A 1 73 ARG 73 459 459 ARG ARG A . n 
A 1 74 ARG 74 460 460 ARG ARG A . n 
A 1 75 GLU 75 461 461 GLU GLU A . n 
A 1 76 GLY 76 462 462 GLY GLY A . n 
A 1 77 ALA 77 463 463 ALA ALA A . n 
A 1 78 GLU 78 464 464 GLU GLU A . n 
A 1 79 VAL 79 465 465 VAL VAL A . n 
A 1 80 ARG 80 466 466 ARG ARG A . n 
A 1 81 ILE 81 467 467 ILE ILE A . n 
A 1 82 VAL 82 468 468 VAL VAL A . n 
A 1 83 GLY 83 469 469 GLY GLY A . n 
A 1 84 MSE 84 470 470 MSE MSE A . n 
A 1 85 ASN 85 471 471 ASN ASN A . n 
A 1 86 GLU 86 472 472 GLU GLU A . n 
A 1 87 ALA 87 473 473 ALA ALA A . n 
A 1 88 SER 88 474 474 SER SER A . n 
A 1 89 GLU 89 475 475 GLU GLU A . n 
A 1 90 THR 90 476 476 THR THR A . n 
A 1 91 MSE 91 477 477 MSE MSE A . n 
A 1 92 VAL 92 478 478 VAL VAL A . n 
A 1 93 ASP 93 479 ?   ?   ?   A . n 
A 1 94 ARG 94 480 ?   ?   ?   A . n 
A 1 95 LEU 95 481 ?   ?   ?   A . n 
A 1 96 ALA 96 482 ?   ?   ?   A . n 
A 1 97 ILE 97 483 ?   ?   ?   A . n 
A 1 98 HIS 98 484 ?   ?   ?   A . n 
A 1 99 ASP 99 485 ?   ?   ?   A . n 
# 
loop_
_pdbx_nonpoly_scheme.asym_id 
_pdbx_nonpoly_scheme.entity_id 
_pdbx_nonpoly_scheme.mon_id 
_pdbx_nonpoly_scheme.ndb_seq_num 
_pdbx_nonpoly_scheme.pdb_seq_num 
_pdbx_nonpoly_scheme.auth_seq_num 
_pdbx_nonpoly_scheme.pdb_mon_id 
_pdbx_nonpoly_scheme.auth_mon_id 
_pdbx_nonpoly_scheme.pdb_strand_id 
_pdbx_nonpoly_scheme.pdb_ins_code 
B 2 HOH 1   1   1   HOH HOH A . 
B 2 HOH 2   2   2   HOH HOH A . 
B 2 HOH 3   3   3   HOH HOH A . 
B 2 HOH 4   4   4   HOH HOH A . 
B 2 HOH 5   5   5   HOH HOH A . 
B 2 HOH 6   6   6   HOH HOH A . 
B 2 HOH 7   7   7   HOH HOH A . 
B 2 HOH 8   8   8   HOH HOH A . 
B 2 HOH 9   9   9   HOH HOH A . 
B 2 HOH 10  10  10  HOH HOH A . 
B 2 HOH 11  11  11  HOH HOH A . 
B 2 HOH 12  12  12  HOH HOH A . 
B 2 HOH 13  13  13  HOH HOH A . 
B 2 HOH 14  14  14  HOH HOH A . 
B 2 HOH 15  15  15  HOH HOH A . 
B 2 HOH 16  16  16  HOH HOH A . 
B 2 HOH 17  17  17  HOH HOH A . 
B 2 HOH 18  18  18  HOH HOH A . 
B 2 HOH 19  19  19  HOH HOH A . 
B 2 HOH 20  20  20  HOH HOH A . 
B 2 HOH 21  21  21  HOH HOH A . 
B 2 HOH 22  22  22  HOH HOH A . 
B 2 HOH 23  23  23  HOH HOH A . 
B 2 HOH 24  24  24  HOH HOH A . 
B 2 HOH 25  25  25  HOH HOH A . 
B 2 HOH 26  26  26  HOH HOH A . 
B 2 HOH 27  27  27  HOH HOH A . 
B 2 HOH 28  28  28  HOH HOH A . 
B 2 HOH 29  29  29  HOH HOH A . 
B 2 HOH 30  30  30  HOH HOH A . 
B 2 HOH 31  31  31  HOH HOH A . 
B 2 HOH 32  32  32  HOH HOH A . 
B 2 HOH 33  33  33  HOH HOH A . 
B 2 HOH 34  34  34  HOH HOH A . 
B 2 HOH 35  35  35  HOH HOH A . 
B 2 HOH 36  36  36  HOH HOH A . 
B 2 HOH 37  37  37  HOH HOH A . 
B 2 HOH 38  38  38  HOH HOH A . 
B 2 HOH 39  39  39  HOH HOH A . 
B 2 HOH 40  40  40  HOH HOH A . 
B 2 HOH 41  41  41  HOH HOH A . 
B 2 HOH 42  42  42  HOH HOH A . 
B 2 HOH 43  43  43  HOH HOH A . 
B 2 HOH 44  44  44  HOH HOH A . 
B 2 HOH 45  45  45  HOH HOH A . 
B 2 HOH 46  46  46  HOH HOH A . 
B 2 HOH 47  47  47  HOH HOH A . 
B 2 HOH 48  48  48  HOH HOH A . 
B 2 HOH 49  49  49  HOH HOH A . 
B 2 HOH 50  50  50  HOH HOH A . 
B 2 HOH 51  51  51  HOH HOH A . 
B 2 HOH 52  52  52  HOH HOH A . 
B 2 HOH 53  53  53  HOH HOH A . 
B 2 HOH 54  54  54  HOH HOH A . 
B 2 HOH 55  55  55  HOH HOH A . 
B 2 HOH 56  56  56  HOH HOH A . 
B 2 HOH 57  57  57  HOH HOH A . 
B 2 HOH 58  58  58  HOH HOH A . 
B 2 HOH 59  59  59  HOH HOH A . 
B 2 HOH 60  60  60  HOH HOH A . 
B 2 HOH 61  61  61  HOH HOH A . 
B 2 HOH 62  62  62  HOH HOH A . 
B 2 HOH 63  63  63  HOH HOH A . 
B 2 HOH 64  64  64  HOH HOH A . 
B 2 HOH 65  65  65  HOH HOH A . 
B 2 HOH 66  66  66  HOH HOH A . 
B 2 HOH 67  67  67  HOH HOH A . 
B 2 HOH 68  68  68  HOH HOH A . 
B 2 HOH 69  69  69  HOH HOH A . 
B 2 HOH 70  70  70  HOH HOH A . 
B 2 HOH 71  71  71  HOH HOH A . 
B 2 HOH 72  72  72  HOH HOH A . 
B 2 HOH 73  73  73  HOH HOH A . 
B 2 HOH 74  74  74  HOH HOH A . 
B 2 HOH 75  75  75  HOH HOH A . 
B 2 HOH 76  76  76  HOH HOH A . 
B 2 HOH 77  77  77  HOH HOH A . 
B 2 HOH 78  78  78  HOH HOH A . 
B 2 HOH 79  79  79  HOH HOH A . 
B 2 HOH 80  80  80  HOH HOH A . 
B 2 HOH 81  81  81  HOH HOH A . 
B 2 HOH 82  82  82  HOH HOH A . 
B 2 HOH 83  83  83  HOH HOH A . 
B 2 HOH 84  84  84  HOH HOH A . 
B 2 HOH 85  85  85  HOH HOH A . 
B 2 HOH 86  86  86  HOH HOH A . 
B 2 HOH 87  87  87  HOH HOH A . 
B 2 HOH 88  88  88  HOH HOH A . 
B 2 HOH 89  89  89  HOH HOH A . 
B 2 HOH 90  90  90  HOH HOH A . 
B 2 HOH 91  91  91  HOH HOH A . 
B 2 HOH 92  92  92  HOH HOH A . 
B 2 HOH 93  93  93  HOH HOH A . 
B 2 HOH 94  94  94  HOH HOH A . 
B 2 HOH 95  95  95  HOH HOH A . 
B 2 HOH 96  96  96  HOH HOH A . 
B 2 HOH 97  97  97  HOH HOH A . 
B 2 HOH 98  98  98  HOH HOH A . 
B 2 HOH 99  99  99  HOH HOH A . 
B 2 HOH 100 100 100 HOH HOH A . 
B 2 HOH 101 101 101 HOH HOH A . 
B 2 HOH 102 102 102 HOH HOH A . 
B 2 HOH 103 103 103 HOH HOH A . 
B 2 HOH 104 104 104 HOH HOH A . 
B 2 HOH 105 105 105 HOH HOH A . 
B 2 HOH 106 106 106 HOH HOH A . 
B 2 HOH 107 107 107 HOH HOH A . 
B 2 HOH 108 108 108 HOH HOH A . 
B 2 HOH 109 109 109 HOH HOH A . 
B 2 HOH 110 110 110 HOH HOH A . 
# 
loop_
_software.pdbx_ordinal 
_software.name 
_software.version 
_software.date 
_software.type 
_software.contact_author 
_software.contact_author_email 
_software.classification 
_software.location 
_software.language 
_software.citation_id 
1  REFMAC      5.5.0109 ?               program 'Garib N. Murshudov' garib@ysbl.york.ac.uk    refinement        
http://www.ccp4.ac.uk/dist/html/refmac5.html Fortran_77 ? 
2  PDB_EXTRACT 3.10     'June 10, 2010' package PDB                  deposit@deposit.rcsb.org 'data extraction' 
http://sw-tools.pdb.org/apps/PDB_EXTRACT/    C++        ? 
3  SBC-Collect .        ?               ?       ?                    ?                        'data collection' ? ?          ? 
4  HKL-3000    .        ?               ?       ?                    ?                        'data reduction'  ? ?          ? 
5  HKL-3000    .        ?               ?       ?                    ?                        'data scaling'    ? ?          ? 
6  HKL-3000    .        ?               ?       ?                    ?                        phasing           ? ?          ? 
7  SHELXD      .        ?               ?       ?                    ?                        phasing           ? ?          ? 
8  SHELXE      .        ?               ?       ?                    ?                        'model building'  ? ?          ? 
9  MLPHARE     .        ?               ?       ?                    ?                        phasing           ? ?          ? 
10 DM          .        ?               ?       ?                    ?                        phasing           ? ?          ? 
11 RESOLVE     .        ?               ?       ?                    ?                        phasing           ? ?          ? 
12 Coot        .        ?               ?       ?                    ?                        'model building'  ? ?          ? 
13 ARP/wARP    .        ?               ?       ?                    ?                        'model building'  ? ?          ? 
# 
_cell.length_a           72.102 
_cell.length_b           72.102 
_cell.length_c           36.429 
_cell.angle_alpha        90.000 
_cell.angle_beta         90.000 
_cell.angle_gamma        90.000 
_cell.entry_id           3OIZ 
_cell.pdbx_unique_axis   ? 
_cell.Z_PDB              8 
_cell.length_a_esd       ? 
_cell.length_b_esd       ? 
_cell.length_c_esd       ? 
_cell.angle_alpha_esd    ? 
_cell.angle_beta_esd     ? 
_cell.angle_gamma_esd    ? 
# 
_symmetry.space_group_name_H-M             'P 43 21 2' 
_symmetry.entry_id                         3OIZ 
_symmetry.pdbx_full_space_group_name_H-M   ? 
_symmetry.Int_Tables_number                96 
_symmetry.cell_setting                     ? 
_symmetry.space_group_name_Hall            ? 
# 
_exptl.crystals_number   1 
_exptl.entry_id          3OIZ 
_exptl.method            'X-RAY DIFFRACTION' 
# 
_exptl_crystal.id                    1 
_exptl_crystal.density_Matthews      2.07 
_exptl_crystal.density_meas          ? 
_exptl_crystal.density_percent_sol   40.55 
_exptl_crystal.description           ? 
_exptl_crystal.F_000                 ? 
_exptl_crystal.preparation           ? 
# 
_exptl_crystal_grow.crystal_id      1 
_exptl_crystal_grow.method          'VAPOR DIFFUSION, SITTING DROP' 
_exptl_crystal_grow.pH              6.0 
_exptl_crystal_grow.temp            297 
_exptl_crystal_grow.temp_details    ? 
_exptl_crystal_grow.pdbx_details    
'0.2M Calcium acetate, 0.1M MES, 10% iso-propanol, pH 6.0, VAPOR DIFFUSION, SITTING DROP, temperature 297K' 
_exptl_crystal_grow.pdbx_pH_range   ? 
# 
_diffrn.id                     1 
_diffrn.ambient_temp           100 
_diffrn.ambient_temp_details   ? 
_diffrn.crystal_id             1 
# 
_diffrn_detector.diffrn_id              1 
_diffrn_detector.detector               CCD 
_diffrn_detector.type                   'ADSC QUANTUM 315r' 
_diffrn_detector.pdbx_collection_date   2010-06-07 
_diffrn_detector.details                ? 
# 
_diffrn_radiation.diffrn_id                        1 
_diffrn_radiation.wavelength_id                    1 
_diffrn_radiation.pdbx_diffrn_protocol             'SINGLE WAVELENGTH' 
_diffrn_radiation.monochromator                    'Si(111) double crystal' 
_diffrn_radiation.pdbx_monochromatic_or_laue_m_l   M 
_diffrn_radiation.pdbx_scattering_type             x-ray 
# 
_diffrn_radiation_wavelength.id           1 
_diffrn_radiation_wavelength.wavelength   0.97935 
_diffrn_radiation_wavelength.wt           1.0 
# 
_diffrn_source.diffrn_id                   1 
_diffrn_source.source                      SYNCHROTRON 
_diffrn_source.type                        'APS BEAMLINE 19-ID' 
_diffrn_source.pdbx_wavelength             ? 
_diffrn_source.pdbx_wavelength_list        0.97935 
_diffrn_source.pdbx_synchrotron_site       APS 
_diffrn_source.pdbx_synchrotron_beamline   19-ID 
# 
_reflns.entry_id                     3OIZ 
_reflns.observed_criterion_sigma_F   ? 
_reflns.observed_criterion_sigma_I   -3 
_reflns.d_resolution_high            1.65 
_reflns.d_resolution_low             50 
_reflns.number_all                   12087 
_reflns.number_obs                   12047 
_reflns.percent_possible_obs         99.7 
_reflns.pdbx_Rmerge_I_obs            0.097 
_reflns.pdbx_Rsym_value              ? 
_reflns.pdbx_netI_over_sigmaI        62.2 
_reflns.B_iso_Wilson_estimate        24.9 
_reflns.pdbx_redundancy              10.5 
_reflns.R_free_details               ? 
_reflns.limit_h_max                  ? 
_reflns.limit_h_min                  ? 
_reflns.limit_k_max                  ? 
_reflns.limit_k_min                  ? 
_reflns.limit_l_max                  ? 
_reflns.limit_l_min                  ? 
_reflns.observed_criterion_F_max     ? 
_reflns.observed_criterion_F_min     ? 
_reflns.pdbx_chi_squared             ? 
_reflns.pdbx_scaling_rejects         ? 
_reflns.pdbx_diffrn_id               1 
_reflns.pdbx_ordinal                 1 
# 
_reflns_shell.d_res_high             1.65 
_reflns_shell.d_res_low              1.68 
_reflns_shell.percent_possible_obs   ? 
_reflns_shell.percent_possible_all   99.7 
_reflns_shell.Rmerge_I_obs           0.507 
_reflns_shell.meanI_over_sigI_obs    2.9 
_reflns_shell.pdbx_Rsym_value        ? 
_reflns_shell.pdbx_redundancy        4.9 
_reflns_shell.number_unique_all      582 
_reflns_shell.number_measured_all    ? 
_reflns_shell.number_measured_obs    ? 
_reflns_shell.number_unique_obs      ? 
_reflns_shell.pdbx_chi_squared       ? 
_reflns_shell.pdbx_diffrn_id         ? 
_reflns_shell.pdbx_ordinal           1 
# 
_refine.entry_id                                 3OIZ 
_refine.ls_d_res_high                            1.6500 
_refine.ls_d_res_low                             50 
_refine.pdbx_ls_sigma_F                          0.000 
_refine.pdbx_data_cutoff_high_absF               ? 
_refine.pdbx_data_cutoff_low_absF                ? 
_refine.ls_percent_reflns_obs                    99.6400 
_refine.ls_number_reflns_obs                     12008 
_refine.ls_number_reflns_all                     12008 
_refine.pdbx_ls_cross_valid_method               THROUGHOUT 
_refine.pdbx_R_Free_selection_details            RANDOM 
_refine.details                                  'HYDROGENS HAVE BEEN ADDED IN THE RIDING POSITIONS U VALUES      : WITH TLS ADDED' 
_refine.ls_R_factor_all                          0.1623 
_refine.ls_R_factor_obs                          0.1623 
_refine.ls_R_factor_R_work                       0.1597 
_refine.ls_wR_factor_R_work                      ? 
_refine.ls_R_factor_R_free                       0.2156 
_refine.ls_wR_factor_R_free                      ? 
_refine.ls_percent_reflns_R_free                 4.8000 
_refine.ls_number_reflns_R_free                  573 
_refine.ls_R_factor_R_free_error                 ? 
_refine.B_iso_mean                               30.2107 
_refine.solvent_model_param_bsol                 ? 
_refine.solvent_model_param_ksol                 ? 
_refine.pdbx_isotropic_thermal_model             ? 
_refine.aniso_B[1][1]                            -1.3900 
_refine.aniso_B[2][2]                            -1.3900 
_refine.aniso_B[3][3]                            2.7800 
_refine.aniso_B[1][2]                            0.0000 
_refine.aniso_B[1][3]                            0.0000 
_refine.aniso_B[2][3]                            0.0000 
_refine.correlation_coeff_Fo_to_Fc               0.9690 
_refine.correlation_coeff_Fo_to_Fc_free          0.9540 
_refine.overall_SU_R_Cruickshank_DPI             ? 
_refine.overall_SU_R_free                        ? 
_refine.pdbx_overall_ESU_R_Free                  0.1010 
_refine.overall_SU_ML                            0.0650 
_refine.overall_SU_B                             4.1920 
_refine.solvent_model_details                    MASK 
_refine.pdbx_solvent_vdw_probe_radii             1.4000 
_refine.pdbx_solvent_ion_probe_radii             0.8000 
_refine.pdbx_solvent_shrinkage_radii             0.8000 
_refine.ls_number_parameters                     ? 
_refine.ls_number_restraints                     ? 
_refine.pdbx_starting_model                      ? 
_refine.pdbx_method_to_determine_struct          SAD 
_refine.pdbx_stereochemistry_target_values       'MAXIMUM LIKELIHOOD WITH PHASES' 
_refine.pdbx_stereochem_target_val_spec_case     ? 
_refine.overall_FOM_work_R_set                   ? 
_refine.B_iso_max                                80.330 
_refine.B_iso_min                                18.350 
_refine.occupancy_max                            1.000 
_refine.occupancy_min                            0.500 
_refine.pdbx_ls_sigma_I                          ? 
_refine.ls_redundancy_reflns_obs                 ? 
_refine.ls_R_factor_R_free_error_details         ? 
_refine.pdbx_data_cutoff_high_rms_absF           ? 
_refine.overall_FOM_free_R_set                   ? 
_refine.pdbx_overall_phase_error                 ? 
_refine.pdbx_refine_id                           'X-RAY DIFFRACTION' 
_refine.pdbx_overall_ESU_R                       ? 
_refine.pdbx_diffrn_id                           1 
_refine.pdbx_TLS_residual_ADP_flag               ? 
_refine.pdbx_overall_SU_R_free_Cruickshank_DPI   ? 
_refine.pdbx_overall_SU_R_Blow_DPI               ? 
_refine.pdbx_overall_SU_R_free_Blow_DPI          ? 
# 
_refine_hist.pdbx_refine_id                   'X-RAY DIFFRACTION' 
_refine_hist.cycle_id                         LAST 
_refine_hist.pdbx_number_atoms_protein        731 
_refine_hist.pdbx_number_atoms_nucleic_acid   0 
_refine_hist.pdbx_number_atoms_ligand         0 
_refine_hist.number_atoms_solvent             110 
_refine_hist.number_atoms_total               841 
_refine_hist.d_res_high                       1.6500 
_refine_hist.d_res_low                        50 
# 
loop_
_refine_ls_restr.type 
_refine_ls_restr.number 
_refine_ls_restr.dev_ideal 
_refine_ls_restr.dev_ideal_target 
_refine_ls_restr.weight 
_refine_ls_restr.pdbx_refine_id 
_refine_ls_restr.pdbx_restraint_function 
r_bond_refined_d       807  0.016  0.022  ? 'X-RAY DIFFRACTION' ? 
r_angle_refined_deg    1095 1.420  1.939  ? 'X-RAY DIFFRACTION' ? 
r_dihedral_angle_1_deg 104  5.576  5.000  ? 'X-RAY DIFFRACTION' ? 
r_dihedral_angle_2_deg 43   28.423 23.256 ? 'X-RAY DIFFRACTION' ? 
r_dihedral_angle_3_deg 142  10.848 15.000 ? 'X-RAY DIFFRACTION' ? 
r_dihedral_angle_4_deg 9    21.079 15.000 ? 'X-RAY DIFFRACTION' ? 
r_chiral_restr         119  0.109  0.200  ? 'X-RAY DIFFRACTION' ? 
r_gen_planes_refined   635  0.006  0.020  ? 'X-RAY DIFFRACTION' ? 
r_mcbond_it            495  1.623  1.500  ? 'X-RAY DIFFRACTION' ? 
r_mcangle_it           801  2.724  2.000  ? 'X-RAY DIFFRACTION' ? 
r_scbond_it            312  4.259  3.000  ? 'X-RAY DIFFRACTION' ? 
r_scangle_it           294  6.782  4.500  ? 'X-RAY DIFFRACTION' ? 
r_rigid_bond_restr     807  1.873  3.000  ? 'X-RAY DIFFRACTION' ? 
# 
_refine_ls_shell.d_res_high                       1.6480 
_refine_ls_shell.d_res_low                        1.6910 
_refine_ls_shell.pdbx_total_number_of_bins_used   20 
_refine_ls_shell.percent_reflns_obs               99.6400 
_refine_ls_shell.number_reflns_R_work             783 
_refine_ls_shell.R_factor_all                     ? 
_refine_ls_shell.R_factor_R_work                  0.2050 
_refine_ls_shell.R_factor_R_free                  0.2340 
_refine_ls_shell.percent_reflns_R_free            ? 
_refine_ls_shell.number_reflns_R_free             44 
_refine_ls_shell.R_factor_R_free_error            ? 
_refine_ls_shell.number_reflns_all                827 
_refine_ls_shell.number_reflns_obs                827 
_refine_ls_shell.redundancy_reflns_obs            ? 
_refine_ls_shell.pdbx_refine_id                   'X-RAY DIFFRACTION' 
# 
_struct.entry_id                  3OIZ 
_struct.title                     'Crystal structure of antisigma-factor antagonist, STAS domain from Rhodobacter sphaeroides' 
_struct.pdbx_model_details        ? 
_struct.pdbx_CASP_flag            ? 
_struct.pdbx_model_type_details   ? 
# 
_struct_keywords.entry_id        3OIZ 
_struct_keywords.pdbx_keywords   'MEMBRANE PROTEIN' 
_struct_keywords.text            
'PSI-2, Midwest Center for Structural Genomics, Protein Structure Initiative, MCSG, STAS domain, MEMBRANE PROTEIN' 
# 
loop_
_struct_asym.id 
_struct_asym.pdbx_blank_PDB_chainid_flag 
_struct_asym.pdbx_modified 
_struct_asym.entity_id 
_struct_asym.details 
A N N 1 ? 
B N N 2 ? 
# 
_struct_ref.id                         1 
_struct_ref.db_name                    UNP 
_struct_ref.db_code                    Q3IUY6_RHOS4 
_struct_ref.pdbx_db_accession          Q3IUY6 
_struct_ref.entity_id                  1 
_struct_ref.pdbx_seq_one_letter_code   
;LFGVTSELSKDGRERIYRVEGQLFYASVEDFMAAFDFREALDRVVIDVSRAHIWDISSVQALDMAVLKFRREGAEVRIVG
MNEASETMVDRLAIHD
;
_struct_ref.pdbx_align_begin           390 
_struct_ref.pdbx_db_isoform            ? 
# 
_struct_ref_seq.align_id                      1 
_struct_ref_seq.ref_id                        1 
_struct_ref_seq.pdbx_PDB_id_code              3OIZ 
_struct_ref_seq.pdbx_strand_id                A 
_struct_ref_seq.seq_align_beg                 4 
_struct_ref_seq.pdbx_seq_align_beg_ins_code   ? 
_struct_ref_seq.seq_align_end                 99 
_struct_ref_seq.pdbx_seq_align_end_ins_code   ? 
_struct_ref_seq.pdbx_db_accession             Q3IUY6 
_struct_ref_seq.db_align_beg                  390 
_struct_ref_seq.pdbx_db_align_beg_ins_code    ? 
_struct_ref_seq.db_align_end                  485 
_struct_ref_seq.pdbx_db_align_end_ins_code    ? 
_struct_ref_seq.pdbx_auth_seq_align_beg       390 
_struct_ref_seq.pdbx_auth_seq_align_end       485 
# 
loop_
_struct_ref_seq_dif.align_id 
_struct_ref_seq_dif.pdbx_pdb_id_code 
_struct_ref_seq_dif.mon_id 
_struct_ref_seq_dif.pdbx_pdb_strand_id 
_struct_ref_seq_dif.seq_num 
_struct_ref_seq_dif.pdbx_pdb_ins_code 
_struct_ref_seq_dif.pdbx_seq_db_name 
_struct_ref_seq_dif.pdbx_seq_db_accession_code 
_struct_ref_seq_dif.db_mon_id 
_struct_ref_seq_dif.pdbx_seq_db_seq_num 
_struct_ref_seq_dif.details 
_struct_ref_seq_dif.pdbx_auth_seq_num 
_struct_ref_seq_dif.pdbx_ordinal 
1 3OIZ SER A 1 ? UNP Q3IUY6 ? ? 'expression tag' 387 1 
1 3OIZ ASN A 2 ? UNP Q3IUY6 ? ? 'expression tag' 388 2 
1 3OIZ ALA A 3 ? UNP Q3IUY6 ? ? 'expression tag' 389 3 
# 
_pdbx_struct_assembly.id                   1 
_pdbx_struct_assembly.details              author_and_software_defined_assembly 
_pdbx_struct_assembly.method_details       PISA 
_pdbx_struct_assembly.oligomeric_details   monomeric 
_pdbx_struct_assembly.oligomeric_count     1 
# 
_pdbx_struct_assembly_gen.assembly_id       1 
_pdbx_struct_assembly_gen.oper_expression   1 
_pdbx_struct_assembly_gen.asym_id_list      A,B 
# 
_pdbx_struct_oper_list.id                   1 
_pdbx_struct_oper_list.type                 'identity operation' 
_pdbx_struct_oper_list.name                 1_555 
_pdbx_struct_oper_list.symmetry_operation   x,y,z 
_pdbx_struct_oper_list.matrix[1][1]         1.0000000000 
_pdbx_struct_oper_list.matrix[1][2]         0.0000000000 
_pdbx_struct_oper_list.matrix[1][3]         0.0000000000 
_pdbx_struct_oper_list.vector[1]            0.0000000000 
_pdbx_struct_oper_list.matrix[2][1]         0.0000000000 
_pdbx_struct_oper_list.matrix[2][2]         1.0000000000 
_pdbx_struct_oper_list.matrix[2][3]         0.0000000000 
_pdbx_struct_oper_list.vector[2]            0.0000000000 
_pdbx_struct_oper_list.matrix[3][1]         0.0000000000 
_pdbx_struct_oper_list.matrix[3][2]         0.0000000000 
_pdbx_struct_oper_list.matrix[3][3]         1.0000000000 
_pdbx_struct_oper_list.vector[3]            0.0000000000 
# 
_struct_biol.id        1 
_struct_biol.details   ? 
# 
loop_
_struct_conf.conf_type_id 
_struct_conf.id 
_struct_conf.pdbx_PDB_helix_id 
_struct_conf.beg_label_comp_id 
_struct_conf.beg_label_asym_id 
_struct_conf.beg_label_seq_id 
_struct_conf.pdbx_beg_PDB_ins_code 
_struct_conf.end_label_comp_id 
_struct_conf.end_label_asym_id 
_struct_conf.end_label_seq_id 
_struct_conf.pdbx_end_PDB_ins_code 
_struct_conf.beg_auth_comp_id 
_struct_conf.beg_auth_asym_id 
_struct_conf.beg_auth_seq_id 
_struct_conf.end_auth_comp_id 
_struct_conf.end_auth_asym_id 
_struct_conf.end_auth_seq_id 
_struct_conf.pdbx_PDB_helix_class 
_struct_conf.details 
_struct_conf.pdbx_PDB_helix_length 
HELX_P HELX_P1 1 PHE A 27 ? ALA A 29 ? PHE A 413 ALA A 415 5 ? 3  
HELX_P HELX_P2 2 SER A 30 ? ALA A 37 ? SER A 416 ALA A 423 1 ? 8  
HELX_P HELX_P3 3 ASP A 58 ? GLU A 75 ? ASP A 444 GLU A 461 1 ? 18 
HELX_P HELX_P4 4 GLY A 83 ? GLU A 89 ? GLY A 469 GLU A 475 1 ? 7  
# 
_struct_conf_type.id          HELX_P 
_struct_conf_type.criteria    ? 
_struct_conf_type.reference   ? 
# 
loop_
_struct_conn.id 
_struct_conn.conn_type_id 
_struct_conn.pdbx_leaving_atom_flag 
_struct_conn.pdbx_PDB_id 
_struct_conn.ptnr1_label_asym_id 
_struct_conn.ptnr1_label_comp_id 
_struct_conn.ptnr1_label_seq_id 
_struct_conn.ptnr1_label_atom_id 
_struct_conn.pdbx_ptnr1_label_alt_id 
_struct_conn.pdbx_ptnr1_PDB_ins_code 
_struct_conn.pdbx_ptnr1_standard_comp_id 
_struct_conn.ptnr1_symmetry 
_struct_conn.ptnr2_label_asym_id 
_struct_conn.ptnr2_label_comp_id 
_struct_conn.ptnr2_label_seq_id 
_struct_conn.ptnr2_label_atom_id 
_struct_conn.pdbx_ptnr2_label_alt_id 
_struct_conn.pdbx_ptnr2_PDB_ins_code 
_struct_conn.ptnr1_auth_asym_id 
_struct_conn.ptnr1_auth_comp_id 
_struct_conn.ptnr1_auth_seq_id 
_struct_conn.ptnr2_auth_asym_id 
_struct_conn.ptnr2_auth_comp_id 
_struct_conn.ptnr2_auth_seq_id 
_struct_conn.ptnr2_symmetry 
_struct_conn.pdbx_ptnr3_label_atom_id 
_struct_conn.pdbx_ptnr3_label_seq_id 
_struct_conn.pdbx_ptnr3_label_comp_id 
_struct_conn.pdbx_ptnr3_label_asym_id 
_struct_conn.pdbx_ptnr3_label_alt_id 
_struct_conn.pdbx_ptnr3_PDB_ins_code 
_struct_conn.details 
_struct_conn.pdbx_dist_value 
_struct_conn.pdbx_value_order 
_struct_conn.pdbx_role 
covale1 covale both ? A PHE 34 C ? ? ? 1_555 A MSE 35 N ? ? A PHE 420 A MSE 421 1_555 ? ? ? ? ? ? ? 1.330 ? ? 
covale2 covale both ? A MSE 35 C ? ? ? 1_555 A ALA 36 N ? ? A MSE 421 A ALA 422 1_555 ? ? ? ? ? ? ? 1.335 ? ? 
covale3 covale both ? A ASP 66 C ? ? ? 1_555 A MSE 67 N ? ? A ASP 452 A MSE 453 1_555 ? ? ? ? ? ? ? 1.333 ? ? 
covale4 covale both ? A MSE 67 C ? ? ? 1_555 A ALA 68 N ? ? A MSE 453 A ALA 454 1_555 ? ? ? ? ? ? ? 1.346 ? ? 
covale5 covale both ? A GLY 83 C ? ? ? 1_555 A MSE 84 N ? ? A GLY 469 A MSE 470 1_555 ? ? ? ? ? ? ? 1.345 ? ? 
covale6 covale both ? A MSE 84 C ? ? ? 1_555 A ASN 85 N ? ? A MSE 470 A ASN 471 1_555 ? ? ? ? ? ? ? 1.332 ? ? 
covale7 covale both ? A THR 90 C ? ? ? 1_555 A MSE 91 N ? ? A THR 476 A MSE 477 1_555 ? ? ? ? ? ? ? 1.328 ? ? 
covale8 covale both ? A MSE 91 C ? ? ? 1_555 A VAL 92 N ? ? A MSE 477 A VAL 478 1_555 ? ? ? ? ? ? ? 1.333 ? ? 
# 
_struct_conn_type.id          covale 
_struct_conn_type.criteria    ? 
_struct_conn_type.reference   ? 
# 
loop_
_pdbx_modification_feature.ordinal 
_pdbx_modification_feature.label_comp_id 
_pdbx_modification_feature.label_asym_id 
_pdbx_modification_feature.label_seq_id 
_pdbx_modification_feature.label_alt_id 
_pdbx_modification_feature.modified_residue_label_comp_id 
_pdbx_modification_feature.modified_residue_label_asym_id 
_pdbx_modification_feature.modified_residue_label_seq_id 
_pdbx_modification_feature.modified_residue_label_alt_id 
_pdbx_modification_feature.auth_comp_id 
_pdbx_modification_feature.auth_asym_id 
_pdbx_modification_feature.auth_seq_id 
_pdbx_modification_feature.PDB_ins_code 
_pdbx_modification_feature.symmetry 
_pdbx_modification_feature.modified_residue_auth_comp_id 
_pdbx_modification_feature.modified_residue_auth_asym_id 
_pdbx_modification_feature.modified_residue_auth_seq_id 
_pdbx_modification_feature.modified_residue_PDB_ins_code 
_pdbx_modification_feature.modified_residue_symmetry 
_pdbx_modification_feature.comp_id_linking_atom 
_pdbx_modification_feature.modified_residue_id_linking_atom 
_pdbx_modification_feature.modified_residue_id 
_pdbx_modification_feature.ref_pcm_id 
_pdbx_modification_feature.ref_comp_id 
_pdbx_modification_feature.type 
_pdbx_modification_feature.category 
1 MSE A 35 ? . . . . MSE A 421 ? 1_555 . . . . . . . MET 1 MSE Selenomethionine 'Named protein modification' 
2 MSE A 67 ? . . . . MSE A 453 ? 1_555 . . . . . . . MET 1 MSE Selenomethionine 'Named protein modification' 
3 MSE A 84 ? . . . . MSE A 470 ? 1_555 . . . . . . . MET 1 MSE Selenomethionine 'Named protein modification' 
4 MSE A 91 ? . . . . MSE A 477 ? 1_555 . . . . . . . MET 1 MSE Selenomethionine 'Named protein modification' 
# 
_struct_sheet.id               A 
_struct_sheet.type             ? 
_struct_sheet.number_strands   4 
_struct_sheet.details          ? 
# 
loop_
_struct_sheet_order.sheet_id 
_struct_sheet_order.range_id_1 
_struct_sheet_order.range_id_2 
_struct_sheet_order.offset 
_struct_sheet_order.sense 
A 1 2 ? anti-parallel 
A 2 3 ? parallel      
A 3 4 ? parallel      
# 
loop_
_struct_sheet_range.sheet_id 
_struct_sheet_range.id 
_struct_sheet_range.beg_label_comp_id 
_struct_sheet_range.beg_label_asym_id 
_struct_sheet_range.beg_label_seq_id 
_struct_sheet_range.pdbx_beg_PDB_ins_code 
_struct_sheet_range.end_label_comp_id 
_struct_sheet_range.end_label_asym_id 
_struct_sheet_range.end_label_seq_id 
_struct_sheet_range.pdbx_end_PDB_ins_code 
_struct_sheet_range.beg_auth_comp_id 
_struct_sheet_range.beg_auth_asym_id 
_struct_sheet_range.beg_auth_seq_id 
_struct_sheet_range.end_auth_comp_id 
_struct_sheet_range.end_auth_asym_id 
_struct_sheet_range.end_auth_seq_id 
A 1 PHE A 5  ? LEU A 11 ? PHE A 391 LEU A 397 
A 2 GLU A 17 ? LEU A 26 ? GLU A 403 LEU A 412 
A 3 ARG A 46 ? ILE A 56 ? ARG A 432 ILE A 442 
A 4 GLU A 78 ? VAL A 82 ? GLU A 464 VAL A 468 
# 
loop_
_pdbx_struct_sheet_hbond.sheet_id 
_pdbx_struct_sheet_hbond.range_id_1 
_pdbx_struct_sheet_hbond.range_id_2 
_pdbx_struct_sheet_hbond.range_1_label_atom_id 
_pdbx_struct_sheet_hbond.range_1_label_comp_id 
_pdbx_struct_sheet_hbond.range_1_label_asym_id 
_pdbx_struct_sheet_hbond.range_1_label_seq_id 
_pdbx_struct_sheet_hbond.range_1_PDB_ins_code 
_pdbx_struct_sheet_hbond.range_1_auth_atom_id 
_pdbx_struct_sheet_hbond.range_1_auth_comp_id 
_pdbx_struct_sheet_hbond.range_1_auth_asym_id 
_pdbx_struct_sheet_hbond.range_1_auth_seq_id 
_pdbx_struct_sheet_hbond.range_2_label_atom_id 
_pdbx_struct_sheet_hbond.range_2_label_comp_id 
_pdbx_struct_sheet_hbond.range_2_label_asym_id 
_pdbx_struct_sheet_hbond.range_2_label_seq_id 
_pdbx_struct_sheet_hbond.range_2_PDB_ins_code 
_pdbx_struct_sheet_hbond.range_2_auth_atom_id 
_pdbx_struct_sheet_hbond.range_2_auth_comp_id 
_pdbx_struct_sheet_hbond.range_2_auth_asym_id 
_pdbx_struct_sheet_hbond.range_2_auth_seq_id 
A 1 2 N THR A 8  ? N THR A 394 O ARG A 21 ? O ARG A 407 
A 2 3 N TYR A 20 ? N TYR A 406 O ASP A 50 ? O ASP A 436 
A 3 4 N VAL A 51 ? N VAL A 437 O VAL A 82 ? O VAL A 468 
# 
_pdbx_entry_details.entry_id                   3OIZ 
_pdbx_entry_details.compound_details           ? 
_pdbx_entry_details.source_details             ? 
_pdbx_entry_details.nonpolymer_details         ? 
_pdbx_entry_details.sequence_details           ? 
_pdbx_entry_details.has_ligand_of_interest     ? 
_pdbx_entry_details.has_protein_modification   Y 
# 
loop_
_pdbx_validate_close_contact.id 
_pdbx_validate_close_contact.PDB_model_num 
_pdbx_validate_close_contact.auth_atom_id_1 
_pdbx_validate_close_contact.auth_asym_id_1 
_pdbx_validate_close_contact.auth_comp_id_1 
_pdbx_validate_close_contact.auth_seq_id_1 
_pdbx_validate_close_contact.PDB_ins_code_1 
_pdbx_validate_close_contact.label_alt_id_1 
_pdbx_validate_close_contact.auth_atom_id_2 
_pdbx_validate_close_contact.auth_asym_id_2 
_pdbx_validate_close_contact.auth_comp_id_2 
_pdbx_validate_close_contact.auth_seq_id_2 
_pdbx_validate_close_contact.PDB_ins_code_2 
_pdbx_validate_close_contact.label_alt_id_2 
_pdbx_validate_close_contact.dist 
1 1 OG  A SER 416 ? A O A HOH 90 ? ? 1.87 
2 1 OE1 A GLU 461 ? ? O A HOH 39 ? ? 2.01 
# 
_pdbx_validate_symm_contact.id                1 
_pdbx_validate_symm_contact.PDB_model_num     1 
_pdbx_validate_symm_contact.auth_atom_id_1    O 
_pdbx_validate_symm_contact.auth_asym_id_1    A 
_pdbx_validate_symm_contact.auth_comp_id_1    GLU 
_pdbx_validate_symm_contact.auth_seq_id_1     461 
_pdbx_validate_symm_contact.PDB_ins_code_1    ? 
_pdbx_validate_symm_contact.label_alt_id_1    ? 
_pdbx_validate_symm_contact.site_symmetry_1   1_555 
_pdbx_validate_symm_contact.auth_atom_id_2    O 
_pdbx_validate_symm_contact.auth_asym_id_2    A 
_pdbx_validate_symm_contact.auth_comp_id_2    HOH 
_pdbx_validate_symm_contact.auth_seq_id_2     39 
_pdbx_validate_symm_contact.PDB_ins_code_2    ? 
_pdbx_validate_symm_contact.label_alt_id_2    ? 
_pdbx_validate_symm_contact.site_symmetry_2   8_666 
_pdbx_validate_symm_contact.dist              2.18 
# 
_pdbx_SG_project.id                    1 
_pdbx_SG_project.project_name          'PSI, Protein Structure Initiative' 
_pdbx_SG_project.full_name_of_center   'Midwest Center for Structural Genomics' 
_pdbx_SG_project.initial_of_center     MCSG 
# 
loop_
_pdbx_struct_mod_residue.id 
_pdbx_struct_mod_residue.label_asym_id 
_pdbx_struct_mod_residue.label_comp_id 
_pdbx_struct_mod_residue.label_seq_id 
_pdbx_struct_mod_residue.auth_asym_id 
_pdbx_struct_mod_residue.auth_comp_id 
_pdbx_struct_mod_residue.auth_seq_id 
_pdbx_struct_mod_residue.PDB_ins_code 
_pdbx_struct_mod_residue.parent_comp_id 
_pdbx_struct_mod_residue.details 
1 A MSE 35 A MSE 421 ? MET SELENOMETHIONINE 
2 A MSE 67 A MSE 453 ? MET SELENOMETHIONINE 
3 A MSE 84 A MSE 470 ? MET SELENOMETHIONINE 
4 A MSE 91 A MSE 477 ? MET SELENOMETHIONINE 
# 
_pdbx_refine_tls.pdbx_refine_id   'X-RAY DIFFRACTION' 
_pdbx_refine_tls.id               1 
_pdbx_refine_tls.details          ? 
_pdbx_refine_tls.method           refined 
_pdbx_refine_tls.origin_x         -0.4753 
_pdbx_refine_tls.origin_y         -0.1247 
_pdbx_refine_tls.origin_z         -0.7264 
_pdbx_refine_tls.T[1][1]          0.0233 
_pdbx_refine_tls.T[2][2]          0.0181 
_pdbx_refine_tls.T[3][3]          0.0216 
_pdbx_refine_tls.T[1][2]          -0.0038 
_pdbx_refine_tls.T[1][3]          -0.0017 
_pdbx_refine_tls.T[2][3]          -0.0044 
_pdbx_refine_tls.L[1][1]          0.1887 
_pdbx_refine_tls.L[2][2]          0.1759 
_pdbx_refine_tls.L[3][3]          0.2429 
_pdbx_refine_tls.L[1][2]          0.0726 
_pdbx_refine_tls.L[1][3]          0.0765 
_pdbx_refine_tls.L[2][3]          0.0182 
_pdbx_refine_tls.S[1][1]          -0.0085 
_pdbx_refine_tls.S[2][2]          0.0051 
_pdbx_refine_tls.S[3][3]          0.0035 
_pdbx_refine_tls.S[1][2]          0.0023 
_pdbx_refine_tls.S[1][3]          0.0105 
_pdbx_refine_tls.S[2][3]          0.0127 
_pdbx_refine_tls.S[2][1]          -0.0021 
_pdbx_refine_tls.S[3][1]          -0.0054 
_pdbx_refine_tls.S[3][2]          -0.0059 
# 
_pdbx_refine_tls_group.pdbx_refine_id      'X-RAY DIFFRACTION' 
_pdbx_refine_tls_group.id                  1 
_pdbx_refine_tls_group.refine_tls_id       1 
_pdbx_refine_tls_group.beg_auth_asym_id    A 
_pdbx_refine_tls_group.beg_auth_seq_id     387 
_pdbx_refine_tls_group.end_auth_asym_id    A 
_pdbx_refine_tls_group.end_auth_seq_id     478 
_pdbx_refine_tls_group.selection_details   ? 
_pdbx_refine_tls_group.beg_label_asym_id   . 
_pdbx_refine_tls_group.beg_label_seq_id    . 
_pdbx_refine_tls_group.end_label_asym_id   . 
_pdbx_refine_tls_group.end_label_seq_id    . 
_pdbx_refine_tls_group.selection           ? 
# 
loop_
_pdbx_unobs_or_zero_occ_residues.id 
_pdbx_unobs_or_zero_occ_residues.PDB_model_num 
_pdbx_unobs_or_zero_occ_residues.polymer_flag 
_pdbx_unobs_or_zero_occ_residues.occupancy_flag 
_pdbx_unobs_or_zero_occ_residues.auth_asym_id 
_pdbx_unobs_or_zero_occ_residues.auth_comp_id 
_pdbx_unobs_or_zero_occ_residues.auth_seq_id 
_pdbx_unobs_or_zero_occ_residues.PDB_ins_code 
_pdbx_unobs_or_zero_occ_residues.label_asym_id 
_pdbx_unobs_or_zero_occ_residues.label_comp_id 
_pdbx_unobs_or_zero_occ_residues.label_seq_id 
1 1 Y 1 A ASP 479 ? A ASP 93 
2 1 Y 1 A ARG 480 ? A ARG 94 
3 1 Y 1 A LEU 481 ? A LEU 95 
4 1 Y 1 A ALA 482 ? A ALA 96 
5 1 Y 1 A ILE 483 ? A ILE 97 
6 1 Y 1 A HIS 484 ? A HIS 98 
7 1 Y 1 A ASP 485 ? A ASP 99 
# 
loop_
_chem_comp_atom.comp_id 
_chem_comp_atom.atom_id 
_chem_comp_atom.type_symbol 
_chem_comp_atom.pdbx_aromatic_flag 
_chem_comp_atom.pdbx_stereo_config 
_chem_comp_atom.pdbx_ordinal 
ALA N    N  N N 1   
ALA CA   C  N S 2   
ALA C    C  N N 3   
ALA O    O  N N 4   
ALA CB   C  N N 5   
ALA OXT  O  N N 6   
ALA H    H  N N 7   
ALA H2   H  N N 8   
ALA HA   H  N N 9   
ALA HB1  H  N N 10  
ALA HB2  H  N N 11  
ALA HB3  H  N N 12  
ALA HXT  H  N N 13  
ARG N    N  N N 14  
ARG CA   C  N S 15  
ARG C    C  N N 16  
ARG O    O  N N 17  
ARG CB   C  N N 18  
ARG CG   C  N N 19  
ARG CD   C  N N 20  
ARG NE   N  N N 21  
ARG CZ   C  N N 22  
ARG NH1  N  N N 23  
ARG NH2  N  N N 24  
ARG OXT  O  N N 25  
ARG H    H  N N 26  
ARG H2   H  N N 27  
ARG HA   H  N N 28  
ARG HB2  H  N N 29  
ARG HB3  H  N N 30  
ARG HG2  H  N N 31  
ARG HG3  H  N N 32  
ARG HD2  H  N N 33  
ARG HD3  H  N N 34  
ARG HE   H  N N 35  
ARG HH11 H  N N 36  
ARG HH12 H  N N 37  
ARG HH21 H  N N 38  
ARG HH22 H  N N 39  
ARG HXT  H  N N 40  
ASN N    N  N N 41  
ASN CA   C  N S 42  
ASN C    C  N N 43  
ASN O    O  N N 44  
ASN CB   C  N N 45  
ASN CG   C  N N 46  
ASN OD1  O  N N 47  
ASN ND2  N  N N 48  
ASN OXT  O  N N 49  
ASN H    H  N N 50  
ASN H2   H  N N 51  
ASN HA   H  N N 52  
ASN HB2  H  N N 53  
ASN HB3  H  N N 54  
ASN HD21 H  N N 55  
ASN HD22 H  N N 56  
ASN HXT  H  N N 57  
ASP N    N  N N 58  
ASP CA   C  N S 59  
ASP C    C  N N 60  
ASP O    O  N N 61  
ASP CB   C  N N 62  
ASP CG   C  N N 63  
ASP OD1  O  N N 64  
ASP OD2  O  N N 65  
ASP OXT  O  N N 66  
ASP H    H  N N 67  
ASP H2   H  N N 68  
ASP HA   H  N N 69  
ASP HB2  H  N N 70  
ASP HB3  H  N N 71  
ASP HD2  H  N N 72  
ASP HXT  H  N N 73  
GLN N    N  N N 74  
GLN CA   C  N S 75  
GLN C    C  N N 76  
GLN O    O  N N 77  
GLN CB   C  N N 78  
GLN CG   C  N N 79  
GLN CD   C  N N 80  
GLN OE1  O  N N 81  
GLN NE2  N  N N 82  
GLN OXT  O  N N 83  
GLN H    H  N N 84  
GLN H2   H  N N 85  
GLN HA   H  N N 86  
GLN HB2  H  N N 87  
GLN HB3  H  N N 88  
GLN HG2  H  N N 89  
GLN HG3  H  N N 90  
GLN HE21 H  N N 91  
GLN HE22 H  N N 92  
GLN HXT  H  N N 93  
GLU N    N  N N 94  
GLU CA   C  N S 95  
GLU C    C  N N 96  
GLU O    O  N N 97  
GLU CB   C  N N 98  
GLU CG   C  N N 99  
GLU CD   C  N N 100 
GLU OE1  O  N N 101 
GLU OE2  O  N N 102 
GLU OXT  O  N N 103 
GLU H    H  N N 104 
GLU H2   H  N N 105 
GLU HA   H  N N 106 
GLU HB2  H  N N 107 
GLU HB3  H  N N 108 
GLU HG2  H  N N 109 
GLU HG3  H  N N 110 
GLU HE2  H  N N 111 
GLU HXT  H  N N 112 
GLY N    N  N N 113 
GLY CA   C  N N 114 
GLY C    C  N N 115 
GLY O    O  N N 116 
GLY OXT  O  N N 117 
GLY H    H  N N 118 
GLY H2   H  N N 119 
GLY HA2  H  N N 120 
GLY HA3  H  N N 121 
GLY HXT  H  N N 122 
HIS N    N  N N 123 
HIS CA   C  N S 124 
HIS C    C  N N 125 
HIS O    O  N N 126 
HIS CB   C  N N 127 
HIS CG   C  Y N 128 
HIS ND1  N  Y N 129 
HIS CD2  C  Y N 130 
HIS CE1  C  Y N 131 
HIS NE2  N  Y N 132 
HIS OXT  O  N N 133 
HIS H    H  N N 134 
HIS H2   H  N N 135 
HIS HA   H  N N 136 
HIS HB2  H  N N 137 
HIS HB3  H  N N 138 
HIS HD1  H  N N 139 
HIS HD2  H  N N 140 
HIS HE1  H  N N 141 
HIS HE2  H  N N 142 
HIS HXT  H  N N 143 
HOH O    O  N N 144 
HOH H1   H  N N 145 
HOH H2   H  N N 146 
ILE N    N  N N 147 
ILE CA   C  N S 148 
ILE C    C  N N 149 
ILE O    O  N N 150 
ILE CB   C  N S 151 
ILE CG1  C  N N 152 
ILE CG2  C  N N 153 
ILE CD1  C  N N 154 
ILE OXT  O  N N 155 
ILE H    H  N N 156 
ILE H2   H  N N 157 
ILE HA   H  N N 158 
ILE HB   H  N N 159 
ILE HG12 H  N N 160 
ILE HG13 H  N N 161 
ILE HG21 H  N N 162 
ILE HG22 H  N N 163 
ILE HG23 H  N N 164 
ILE HD11 H  N N 165 
ILE HD12 H  N N 166 
ILE HD13 H  N N 167 
ILE HXT  H  N N 168 
LEU N    N  N N 169 
LEU CA   C  N S 170 
LEU C    C  N N 171 
LEU O    O  N N 172 
LEU CB   C  N N 173 
LEU CG   C  N N 174 
LEU CD1  C  N N 175 
LEU CD2  C  N N 176 
LEU OXT  O  N N 177 
LEU H    H  N N 178 
LEU H2   H  N N 179 
LEU HA   H  N N 180 
LEU HB2  H  N N 181 
LEU HB3  H  N N 182 
LEU HG   H  N N 183 
LEU HD11 H  N N 184 
LEU HD12 H  N N 185 
LEU HD13 H  N N 186 
LEU HD21 H  N N 187 
LEU HD22 H  N N 188 
LEU HD23 H  N N 189 
LEU HXT  H  N N 190 
LYS N    N  N N 191 
LYS CA   C  N S 192 
LYS C    C  N N 193 
LYS O    O  N N 194 
LYS CB   C  N N 195 
LYS CG   C  N N 196 
LYS CD   C  N N 197 
LYS CE   C  N N 198 
LYS NZ   N  N N 199 
LYS OXT  O  N N 200 
LYS H    H  N N 201 
LYS H2   H  N N 202 
LYS HA   H  N N 203 
LYS HB2  H  N N 204 
LYS HB3  H  N N 205 
LYS HG2  H  N N 206 
LYS HG3  H  N N 207 
LYS HD2  H  N N 208 
LYS HD3  H  N N 209 
LYS HE2  H  N N 210 
LYS HE3  H  N N 211 
LYS HZ1  H  N N 212 
LYS HZ2  H  N N 213 
LYS HZ3  H  N N 214 
LYS HXT  H  N N 215 
MSE N    N  N N 216 
MSE CA   C  N S 217 
MSE C    C  N N 218 
MSE O    O  N N 219 
MSE OXT  O  N N 220 
MSE CB   C  N N 221 
MSE CG   C  N N 222 
MSE SE   SE N N 223 
MSE CE   C  N N 224 
MSE H    H  N N 225 
MSE H2   H  N N 226 
MSE HA   H  N N 227 
MSE HXT  H  N N 228 
MSE HB2  H  N N 229 
MSE HB3  H  N N 230 
MSE HG2  H  N N 231 
MSE HG3  H  N N 232 
MSE HE1  H  N N 233 
MSE HE2  H  N N 234 
MSE HE3  H  N N 235 
PHE N    N  N N 236 
PHE CA   C  N S 237 
PHE C    C  N N 238 
PHE O    O  N N 239 
PHE CB   C  N N 240 
PHE CG   C  Y N 241 
PHE CD1  C  Y N 242 
PHE CD2  C  Y N 243 
PHE CE1  C  Y N 244 
PHE CE2  C  Y N 245 
PHE CZ   C  Y N 246 
PHE OXT  O  N N 247 
PHE H    H  N N 248 
PHE H2   H  N N 249 
PHE HA   H  N N 250 
PHE HB2  H  N N 251 
PHE HB3  H  N N 252 
PHE HD1  H  N N 253 
PHE HD2  H  N N 254 
PHE HE1  H  N N 255 
PHE HE2  H  N N 256 
PHE HZ   H  N N 257 
PHE HXT  H  N N 258 
SER N    N  N N 259 
SER CA   C  N S 260 
SER C    C  N N 261 
SER O    O  N N 262 
SER CB   C  N N 263 
SER OG   O  N N 264 
SER OXT  O  N N 265 
SER H    H  N N 266 
SER H2   H  N N 267 
SER HA   H  N N 268 
SER HB2  H  N N 269 
SER HB3  H  N N 270 
SER HG   H  N N 271 
SER HXT  H  N N 272 
THR N    N  N N 273 
THR CA   C  N S 274 
THR C    C  N N 275 
THR O    O  N N 276 
THR CB   C  N R 277 
THR OG1  O  N N 278 
THR CG2  C  N N 279 
THR OXT  O  N N 280 
THR H    H  N N 281 
THR H2   H  N N 282 
THR HA   H  N N 283 
THR HB   H  N N 284 
THR HG1  H  N N 285 
THR HG21 H  N N 286 
THR HG22 H  N N 287 
THR HG23 H  N N 288 
THR HXT  H  N N 289 
TRP N    N  N N 290 
TRP CA   C  N S 291 
TRP C    C  N N 292 
TRP O    O  N N 293 
TRP CB   C  N N 294 
TRP CG   C  Y N 295 
TRP CD1  C  Y N 296 
TRP CD2  C  Y N 297 
TRP NE1  N  Y N 298 
TRP CE2  C  Y N 299 
TRP CE3  C  Y N 300 
TRP CZ2  C  Y N 301 
TRP CZ3  C  Y N 302 
TRP CH2  C  Y N 303 
TRP OXT  O  N N 304 
TRP H    H  N N 305 
TRP H2   H  N N 306 
TRP HA   H  N N 307 
TRP HB2  H  N N 308 
TRP HB3  H  N N 309 
TRP HD1  H  N N 310 
TRP HE1  H  N N 311 
TRP HE3  H  N N 312 
TRP HZ2  H  N N 313 
TRP HZ3  H  N N 314 
TRP HH2  H  N N 315 
TRP HXT  H  N N 316 
TYR N    N  N N 317 
TYR CA   C  N S 318 
TYR C    C  N N 319 
TYR O    O  N N 320 
TYR CB   C  N N 321 
TYR CG   C  Y N 322 
TYR CD1  C  Y N 323 
TYR CD2  C  Y N 324 
TYR CE1  C  Y N 325 
TYR CE2  C  Y N 326 
TYR CZ   C  Y N 327 
TYR OH   O  N N 328 
TYR OXT  O  N N 329 
TYR H    H  N N 330 
TYR H2   H  N N 331 
TYR HA   H  N N 332 
TYR HB2  H  N N 333 
TYR HB3  H  N N 334 
TYR HD1  H  N N 335 
TYR HD2  H  N N 336 
TYR HE1  H  N N 337 
TYR HE2  H  N N 338 
TYR HH   H  N N 339 
TYR HXT  H  N N 340 
VAL N    N  N N 341 
VAL CA   C  N S 342 
VAL C    C  N N 343 
VAL O    O  N N 344 
VAL CB   C  N N 345 
VAL CG1  C  N N 346 
VAL CG2  C  N N 347 
VAL OXT  O  N N 348 
VAL H    H  N N 349 
VAL H2   H  N N 350 
VAL HA   H  N N 351 
VAL HB   H  N N 352 
VAL HG11 H  N N 353 
VAL HG12 H  N N 354 
VAL HG13 H  N N 355 
VAL HG21 H  N N 356 
VAL HG22 H  N N 357 
VAL HG23 H  N N 358 
VAL HXT  H  N N 359 
# 
loop_
_chem_comp_bond.comp_id 
_chem_comp_bond.atom_id_1 
_chem_comp_bond.atom_id_2 
_chem_comp_bond.value_order 
_chem_comp_bond.pdbx_aromatic_flag 
_chem_comp_bond.pdbx_stereo_config 
_chem_comp_bond.pdbx_ordinal 
ALA N   CA   sing N N 1   
ALA N   H    sing N N 2   
ALA N   H2   sing N N 3   
ALA CA  C    sing N N 4   
ALA CA  CB   sing N N 5   
ALA CA  HA   sing N N 6   
ALA C   O    doub N N 7   
ALA C   OXT  sing N N 8   
ALA CB  HB1  sing N N 9   
ALA CB  HB2  sing N N 10  
ALA CB  HB3  sing N N 11  
ALA OXT HXT  sing N N 12  
ARG N   CA   sing N N 13  
ARG N   H    sing N N 14  
ARG N   H2   sing N N 15  
ARG CA  C    sing N N 16  
ARG CA  CB   sing N N 17  
ARG CA  HA   sing N N 18  
ARG C   O    doub N N 19  
ARG C   OXT  sing N N 20  
ARG CB  CG   sing N N 21  
ARG CB  HB2  sing N N 22  
ARG CB  HB3  sing N N 23  
ARG CG  CD   sing N N 24  
ARG CG  HG2  sing N N 25  
ARG CG  HG3  sing N N 26  
ARG CD  NE   sing N N 27  
ARG CD  HD2  sing N N 28  
ARG CD  HD3  sing N N 29  
ARG NE  CZ   sing N N 30  
ARG NE  HE   sing N N 31  
ARG CZ  NH1  sing N N 32  
ARG CZ  NH2  doub N N 33  
ARG NH1 HH11 sing N N 34  
ARG NH1 HH12 sing N N 35  
ARG NH2 HH21 sing N N 36  
ARG NH2 HH22 sing N N 37  
ARG OXT HXT  sing N N 38  
ASN N   CA   sing N N 39  
ASN N   H    sing N N 40  
ASN N   H2   sing N N 41  
ASN CA  C    sing N N 42  
ASN CA  CB   sing N N 43  
ASN CA  HA   sing N N 44  
ASN C   O    doub N N 45  
ASN C   OXT  sing N N 46  
ASN CB  CG   sing N N 47  
ASN CB  HB2  sing N N 48  
ASN CB  HB3  sing N N 49  
ASN CG  OD1  doub N N 50  
ASN CG  ND2  sing N N 51  
ASN ND2 HD21 sing N N 52  
ASN ND2 HD22 sing N N 53  
ASN OXT HXT  sing N N 54  
ASP N   CA   sing N N 55  
ASP N   H    sing N N 56  
ASP N   H2   sing N N 57  
ASP CA  C    sing N N 58  
ASP CA  CB   sing N N 59  
ASP CA  HA   sing N N 60  
ASP C   O    doub N N 61  
ASP C   OXT  sing N N 62  
ASP CB  CG   sing N N 63  
ASP CB  HB2  sing N N 64  
ASP CB  HB3  sing N N 65  
ASP CG  OD1  doub N N 66  
ASP CG  OD2  sing N N 67  
ASP OD2 HD2  sing N N 68  
ASP OXT HXT  sing N N 69  
GLN N   CA   sing N N 70  
GLN N   H    sing N N 71  
GLN N   H2   sing N N 72  
GLN CA  C    sing N N 73  
GLN CA  CB   sing N N 74  
GLN CA  HA   sing N N 75  
GLN C   O    doub N N 76  
GLN C   OXT  sing N N 77  
GLN CB  CG   sing N N 78  
GLN CB  HB2  sing N N 79  
GLN CB  HB3  sing N N 80  
GLN CG  CD   sing N N 81  
GLN CG  HG2  sing N N 82  
GLN CG  HG3  sing N N 83  
GLN CD  OE1  doub N N 84  
GLN CD  NE2  sing N N 85  
GLN NE2 HE21 sing N N 86  
GLN NE2 HE22 sing N N 87  
GLN OXT HXT  sing N N 88  
GLU N   CA   sing N N 89  
GLU N   H    sing N N 90  
GLU N   H2   sing N N 91  
GLU CA  C    sing N N 92  
GLU CA  CB   sing N N 93  
GLU CA  HA   sing N N 94  
GLU C   O    doub N N 95  
GLU C   OXT  sing N N 96  
GLU CB  CG   sing N N 97  
GLU CB  HB2  sing N N 98  
GLU CB  HB3  sing N N 99  
GLU CG  CD   sing N N 100 
GLU CG  HG2  sing N N 101 
GLU CG  HG3  sing N N 102 
GLU CD  OE1  doub N N 103 
GLU CD  OE2  sing N N 104 
GLU OE2 HE2  sing N N 105 
GLU OXT HXT  sing N N 106 
GLY N   CA   sing N N 107 
GLY N   H    sing N N 108 
GLY N   H2   sing N N 109 
GLY CA  C    sing N N 110 
GLY CA  HA2  sing N N 111 
GLY CA  HA3  sing N N 112 
GLY C   O    doub N N 113 
GLY C   OXT  sing N N 114 
GLY OXT HXT  sing N N 115 
HIS N   CA   sing N N 116 
HIS N   H    sing N N 117 
HIS N   H2   sing N N 118 
HIS CA  C    sing N N 119 
HIS CA  CB   sing N N 120 
HIS CA  HA   sing N N 121 
HIS C   O    doub N N 122 
HIS C   OXT  sing N N 123 
HIS CB  CG   sing N N 124 
HIS CB  HB2  sing N N 125 
HIS CB  HB3  sing N N 126 
HIS CG  ND1  sing Y N 127 
HIS CG  CD2  doub Y N 128 
HIS ND1 CE1  doub Y N 129 
HIS ND1 HD1  sing N N 130 
HIS CD2 NE2  sing Y N 131 
HIS CD2 HD2  sing N N 132 
HIS CE1 NE2  sing Y N 133 
HIS CE1 HE1  sing N N 134 
HIS NE2 HE2  sing N N 135 
HIS OXT HXT  sing N N 136 
HOH O   H1   sing N N 137 
HOH O   H2   sing N N 138 
ILE N   CA   sing N N 139 
ILE N   H    sing N N 140 
ILE N   H2   sing N N 141 
ILE CA  C    sing N N 142 
ILE CA  CB   sing N N 143 
ILE CA  HA   sing N N 144 
ILE C   O    doub N N 145 
ILE C   OXT  sing N N 146 
ILE CB  CG1  sing N N 147 
ILE CB  CG2  sing N N 148 
ILE CB  HB   sing N N 149 
ILE CG1 CD1  sing N N 150 
ILE CG1 HG12 sing N N 151 
ILE CG1 HG13 sing N N 152 
ILE CG2 HG21 sing N N 153 
ILE CG2 HG22 sing N N 154 
ILE CG2 HG23 sing N N 155 
ILE CD1 HD11 sing N N 156 
ILE CD1 HD12 sing N N 157 
ILE CD1 HD13 sing N N 158 
ILE OXT HXT  sing N N 159 
LEU N   CA   sing N N 160 
LEU N   H    sing N N 161 
LEU N   H2   sing N N 162 
LEU CA  C    sing N N 163 
LEU CA  CB   sing N N 164 
LEU CA  HA   sing N N 165 
LEU C   O    doub N N 166 
LEU C   OXT  sing N N 167 
LEU CB  CG   sing N N 168 
LEU CB  HB2  sing N N 169 
LEU CB  HB3  sing N N 170 
LEU CG  CD1  sing N N 171 
LEU CG  CD2  sing N N 172 
LEU CG  HG   sing N N 173 
LEU CD1 HD11 sing N N 174 
LEU CD1 HD12 sing N N 175 
LEU CD1 HD13 sing N N 176 
LEU CD2 HD21 sing N N 177 
LEU CD2 HD22 sing N N 178 
LEU CD2 HD23 sing N N 179 
LEU OXT HXT  sing N N 180 
LYS N   CA   sing N N 181 
LYS N   H    sing N N 182 
LYS N   H2   sing N N 183 
LYS CA  C    sing N N 184 
LYS CA  CB   sing N N 185 
LYS CA  HA   sing N N 186 
LYS C   O    doub N N 187 
LYS C   OXT  sing N N 188 
LYS CB  CG   sing N N 189 
LYS CB  HB2  sing N N 190 
LYS CB  HB3  sing N N 191 
LYS CG  CD   sing N N 192 
LYS CG  HG2  sing N N 193 
LYS CG  HG3  sing N N 194 
LYS CD  CE   sing N N 195 
LYS CD  HD2  sing N N 196 
LYS CD  HD3  sing N N 197 
LYS CE  NZ   sing N N 198 
LYS CE  HE2  sing N N 199 
LYS CE  HE3  sing N N 200 
LYS NZ  HZ1  sing N N 201 
LYS NZ  HZ2  sing N N 202 
LYS NZ  HZ3  sing N N 203 
LYS OXT HXT  sing N N 204 
MSE N   CA   sing N N 205 
MSE N   H    sing N N 206 
MSE N   H2   sing N N 207 
MSE CA  C    sing N N 208 
MSE CA  CB   sing N N 209 
MSE CA  HA   sing N N 210 
MSE C   O    doub N N 211 
MSE C   OXT  sing N N 212 
MSE OXT HXT  sing N N 213 
MSE CB  CG   sing N N 214 
MSE CB  HB2  sing N N 215 
MSE CB  HB3  sing N N 216 
MSE CG  SE   sing N N 217 
MSE CG  HG2  sing N N 218 
MSE CG  HG3  sing N N 219 
MSE SE  CE   sing N N 220 
MSE CE  HE1  sing N N 221 
MSE CE  HE2  sing N N 222 
MSE CE  HE3  sing N N 223 
PHE N   CA   sing N N 224 
PHE N   H    sing N N 225 
PHE N   H2   sing N N 226 
PHE CA  C    sing N N 227 
PHE CA  CB   sing N N 228 
PHE CA  HA   sing N N 229 
PHE C   O    doub N N 230 
PHE C   OXT  sing N N 231 
PHE CB  CG   sing N N 232 
PHE CB  HB2  sing N N 233 
PHE CB  HB3  sing N N 234 
PHE CG  CD1  doub Y N 235 
PHE CG  CD2  sing Y N 236 
PHE CD1 CE1  sing Y N 237 
PHE CD1 HD1  sing N N 238 
PHE CD2 CE2  doub Y N 239 
PHE CD2 HD2  sing N N 240 
PHE CE1 CZ   doub Y N 241 
PHE CE1 HE1  sing N N 242 
PHE CE2 CZ   sing Y N 243 
PHE CE2 HE2  sing N N 244 
PHE CZ  HZ   sing N N 245 
PHE OXT HXT  sing N N 246 
SER N   CA   sing N N 247 
SER N   H    sing N N 248 
SER N   H2   sing N N 249 
SER CA  C    sing N N 250 
SER CA  CB   sing N N 251 
SER CA  HA   sing N N 252 
SER C   O    doub N N 253 
SER C   OXT  sing N N 254 
SER CB  OG   sing N N 255 
SER CB  HB2  sing N N 256 
SER CB  HB3  sing N N 257 
SER OG  HG   sing N N 258 
SER OXT HXT  sing N N 259 
THR N   CA   sing N N 260 
THR N   H    sing N N 261 
THR N   H2   sing N N 262 
THR CA  C    sing N N 263 
THR CA  CB   sing N N 264 
THR CA  HA   sing N N 265 
THR C   O    doub N N 266 
THR C   OXT  sing N N 267 
THR CB  OG1  sing N N 268 
THR CB  CG2  sing N N 269 
THR CB  HB   sing N N 270 
THR OG1 HG1  sing N N 271 
THR CG2 HG21 sing N N 272 
THR CG2 HG22 sing N N 273 
THR CG2 HG23 sing N N 274 
THR OXT HXT  sing N N 275 
TRP N   CA   sing N N 276 
TRP N   H    sing N N 277 
TRP N   H2   sing N N 278 
TRP CA  C    sing N N 279 
TRP CA  CB   sing N N 280 
TRP CA  HA   sing N N 281 
TRP C   O    doub N N 282 
TRP C   OXT  sing N N 283 
TRP CB  CG   sing N N 284 
TRP CB  HB2  sing N N 285 
TRP CB  HB3  sing N N 286 
TRP CG  CD1  doub Y N 287 
TRP CG  CD2  sing Y N 288 
TRP CD1 NE1  sing Y N 289 
TRP CD1 HD1  sing N N 290 
TRP CD2 CE2  doub Y N 291 
TRP CD2 CE3  sing Y N 292 
TRP NE1 CE2  sing Y N 293 
TRP NE1 HE1  sing N N 294 
TRP CE2 CZ2  sing Y N 295 
TRP CE3 CZ3  doub Y N 296 
TRP CE3 HE3  sing N N 297 
TRP CZ2 CH2  doub Y N 298 
TRP CZ2 HZ2  sing N N 299 
TRP CZ3 CH2  sing Y N 300 
TRP CZ3 HZ3  sing N N 301 
TRP CH2 HH2  sing N N 302 
TRP OXT HXT  sing N N 303 
TYR N   CA   sing N N 304 
TYR N   H    sing N N 305 
TYR N   H2   sing N N 306 
TYR CA  C    sing N N 307 
TYR CA  CB   sing N N 308 
TYR CA  HA   sing N N 309 
TYR C   O    doub N N 310 
TYR C   OXT  sing N N 311 
TYR CB  CG   sing N N 312 
TYR CB  HB2  sing N N 313 
TYR CB  HB3  sing N N 314 
TYR CG  CD1  doub Y N 315 
TYR CG  CD2  sing Y N 316 
TYR CD1 CE1  sing Y N 317 
TYR CD1 HD1  sing N N 318 
TYR CD2 CE2  doub Y N 319 
TYR CD2 HD2  sing N N 320 
TYR CE1 CZ   doub Y N 321 
TYR CE1 HE1  sing N N 322 
TYR CE2 CZ   sing Y N 323 
TYR CE2 HE2  sing N N 324 
TYR CZ  OH   sing N N 325 
TYR OH  HH   sing N N 326 
TYR OXT HXT  sing N N 327 
VAL N   CA   sing N N 328 
VAL N   H    sing N N 329 
VAL N   H2   sing N N 330 
VAL CA  C    sing N N 331 
VAL CA  CB   sing N N 332 
VAL CA  HA   sing N N 333 
VAL C   O    doub N N 334 
VAL C   OXT  sing N N 335 
VAL CB  CG1  sing N N 336 
VAL CB  CG2  sing N N 337 
VAL CB  HB   sing N N 338 
VAL CG1 HG11 sing N N 339 
VAL CG1 HG12 sing N N 340 
VAL CG1 HG13 sing N N 341 
VAL CG2 HG21 sing N N 342 
VAL CG2 HG22 sing N N 343 
VAL CG2 HG23 sing N N 344 
VAL OXT HXT  sing N N 345 
# 
_atom_sites.entry_id                    3OIZ 
_atom_sites.fract_transf_matrix[1][1]   -0.01040812 
_atom_sites.fract_transf_matrix[1][2]   -0.00361627 
_atom_sites.fract_transf_matrix[1][3]   0.00842276 
_atom_sites.fract_transf_matrix[2][1]   -0.00826110 
_atom_sites.fract_transf_matrix[2][2]   0.00922268 
_atom_sites.fract_transf_matrix[2][3]   -0.00624864 
_atom_sites.fract_transf_matrix[3][1]   -0.00786123 
_atom_sites.fract_transf_matrix[3][2]   -0.01921192 
_atom_sites.fract_transf_matrix[3][3]   -0.01796276 
_atom_sites.fract_transf_vector[1]      0.497559 
_atom_sites.fract_transf_vector[2]      0.231170 
_atom_sites.fract_transf_vector[3]      0.444258 
# 
loop_
_atom_type.symbol 
C  
N  
O  
SE 
# 
loop_
_atom_site.group_PDB 
_atom_site.id 
_atom_site.type_symbol 
_atom_site.label_atom_id 
_atom_site.label_alt_id 
_atom_site.label_comp_id 
_atom_site.label_asym_id 
_atom_site.label_entity_id 
_atom_site.label_seq_id 
_atom_site.pdbx_PDB_ins_code 
_atom_site.Cartn_x 
_atom_site.Cartn_y 
_atom_site.Cartn_z 
_atom_site.occupancy 
_atom_site.B_iso_or_equiv 
_atom_site.pdbx_formal_charge 
_atom_site.auth_seq_id 
_atom_site.auth_comp_id 
_atom_site.auth_asym_id 
_atom_site.auth_atom_id 
_atom_site.pdbx_PDB_model_num 
ATOM   1   N  N   . SER A 1 1  ? 1.685   12.688  8.057   1.00 39.72 ? 387 SER A N   1 
ATOM   2   C  CA  . SER A 1 1  ? 2.507   13.487  7.080   1.00 40.32 ? 387 SER A CA  1 
ATOM   3   C  C   . SER A 1 1  ? 2.860   12.557  5.964   1.00 39.08 ? 387 SER A C   1 
ATOM   4   O  O   . SER A 1 1  ? 2.885   11.372  6.178   1.00 38.08 ? 387 SER A O   1 
ATOM   5   C  CB  . SER A 1 1  ? 3.813   13.932  7.739   1.00 41.90 ? 387 SER A CB  1 
ATOM   6   O  OG  . SER A 1 1  ? 4.681   14.570  6.814   1.00 42.75 ? 387 SER A OG  1 
ATOM   7   N  N   . ASN A 1 2  ? 3.121   13.065  4.768   1.00 38.44 ? 388 ASN A N   1 
ATOM   8   C  CA  . ASN A 1 2  ? 3.721   12.200  3.772   1.00 36.90 ? 388 ASN A CA  1 
ATOM   9   C  C   . ASN A 1 2  ? 5.194   12.570  3.518   1.00 36.21 ? 388 ASN A C   1 
ATOM   10  O  O   . ASN A 1 2  ? 5.723   12.305  2.456   1.00 35.99 ? 388 ASN A O   1 
ATOM   11  C  CB  . ASN A 1 2  ? 2.895   12.220  2.487   1.00 37.93 ? 388 ASN A CB  1 
ATOM   12  C  CG  . ASN A 1 2  ? 2.897   13.575  1.816   1.00 37.27 ? 388 ASN A CG  1 
ATOM   13  O  OD1 . ASN A 1 2  ? 3.428   14.567  2.353   1.00 40.76 ? 388 ASN A OD1 1 
ATOM   14  N  ND2 . ASN A 1 2  ? 2.313   13.626  0.616   1.00 38.52 ? 388 ASN A ND2 1 
ATOM   15  N  N   . ALA A 1 3  ? 5.853   13.176  4.504   1.00 36.16 ? 389 ALA A N   1 
ATOM   16  C  CA  . ALA A 1 3  ? 7.258   13.584  4.326   1.00 35.55 ? 389 ALA A CA  1 
ATOM   17  C  C   . ALA A 1 3  ? 8.222   12.392  4.134   1.00 34.44 ? 389 ALA A C   1 
ATOM   18  O  O   . ALA A 1 3  ? 9.258   12.534  3.477   1.00 35.39 ? 389 ALA A O   1 
ATOM   19  C  CB  . ALA A 1 3  ? 7.727   14.458  5.485   1.00 36.41 ? 389 ALA A CB  1 
ATOM   20  N  N   . LEU A 1 4  ? 7.879   11.234  4.702   1.00 31.53 ? 390 LEU A N   1 
ATOM   21  C  CA  . LEU A 1 4  ? 8.825   10.132  4.805   1.00 28.65 ? 390 LEU A CA  1 
ATOM   22  C  C   . LEU A 1 4  ? 8.491   8.984   3.914   1.00 27.10 ? 390 LEU A C   1 
ATOM   23  O  O   . LEU A 1 4  ? 9.240   8.019   3.885   1.00 25.11 ? 390 LEU A O   1 
ATOM   24  C  CB  . LEU A 1 4  ? 8.879   9.594   6.228   1.00 28.70 ? 390 LEU A CB  1 
ATOM   25  C  CG  . LEU A 1 4  ? 9.377   10.571  7.267   1.00 30.18 ? 390 LEU A CG  1 
ATOM   26  C  CD1 . LEU A 1 4  ? 9.456   9.819   8.578   1.00 33.24 ? 390 LEU A CD1 1 
ATOM   27  C  CD2 . LEU A 1 4  ? 10.754  11.092  6.911   1.00 34.47 ? 390 LEU A CD2 1 
ATOM   28  N  N   . PHE A 1 5  ? 7.381   9.070   3.187   1.00 26.31 ? 391 PHE A N   1 
ATOM   29  C  CA  . PHE A 1 5  ? 7.025   7.989   2.282   1.00 25.58 ? 391 PHE A CA  1 
ATOM   30  C  C   . PHE A 1 5  ? 6.368   8.564   1.031   1.00 25.54 ? 391 PHE A C   1 
ATOM   31  O  O   . PHE A 1 5  ? 5.931   9.711   1.013   1.00 27.23 ? 391 PHE A O   1 
ATOM   32  C  CB  . PHE A 1 5  ? 6.096   6.959   2.960   1.00 25.44 ? 391 PHE A CB  1 
ATOM   33  C  CG  . PHE A 1 5  ? 4.653   7.393   3.029   1.00 25.73 ? 391 PHE A CG  1 
ATOM   34  C  CD1 . PHE A 1 5  ? 3.742   6.967   2.069   1.00 28.20 ? 391 PHE A CD1 1 
ATOM   35  C  CD2 . PHE A 1 5  ? 4.218   8.246   4.049   1.00 26.39 ? 391 PHE A CD2 1 
ATOM   36  C  CE1 . PHE A 1 5  ? 2.385   7.393   2.132   1.00 30.30 ? 391 PHE A CE1 1 
ATOM   37  C  CE2 . PHE A 1 5  ? 2.880   8.669   4.120   1.00 27.97 ? 391 PHE A CE2 1 
ATOM   38  C  CZ  . PHE A 1 5  ? 1.964   8.253   3.153   1.00 29.61 ? 391 PHE A CZ  1 
ATOM   39  N  N   . GLY A 1 6  ? 6.306   7.762   -0.004  1.00 25.29 ? 392 GLY A N   1 
ATOM   40  C  CA  . GLY A 1 6  ? 5.697   8.190   -1.251  1.00 27.08 ? 392 GLY A CA  1 
ATOM   41  C  C   . GLY A 1 6  ? 4.939   7.022   -1.878  1.00 26.44 ? 392 GLY A C   1 
ATOM   42  O  O   . GLY A 1 6  ? 5.279   5.854   -1.659  1.00 25.76 ? 392 GLY A O   1 
ATOM   43  N  N   . VAL A 1 7  ? 3.873   7.345   -2.605  1.00 26.73 ? 393 VAL A N   1 
ATOM   44  C  CA  . VAL A 1 7  ? 3.120   6.311   -3.337  1.00 26.23 ? 393 VAL A CA  1 
ATOM   45  C  C   . VAL A 1 7  ? 2.922   6.808   -4.757  1.00 27.43 ? 393 VAL A C   1 
ATOM   46  O  O   . VAL A 1 7  ? 2.492   7.952   -4.975  1.00 29.55 ? 393 VAL A O   1 
ATOM   47  C  CB  . VAL A 1 7  ? 1.738   5.974   -2.673  1.00 26.47 ? 393 VAL A CB  1 
ATOM   48  C  CG1 . VAL A 1 7  ? 0.984   4.904   -3.509  1.00 27.88 ? 393 VAL A CG1 1 
ATOM   49  C  CG2 . VAL A 1 7  ? 1.880   5.504   -1.200  1.00 25.53 ? 393 VAL A CG2 1 
ATOM   50  N  N   . THR A 1 8  ? 3.246   5.967   -5.740  1.00 27.46 ? 394 THR A N   1 
ATOM   51  C  CA  . THR A 1 8  ? 2.942   6.298   -7.129  1.00 27.77 ? 394 THR A CA  1 
ATOM   52  C  C   . THR A 1 8  ? 2.200   5.114   -7.677  1.00 26.47 ? 394 THR A C   1 
ATOM   53  O  O   . THR A 1 8  ? 2.162   4.050   -7.030  1.00 26.89 ? 394 THR A O   1 
ATOM   54  C  CB  . THR A 1 8  ? 4.228   6.514   -7.964  1.00 27.88 ? 394 THR A CB  1 
ATOM   55  O  OG1 . THR A 1 8  ? 5.058   5.358   -7.838  1.00 29.82 ? 394 THR A OG1 1 
ATOM   56  C  CG2 . THR A 1 8  ? 5.015   7.721   -7.447  1.00 30.54 ? 394 THR A CG2 1 
ATOM   57  N  N   . SER A 1 9  ? 1.615   5.252   -8.856  1.00 26.07 ? 395 SER A N   1 
ATOM   58  C  CA  . SER A 1 9  ? 0.897   4.103   -9.439  1.00 26.40 ? 395 SER A CA  1 
ATOM   59  C  C   . SER A 1 9  ? 1.008   4.095   -10.963 1.00 27.37 ? 395 SER A C   1 
ATOM   60  O  O   . SER A 1 9  ? 1.431   5.104   -11.584 1.00 27.98 ? 395 SER A O   1 
ATOM   61  C  CB  . SER A 1 9  ? -0.569  4.059   -8.969  1.00 27.10 ? 395 SER A CB  1 
ATOM   62  O  OG  . SER A 1 9  ? -1.327  5.101   -9.582  1.00 28.00 ? 395 SER A OG  1 
ATOM   63  N  N   A GLU A 1 10 ? 0.667   2.959   -11.575 0.50 27.03 ? 396 GLU A N   1 
ATOM   64  N  N   B GLU A 1 10 ? 0.627   2.977   -11.574 0.50 26.76 ? 396 GLU A N   1 
ATOM   65  C  CA  A GLU A 1 10 ? 0.681   2.836   -13.030 0.50 28.27 ? 396 GLU A CA  1 
ATOM   66  C  CA  B GLU A 1 10 ? 0.648   2.882   -13.018 0.50 27.85 ? 396 GLU A CA  1 
ATOM   67  C  C   A GLU A 1 10 ? -0.476  1.951   -13.400 0.50 27.83 ? 396 GLU A C   1 
ATOM   68  C  C   B GLU A 1 10 ? -0.477  1.964   -13.396 0.50 27.59 ? 396 GLU A C   1 
ATOM   69  O  O   A GLU A 1 10 ? -0.663  0.897   -12.803 0.50 27.62 ? 396 GLU A O   1 
ATOM   70  O  O   B GLU A 1 10 ? -0.644  0.906   -12.801 0.50 27.35 ? 396 GLU A O   1 
ATOM   71  C  CB  A GLU A 1 10 ? 1.997   2.228   -13.535 0.50 28.81 ? 396 GLU A CB  1 
ATOM   72  C  CB  B GLU A 1 10 ? 1.986   2.328   -13.503 0.50 28.30 ? 396 GLU A CB  1 
ATOM   73  C  CG  A GLU A 1 10 ? 3.184   3.166   -13.411 0.50 30.41 ? 396 GLU A CG  1 
ATOM   74  C  CG  B GLU A 1 10 ? 2.020   1.983   -14.965 0.50 28.84 ? 396 GLU A CG  1 
ATOM   75  C  CD  A GLU A 1 10 ? 4.518   2.541   -13.796 0.50 33.58 ? 396 GLU A CD  1 
ATOM   76  C  CD  B GLU A 1 10 ? 3.381   1.487   -15.397 0.50 32.67 ? 396 GLU A CD  1 
ATOM   77  O  OE1 A GLU A 1 10 ? 5.541   3.261   -13.788 0.50 33.40 ? 396 GLU A OE1 1 
ATOM   78  O  OE1 B GLU A 1 10 ? 4.226   1.243   -14.519 0.50 35.03 ? 396 GLU A OE1 1 
ATOM   79  O  OE2 A GLU A 1 10 ? 4.558   1.329   -14.078 0.50 35.08 ? 396 GLU A OE2 1 
ATOM   80  O  OE2 B GLU A 1 10 ? 3.611   1.351   -16.613 0.50 33.20 ? 396 GLU A OE2 1 
ATOM   81  N  N   . LEU A 1 11 ? -1.272  2.399   -14.368 1.00 28.61 ? 397 LEU A N   1 
ATOM   82  C  CA  . LEU A 1 11 ? -2.431  1.634   -14.834 1.00 29.56 ? 397 LEU A CA  1 
ATOM   83  C  C   . LEU A 1 11 ? -2.038  0.859   -16.077 1.00 30.70 ? 397 LEU A C   1 
ATOM   84  O  O   . LEU A 1 11 ? -1.320  1.396   -16.947 1.00 31.37 ? 397 LEU A O   1 
ATOM   85  C  CB  . LEU A 1 11 ? -3.545  2.622   -15.152 1.00 30.40 ? 397 LEU A CB  1 
ATOM   86  C  CG  . LEU A 1 11 ? -4.902  2.122   -15.598 1.00 30.08 ? 397 LEU A CG  1 
ATOM   87  C  CD1 . LEU A 1 11 ? -5.662  1.439   -14.481 1.00 30.27 ? 397 LEU A CD1 1 
ATOM   88  C  CD2 . LEU A 1 11 ? -5.706  3.292   -16.204 1.00 32.04 ? 397 LEU A CD2 1 
ATOM   89  N  N   . SER A 1 12 ? -2.499  -0.392  -16.169 1.00 31.11 ? 398 SER A N   1 
ATOM   90  C  CA  . SER A 1 12 ? -2.285  -1.214  -17.379 1.00 31.91 ? 398 SER A CA  1 
ATOM   91  C  C   . SER A 1 12 ? -2.918  -0.596  -18.622 1.00 33.43 ? 398 SER A C   1 
ATOM   92  O  O   . SER A 1 12 ? -3.846  0.224   -18.538 1.00 33.06 ? 398 SER A O   1 
ATOM   93  C  CB  . SER A 1 12 ? -2.839  -2.633  -17.157 1.00 32.04 ? 398 SER A CB  1 
ATOM   94  O  OG  . SER A 1 12 ? -4.242  -2.573  -16.995 1.00 31.46 ? 398 SER A OG  1 
ATOM   95  N  N   . LYS A 1 13 ? -2.432  -0.996  -19.787 1.00 35.07 ? 399 LYS A N   1 
ATOM   96  C  CA  . LYS A 1 13 ? -2.976  -0.453  -21.019 1.00 37.10 ? 399 LYS A CA  1 
ATOM   97  C  C   . LYS A 1 13 ? -4.481  -0.715  -21.164 1.00 38.07 ? 399 LYS A C   1 
ATOM   98  O  O   . LYS A 1 13 ? -5.195  0.124   -21.723 1.00 38.34 ? 399 LYS A O   1 
ATOM   99  C  CB  . LYS A 1 13 ? -2.235  -0.991  -22.235 1.00 38.20 ? 399 LYS A CB  1 
ATOM   100 C  CG  . LYS A 1 13 ? -0.801  -0.484  -22.359 1.00 39.34 ? 399 LYS A CG  1 
ATOM   101 C  CD  . LYS A 1 13 ? -0.209  -0.959  -23.676 1.00 40.05 ? 399 LYS A CD  1 
ATOM   102 C  CE  . LYS A 1 13 ? 1.176   -0.385  -23.868 1.00 41.92 ? 399 LYS A CE  1 
ATOM   103 N  NZ  . LYS A 1 13 ? 1.178   1.125   -23.828 1.00 38.41 ? 399 LYS A NZ  1 
ATOM   104 N  N   . ASP A 1 14 ? -4.976  -1.854  -20.654 1.00 37.49 ? 400 ASP A N   1 
ATOM   105 C  CA  . ASP A 1 14 ? -6.408  -2.106  -20.745 1.00 37.63 ? 400 ASP A CA  1 
ATOM   106 C  C   . ASP A 1 14 ? -7.250  -1.454  -19.664 1.00 37.21 ? 400 ASP A C   1 
ATOM   107 O  O   . ASP A 1 14 ? -8.482  -1.587  -19.686 1.00 37.63 ? 400 ASP A O   1 
ATOM   108 C  CB  . ASP A 1 14 ? -6.727  -3.605  -20.835 1.00 37.83 ? 400 ASP A CB  1 
ATOM   109 C  CG  . ASP A 1 14 ? -6.285  -4.395  -19.622 1.00 38.82 ? 400 ASP A CG  1 
ATOM   110 O  OD1 . ASP A 1 14 ? -5.894  -3.820  -18.577 1.00 38.48 ? 400 ASP A OD1 1 
ATOM   111 O  OD2 . ASP A 1 14 ? -6.371  -5.644  -19.716 1.00 41.51 ? 400 ASP A OD2 1 
ATOM   112 N  N   . GLY A 1 15 ? -6.582  -0.791  -18.716 1.00 36.05 ? 401 GLY A N   1 
ATOM   113 C  CA  . GLY A 1 15 ? -7.216  -0.086  -17.619 1.00 35.53 ? 401 GLY A CA  1 
ATOM   114 C  C   . GLY A 1 15 ? -7.731  -1.019  -16.541 1.00 34.79 ? 401 GLY A C   1 
ATOM   115 O  O   . GLY A 1 15 ? -8.383  -0.564  -15.603 1.00 35.63 ? 401 GLY A O   1 
ATOM   116 N  N   . ARG A 1 16 ? -7.432  -2.320  -16.653 1.00 33.74 ? 402 ARG A N   1 
ATOM   117 C  CA  . ARG A 1 16 ? -7.978  -3.310  -15.705 1.00 32.49 ? 402 ARG A CA  1 
ATOM   118 C  C   . ARG A 1 16 ? -7.127  -3.584  -14.455 1.00 30.88 ? 402 ARG A C   1 
ATOM   119 O  O   . ARG A 1 16 ? -7.646  -4.154  -13.490 1.00 30.77 ? 402 ARG A O   1 
ATOM   120 C  CB  . ARG A 1 16 ? -8.345  -4.632  -16.399 1.00 33.79 ? 402 ARG A CB  1 
ATOM   121 C  CG  . ARG A 1 16 ? -9.481  -4.471  -17.403 1.00 38.15 ? 402 ARG A CG  1 
ATOM   122 C  CD  . ARG A 1 16 ? -9.777  -5.786  -18.104 1.00 45.53 ? 402 ARG A CD  1 
ATOM   123 N  NE  . ARG A 1 16 ? -10.937 -5.655  -18.985 1.00 52.17 ? 402 ARG A NE  1 
ATOM   124 C  CZ  . ARG A 1 16 ? -12.194 -5.946  -18.658 1.00 54.61 ? 402 ARG A CZ  1 
ATOM   125 N  NH1 . ARG A 1 16 ? -12.501 -6.418  -17.445 1.00 56.73 ? 402 ARG A NH1 1 
ATOM   126 N  NH2 . ARG A 1 16 ? -13.153 -5.765  -19.558 1.00 55.92 ? 402 ARG A NH2 1 
ATOM   127 N  N   . GLU A 1 17 ? -5.854  -3.186  -14.466 1.00 29.15 ? 403 GLU A N   1 
ATOM   128 C  CA  . GLU A 1 17 ? -4.981  -3.436  -13.340 1.00 27.96 ? 403 GLU A CA  1 
ATOM   129 C  C   . GLU A 1 17 ? -4.230  -2.178  -12.968 1.00 27.05 ? 403 GLU A C   1 
ATOM   130 O  O   . GLU A 1 17 ? -3.741  -1.501  -13.867 1.00 28.27 ? 403 GLU A O   1 
ATOM   131 C  CB  . GLU A 1 17 ? -3.983  -4.555  -13.673 1.00 29.13 ? 403 GLU A CB  1 
ATOM   132 C  CG  . GLU A 1 17 ? -2.936  -4.772  -12.557 1.00 30.88 ? 403 GLU A CG  1 
ATOM   133 C  CD  . GLU A 1 17 ? -2.021  -5.939  -12.834 1.00 37.59 ? 403 GLU A CD  1 
ATOM   134 O  OE1 . GLU A 1 17 ? -2.446  -7.085  -12.630 1.00 42.57 ? 403 GLU A OE1 1 
ATOM   135 O  OE2 . GLU A 1 17 ? -0.868  -5.718  -13.245 1.00 40.59 ? 403 GLU A OE2 1 
ATOM   136 N  N   . ARG A 1 18 ? -4.114  -1.867  -11.670 1.00 24.61 ? 404 ARG A N   1 
ATOM   137 C  CA  . ARG A 1 18 ? -3.276  -0.749  -11.245 1.00 24.48 ? 404 ARG A CA  1 
ATOM   138 C  C   . ARG A 1 18 ? -2.228  -1.286  -10.287 1.00 23.99 ? 404 ARG A C   1 
ATOM   139 O  O   . ARG A 1 18 ? -2.570  -2.044  -9.376  1.00 24.19 ? 404 ARG A O   1 
ATOM   140 C  CB  . ARG A 1 18 ? -4.092  0.335   -10.542 1.00 25.27 ? 404 ARG A CB  1 
ATOM   141 C  CG  . ARG A 1 18 ? -3.220  1.583   -10.264 1.00 25.21 ? 404 ARG A CG  1 
ATOM   142 C  CD  . ARG A 1 18 ? -3.985  2.818   -9.792  1.00 25.06 ? 404 ARG A CD  1 
ATOM   143 N  NE  . ARG A 1 18 ? -4.847  3.372   -10.838 1.00 26.99 ? 404 ARG A NE  1 
ATOM   144 C  CZ  . ARG A 1 18 ? -4.484  4.318   -11.712 1.00 28.51 ? 404 ARG A CZ  1 
ATOM   145 N  NH1 . ARG A 1 18 ? -3.237  4.851   -11.722 1.00 29.20 ? 404 ARG A NH1 1 
ATOM   146 N  NH2 . ARG A 1 18 ? -5.380  4.745   -12.582 1.00 29.67 ? 404 ARG A NH2 1 
ATOM   147 N  N   . ILE A 1 19 ? -0.968  -0.926  -10.505 1.00 24.14 ? 405 ILE A N   1 
ATOM   148 C  CA  . ILE A 1 19 ? 0.075   -1.237  -9.511  1.00 24.77 ? 405 ILE A CA  1 
ATOM   149 C  C   . ILE A 1 19 ? 0.418   0.006   -8.749  1.00 24.13 ? 405 ILE A C   1 
ATOM   150 O  O   . ILE A 1 19 ? 0.751   1.026   -9.353  1.00 25.50 ? 405 ILE A O   1 
ATOM   151 C  CB  . ILE A 1 19 ? 1.353   -1.801  -10.178 1.00 26.07 ? 405 ILE A CB  1 
ATOM   152 C  CG1 . ILE A 1 19 ? 0.970   -3.014  -11.057 1.00 30.72 ? 405 ILE A CG1 1 
ATOM   153 C  CG2 . ILE A 1 19 ? 2.435   -2.077  -9.081  1.00 27.85 ? 405 ILE A CG2 1 
ATOM   154 C  CD1 . ILE A 1 19 ? 2.093   -3.509  -12.009 1.00 35.92 ? 405 ILE A CD1 1 
ATOM   155 N  N   . TYR A 1 20 ? 0.338   -0.077  -7.420  1.00 22.18 ? 406 TYR A N   1 
ATOM   156 C  CA  . TYR A 1 20 ? 0.772   1.010   -6.548  1.00 22.06 ? 406 TYR A CA  1 
ATOM   157 C  C   . TYR A 1 20 ? 2.157   0.667   -6.024  1.00 23.04 ? 406 TYR A C   1 
ATOM   158 O  O   . TYR A 1 20 ? 2.385   -0.447  -5.582  1.00 24.21 ? 406 TYR A O   1 
ATOM   159 C  CB  . TYR A 1 20 ? -0.189  1.114   -5.391  1.00 21.35 ? 406 TYR A CB  1 
ATOM   160 C  CG  . TYR A 1 20 ? -1.496  1.811   -5.694  1.00 22.41 ? 406 TYR A CG  1 
ATOM   161 C  CD1 . TYR A 1 20 ? -1.618  3.200   -5.550  1.00 22.93 ? 406 TYR A CD1 1 
ATOM   162 C  CD2 . TYR A 1 20 ? -2.618  1.089   -6.157  1.00 23.09 ? 406 TYR A CD2 1 
ATOM   163 C  CE1 . TYR A 1 20 ? -2.843  3.854   -5.832  1.00 24.52 ? 406 TYR A CE1 1 
ATOM   164 C  CE2 . TYR A 1 20 ? -3.826  1.736   -6.430  1.00 22.75 ? 406 TYR A CE2 1 
ATOM   165 C  CZ  . TYR A 1 20 ? -3.936  3.112   -6.255  1.00 25.15 ? 406 TYR A CZ  1 
ATOM   166 O  OH  . TYR A 1 20 ? -5.120  3.767   -6.532  1.00 26.80 ? 406 TYR A OH  1 
ATOM   167 N  N   . ARG A 1 21 ? 3.077   1.627   -6.041  1.00 22.72 ? 407 ARG A N   1 
ATOM   168 C  CA  . ARG A 1 21 ? 4.431   1.411   -5.571  1.00 23.25 ? 407 ARG A CA  1 
ATOM   169 C  C   . ARG A 1 21 ? 4.634   2.329   -4.369  1.00 22.90 ? 407 ARG A C   1 
ATOM   170 O  O   . ARG A 1 21 ? 4.565   3.547   -4.490  1.00 23.88 ? 407 ARG A O   1 
ATOM   171 C  CB  . ARG A 1 21 ? 5.460   1.671   -6.691  1.00 24.93 ? 407 ARG A CB  1 
ATOM   172 C  CG  . ARG A 1 21 ? 5.381   0.539   -7.763  1.00 27.53 ? 407 ARG A CG  1 
ATOM   173 C  CD  . ARG A 1 21 ? 6.490   0.669   -8.849  1.00 33.01 ? 407 ARG A CD  1 
ATOM   174 N  NE  . ARG A 1 21 ? 6.239   -0.303  -9.918  1.00 36.03 ? 407 ARG A NE  1 
ATOM   175 C  CZ  . ARG A 1 21 ? 5.539   -0.043  -11.026 1.00 39.34 ? 407 ARG A CZ  1 
ATOM   176 N  NH1 . ARG A 1 21 ? 5.019   1.171   -11.230 1.00 39.22 ? 407 ARG A NH1 1 
ATOM   177 N  NH2 . ARG A 1 21 ? 5.349   -0.987  -11.941 1.00 42.03 ? 407 ARG A NH2 1 
ATOM   178 N  N   . VAL A 1 22 ? 4.873   1.726   -3.211  1.00 22.16 ? 408 VAL A N   1 
ATOM   179 C  CA  . VAL A 1 22 ? 5.075   2.473   -1.994  1.00 21.67 ? 408 VAL A CA  1 
ATOM   180 C  C   . VAL A 1 22 ? 6.574   2.456   -1.657  1.00 22.47 ? 408 VAL A C   1 
ATOM   181 O  O   . VAL A 1 22 ? 7.234   1.394   -1.693  1.00 22.62 ? 408 VAL A O   1 
ATOM   182 C  CB  . VAL A 1 22 ? 4.297   1.777   -0.838  1.00 22.29 ? 408 VAL A CB  1 
ATOM   183 C  CG1 . VAL A 1 22 ? 4.378   2.627   0.391   1.00 23.02 ? 408 VAL A CG1 1 
ATOM   184 C  CG2 . VAL A 1 22 ? 2.797   1.507   -1.196  1.00 22.39 ? 408 VAL A CG2 1 
ATOM   185 N  N   A GLU A 1 23 ? 7.127   3.621   -1.323  0.50 22.59 ? 409 GLU A N   1 
ATOM   186 N  N   B GLU A 1 23 ? 7.125   3.620   -1.340  0.50 22.82 ? 409 GLU A N   1 
ATOM   187 C  CA  A GLU A 1 23 ? 8.553   3.712   -0.928  0.50 23.88 ? 409 GLU A CA  1 
ATOM   188 C  CA  B GLU A 1 23 ? 8.523   3.674   -0.896  0.50 24.26 ? 409 GLU A CA  1 
ATOM   189 C  C   A GLU A 1 23 ? 8.744   4.593   0.285   0.50 23.46 ? 409 GLU A C   1 
ATOM   190 C  C   B GLU A 1 23 ? 8.625   4.451   0.395   0.50 23.42 ? 409 GLU A C   1 
ATOM   191 O  O   A GLU A 1 23 ? 7.996   5.548   0.483   0.50 24.57 ? 409 GLU A O   1 
ATOM   192 O  O   B GLU A 1 23 ? 7.673   5.149   0.771   0.50 23.16 ? 409 GLU A O   1 
ATOM   193 C  CB  A GLU A 1 23 ? 9.437   4.233   -2.063  0.50 25.13 ? 409 GLU A CB  1 
ATOM   194 C  CB  B GLU A 1 23 ? 9.465   4.244   -1.967  0.50 26.02 ? 409 GLU A CB  1 
ATOM   195 C  CG  A GLU A 1 23 ? 9.012   5.564   -2.595  0.50 26.94 ? 409 GLU A CG  1 
ATOM   196 C  CG  B GLU A 1 23 ? 9.321   5.714   -2.260  0.50 29.95 ? 409 GLU A CG  1 
ATOM   197 C  CD  A GLU A 1 23 ? 9.548   6.768   -1.804  0.50 28.03 ? 409 GLU A CD  1 
ATOM   198 C  CD  B GLU A 1 23 ? 10.159  6.129   -3.466  0.50 35.87 ? 409 GLU A CD  1 
ATOM   199 O  OE1 A GLU A 1 23 ? 10.376  6.619   -0.858  0.50 27.58 ? 409 GLU A OE1 1 
ATOM   200 O  OE1 B GLU A 1 23 ? 10.361  5.296   -4.377  0.50 37.75 ? 409 GLU A OE1 1 
ATOM   201 O  OE2 A GLU A 1 23 ? 9.119   7.895   -2.135  0.50 30.76 ? 409 GLU A OE2 1 
ATOM   202 O  OE2 B GLU A 1 23 ? 10.622  7.280   -3.500  0.50 40.17 ? 409 GLU A OE2 1 
ATOM   203 N  N   . GLY A 1 24 ? 9.728   4.258   1.114   1.00 23.06 ? 410 GLY A N   1 
ATOM   204 C  CA  . GLY A 1 24 ? 10.010  5.074   2.297   1.00 22.51 ? 410 GLY A CA  1 
ATOM   205 C  C   . GLY A 1 24 ? 9.475   4.437   3.580   1.00 22.02 ? 410 GLY A C   1 
ATOM   206 O  O   . GLY A 1 24 ? 9.325   3.212   3.659   1.00 24.80 ? 410 GLY A O   1 
ATOM   207 N  N   . GLN A 1 25 ? 9.155   5.264   4.573   1.00 21.81 ? 411 GLN A N   1 
ATOM   208 C  CA  . GLN A 1 25 ? 8.924   4.781   5.964   1.00 21.10 ? 411 GLN A CA  1 
ATOM   209 C  C   . GLN A 1 25 ? 7.441   4.856   6.288   1.00 21.78 ? 411 GLN A C   1 
ATOM   210 O  O   . GLN A 1 25 ? 6.839   5.906   6.092   1.00 23.01 ? 411 GLN A O   1 
ATOM   211 C  CB  . GLN A 1 25 ? 9.664   5.676   6.986   1.00 21.51 ? 411 GLN A CB  1 
ATOM   212 C  CG  . GLN A 1 25 ? 11.086  6.147   6.538   1.00 22.14 ? 411 GLN A CG  1 
ATOM   213 C  CD  . GLN A 1 25 ? 11.966  4.995   6.073   1.00 22.74 ? 411 GLN A CD  1 
ATOM   214 O  OE1 . GLN A 1 25 ? 11.917  3.886   6.639   1.00 22.19 ? 411 GLN A OE1 1 
ATOM   215 N  NE2 . GLN A 1 25 ? 12.728  5.223   5.012   1.00 21.41 ? 411 GLN A NE2 1 
ATOM   216 N  N   . LEU A 1 26 ? 6.872   3.752   6.779   1.00 20.80 ? 412 LEU A N   1 
ATOM   217 C  CA  . LEU A 1 26 ? 5.449   3.714   7.145   1.00 19.59 ? 412 LEU A CA  1 
ATOM   218 C  C   . LEU A 1 26 ? 5.360   3.581   8.659   1.00 20.76 ? 412 LEU A C   1 
ATOM   219 O  O   . LEU A 1 26 ? 5.837   2.577   9.241   1.00 20.51 ? 412 LEU A O   1 
ATOM   220 C  CB  . LEU A 1 26 ? 4.719   2.541   6.463   1.00 19.77 ? 412 LEU A CB  1 
ATOM   221 C  CG  . LEU A 1 26 ? 4.853   2.607   4.935   1.00 21.51 ? 412 LEU A CG  1 
ATOM   222 C  CD1 . LEU A 1 26 ? 4.215   1.400   4.323   1.00 23.65 ? 412 LEU A CD1 1 
ATOM   223 C  CD2 . LEU A 1 26 ? 4.201   3.868   4.358   1.00 25.61 ? 412 LEU A CD2 1 
ATOM   224 N  N   . PHE A 1 27 ? 4.809   4.630   9.274   1.00 21.93 ? 413 PHE A N   1 
ATOM   225 C  CA  . PHE A 1 27 ? 4.623   4.736   10.713  1.00 22.17 ? 413 PHE A CA  1 
ATOM   226 C  C   . PHE A 1 27 ? 3.166   5.040   11.050  1.00 23.77 ? 413 PHE A C   1 
ATOM   227 O  O   . PHE A 1 27 ? 2.433   5.580   10.214  1.00 23.09 ? 413 PHE A O   1 
ATOM   228 C  CB  . PHE A 1 27 ? 5.413   5.937   11.279  1.00 23.92 ? 413 PHE A CB  1 
ATOM   229 C  CG  . PHE A 1 27 ? 6.897   5.753   11.318  1.00 26.06 ? 413 PHE A CG  1 
ATOM   230 C  CD1 . PHE A 1 27 ? 7.503   4.981   12.326  1.00 28.23 ? 413 PHE A CD1 1 
ATOM   231 C  CD2 . PHE A 1 27 ? 7.704   6.423   10.404  1.00 27.82 ? 413 PHE A CD2 1 
ATOM   232 C  CE1 . PHE A 1 27 ? 8.907   4.851   12.379  1.00 26.01 ? 413 PHE A CE1 1 
ATOM   233 C  CE2 . PHE A 1 27 ? 9.082   6.304   10.437  1.00 25.28 ? 413 PHE A CE2 1 
ATOM   234 C  CZ  . PHE A 1 27 ? 9.690   5.528   11.428  1.00 26.43 ? 413 PHE A CZ  1 
ATOM   235 N  N   A TYR A 1 28 ? 2.767   4.746   12.282  0.50 23.85 ? 414 TYR A N   1 
ATOM   236 N  N   B TYR A 1 28 ? 2.751   4.729   12.281  0.50 23.83 ? 414 TYR A N   1 
ATOM   237 C  CA  A TYR A 1 28 ? 1.381   4.928   12.683  0.50 26.64 ? 414 TYR A CA  1 
ATOM   238 C  CA  B TYR A 1 28 ? 1.365   4.966   12.710  0.50 26.66 ? 414 TYR A CA  1 
ATOM   239 C  C   A TYR A 1 28 ? 0.924   6.377   12.530  0.50 27.31 ? 414 TYR A C   1 
ATOM   240 C  C   B TYR A 1 28 ? 0.945   6.390   12.418  0.50 27.16 ? 414 TYR A C   1 
ATOM   241 O  O   A TYR A 1 28 ? -0.252  6.643   12.264  0.50 28.07 ? 414 TYR A O   1 
ATOM   242 O  O   B TYR A 1 28 ? -0.169  6.651   11.934  0.50 27.58 ? 414 TYR A O   1 
ATOM   243 C  CB  A TYR A 1 28 ? 1.217   4.457   14.122  0.50 27.39 ? 414 TYR A CB  1 
ATOM   244 C  CB  B TYR A 1 28 ? 1.220   4.654   14.204  0.50 27.50 ? 414 TYR A CB  1 
ATOM   245 C  CG  A TYR A 1 28 ? 1.841   5.399   15.099  0.50 30.27 ? 414 TYR A CG  1 
ATOM   246 C  CG  B TYR A 1 28 ? 0.012   5.268   14.893  0.50 31.06 ? 414 TYR A CG  1 
ATOM   247 C  CD1 A TYR A 1 28 ? 1.134   6.501   15.548  0.50 33.20 ? 414 TYR A CD1 1 
ATOM   248 C  CD1 B TYR A 1 28 ? -1.285  4.811   14.643  0.50 33.47 ? 414 TYR A CD1 1 
ATOM   249 C  CD2 A TYR A 1 28 ? 3.135   5.196   15.574  0.50 30.95 ? 414 TYR A CD2 1 
ATOM   250 C  CD2 B TYR A 1 28 ? 0.167   6.293   15.807  0.50 33.98 ? 414 TYR A CD2 1 
ATOM   251 C  CE1 A TYR A 1 28 ? 1.688   7.389   16.445  0.50 35.83 ? 414 TYR A CE1 1 
ATOM   252 C  CE1 B TYR A 1 28 ? -2.378  5.361   15.288  0.50 35.79 ? 414 TYR A CE1 1 
ATOM   253 C  CE2 A TYR A 1 28 ? 3.709   6.092   16.482  0.50 34.64 ? 414 TYR A CE2 1 
ATOM   254 C  CE2 B TYR A 1 28 ? -0.928  6.847   16.457  0.50 37.78 ? 414 TYR A CE2 1 
ATOM   255 C  CZ  A TYR A 1 28 ? 2.973   7.184   16.912  0.50 35.75 ? 414 TYR A CZ  1 
ATOM   256 C  CZ  B TYR A 1 28 ? -2.191  6.382   16.183  0.50 37.05 ? 414 TYR A CZ  1 
ATOM   257 O  OH  A TYR A 1 28 ? 3.498   8.083   17.808  0.50 37.43 ? 414 TYR A OH  1 
ATOM   258 O  OH  B TYR A 1 28 ? -3.260  6.952   16.837  0.50 39.67 ? 414 TYR A OH  1 
ATOM   259 N  N   . ALA A 1 29 ? 1.854   7.318   12.694  1.00 28.04 ? 415 ALA A N   1 
ATOM   260 C  CA  . ALA A 1 29 ? 1.537   8.704   12.545  1.00 30.21 ? 415 ALA A CA  1 
ATOM   261 C  C   . ALA A 1 29 ? 1.090   9.112   11.137  1.00 30.61 ? 415 ALA A C   1 
ATOM   262 O  O   . ALA A 1 29 ? 0.410   10.155  10.984  1.00 33.48 ? 415 ALA A O   1 
ATOM   263 C  CB  . ALA A 1 29 ? 2.681   9.567   13.048  1.00 31.80 ? 415 ALA A CB  1 
ATOM   264 N  N   A SER A 1 30 ? 1.447   8.327   10.121  0.50 30.06 ? 416 SER A N   1 
ATOM   265 N  N   B SER A 1 30 ? 1.433   8.317   10.127  0.50 30.31 ? 416 SER A N   1 
ATOM   266 C  CA  A SER A 1 30 ? 1.084   8.674   8.741   0.50 29.51 ? 416 SER A CA  1 
ATOM   267 C  CA  B SER A 1 30 ? 1.065   8.673   8.758   0.50 30.15 ? 416 SER A CA  1 
ATOM   268 C  C   A SER A 1 30 ? 0.032   7.749   8.124   0.50 28.43 ? 416 SER A C   1 
ATOM   269 C  C   B SER A 1 30 ? 0.032   7.746   8.125   0.50 28.68 ? 416 SER A C   1 
ATOM   270 O  O   A SER A 1 30 ? -0.147  7.724   6.900   0.50 27.67 ? 416 SER A O   1 
ATOM   271 O  O   B SER A 1 30 ? -0.147  7.727   6.900   0.50 27.89 ? 416 SER A O   1 
ATOM   272 C  CB  A SER A 1 30 ? 2.324   8.695   7.867   0.50 30.17 ? 416 SER A CB  1 
ATOM   273 C  CB  B SER A 1 30 ? 2.312   8.794   7.906   0.50 30.97 ? 416 SER A CB  1 
ATOM   274 O  OG  A SER A 1 30 ? 2.952   7.436   7.887   0.50 30.33 ? 416 SER A OG  1 
ATOM   275 O  OG  B SER A 1 30 ? 3.027   9.942   8.324   0.50 34.20 ? 416 SER A OG  1 
ATOM   276 N  N   . VAL A 1 31 ? -0.685  7.012   8.963   1.00 27.85 ? 417 VAL A N   1 
ATOM   277 C  CA  . VAL A 1 31 ? -1.677  6.059   8.458   1.00 27.22 ? 417 VAL A CA  1 
ATOM   278 C  C   . VAL A 1 31 ? -2.737  6.767   7.589   1.00 27.69 ? 417 VAL A C   1 
ATOM   279 O  O   . VAL A 1 31 ? -3.077  6.278   6.498   1.00 27.79 ? 417 VAL A O   1 
ATOM   280 C  CB  . VAL A 1 31 ? -2.340  5.283   9.627   1.00 27.19 ? 417 VAL A CB  1 
ATOM   281 C  CG1 . VAL A 1 31 ? -3.685  4.711   9.208   1.00 29.46 ? 417 VAL A CG1 1 
ATOM   282 C  CG2 . VAL A 1 31 ? -1.399  4.185   10.099  1.00 25.71 ? 417 VAL A CG2 1 
ATOM   283 N  N   . GLU A 1 32 ? -3.233  7.922   8.037   1.00 28.52 ? 418 GLU A N   1 
ATOM   284 C  CA  . GLU A 1 32 ? -4.284  8.594   7.255   1.00 30.86 ? 418 GLU A CA  1 
ATOM   285 C  C   . GLU A 1 32 ? -3.755  9.054   5.890   1.00 29.69 ? 418 GLU A C   1 
ATOM   286 O  O   . GLU A 1 32 ? -4.437  8.916   4.886   1.00 29.52 ? 418 GLU A O   1 
ATOM   287 C  CB  . GLU A 1 32 ? -4.903  9.757   8.036   1.00 32.81 ? 418 GLU A CB  1 
ATOM   288 C  CG  . GLU A 1 32 ? -5.753  9.329   9.260   1.00 39.73 ? 418 GLU A CG  1 
ATOM   289 C  CD  . GLU A 1 32 ? -6.202  10.539  10.115  1.00 48.79 ? 418 GLU A CD  1 
ATOM   290 O  OE1 . GLU A 1 32 ? -6.390  11.661  9.557   1.00 52.41 ? 418 GLU A OE1 1 
ATOM   291 O  OE2 . GLU A 1 32 ? -6.368  10.372  11.356  1.00 53.87 ? 418 GLU A OE2 1 
ATOM   292 N  N   . ASP A 1 33 ? -2.516  9.542   5.853   1.00 29.14 ? 419 ASP A N   1 
ATOM   293 C  CA  . ASP A 1 33 ? -1.896  9.927   4.589   1.00 29.70 ? 419 ASP A CA  1 
ATOM   294 C  C   . ASP A 1 33 ? -1.717  8.729   3.687   1.00 28.08 ? 419 ASP A C   1 
ATOM   295 O  O   . ASP A 1 33 ? -1.938  8.817   2.462   1.00 28.26 ? 419 ASP A O   1 
ATOM   296 C  CB  . ASP A 1 33 ? -0.533  10.584  4.852   1.00 30.84 ? 419 ASP A CB  1 
ATOM   297 C  CG  . ASP A 1 33 ? -0.616  11.675  5.895   1.00 35.67 ? 419 ASP A CG  1 
ATOM   298 O  OD1 . ASP A 1 33 ? -0.698  12.827  5.469   1.00 39.30 ? 419 ASP A OD1 1 
ATOM   299 O  OD2 . ASP A 1 33 ? -0.620  11.394  7.145   1.00 37.80 ? 419 ASP A OD2 1 
ATOM   300 N  N   . PHE A 1 34 ? -1.307  7.599   4.280   1.00 26.23 ? 420 PHE A N   1 
ATOM   301 C  CA  . PHE A 1 34 ? -1.144  6.366   3.512   1.00 24.63 ? 420 PHE A CA  1 
ATOM   302 C  C   . PHE A 1 34 ? -2.488  5.953   2.864   1.00 24.99 ? 420 PHE A C   1 
ATOM   303 O  O   . PHE A 1 34 ? -2.549  5.625   1.662   1.00 25.07 ? 420 PHE A O   1 
ATOM   304 C  CB  . PHE A 1 34 ? -0.575  5.285   4.441   1.00 23.69 ? 420 PHE A CB  1 
ATOM   305 C  CG  . PHE A 1 34 ? -0.531  3.932   3.829   1.00 21.34 ? 420 PHE A CG  1 
ATOM   306 C  CD1 . PHE A 1 34 ? 0.550   3.547   3.021   1.00 23.37 ? 420 PHE A CD1 1 
ATOM   307 C  CD2 . PHE A 1 34 ? -1.548  3.016   4.090   1.00 22.76 ? 420 PHE A CD2 1 
ATOM   308 C  CE1 . PHE A 1 34 ? 0.580   2.244   2.429   1.00 23.42 ? 420 PHE A CE1 1 
ATOM   309 C  CE2 . PHE A 1 34 ? -1.517  1.736   3.536   1.00 22.53 ? 420 PHE A CE2 1 
ATOM   310 C  CZ  . PHE A 1 34 ? -0.455  1.332   2.714   1.00 23.98 ? 420 PHE A CZ  1 
HETATM 311 N  N   . MSE A 1 35 ? -3.556  5.922   3.655   1.00 25.27 ? 421 MSE A N   1 
HETATM 312 C  CA  . MSE A 1 35 ? -4.891  5.575   3.115   1.00 26.01 ? 421 MSE A CA  1 
HETATM 313 C  C   . MSE A 1 35 ? -5.324  6.490   1.971   1.00 26.06 ? 421 MSE A C   1 
HETATM 314 O  O   . MSE A 1 35 ? -5.859  6.009   0.961   1.00 26.49 ? 421 MSE A O   1 
HETATM 315 C  CB  . MSE A 1 35 ? -5.968  5.565   4.219   1.00 27.15 ? 421 MSE A CB  1 
HETATM 316 C  CG  . MSE A 1 35 ? -5.717  4.538   5.328   1.00 27.23 ? 421 MSE A CG  1 
HETATM 317 SE SE  . MSE A 1 35 ? -5.479  2.723   4.738   0.75 26.45 ? 421 MSE A SE  1 
HETATM 318 C  CE  . MSE A 1 35 ? -7.275  2.374   4.185   1.00 26.82 ? 421 MSE A CE  1 
ATOM   319 N  N   . ALA A 1 36 ? -5.027  7.785   2.095   1.00 26.90 ? 422 ALA A N   1 
ATOM   320 C  CA  . ALA A 1 36 ? -5.449  8.767   1.123   1.00 28.00 ? 422 ALA A CA  1 
ATOM   321 C  C   . ALA A 1 36 ? -4.730  8.616   -0.203  1.00 28.42 ? 422 ALA A C   1 
ATOM   322 O  O   . ALA A 1 36 ? -5.150  9.238   -1.212  1.00 29.23 ? 422 ALA A O   1 
ATOM   323 C  CB  . ALA A 1 36 ? -5.210  10.130  1.666   1.00 29.66 ? 422 ALA A CB  1 
ATOM   324 N  N   . ALA A 1 37 ? -3.650  7.825   -0.207  1.00 27.95 ? 423 ALA A N   1 
ATOM   325 C  CA  . ALA A 1 37 ? -2.903  7.575   -1.449  1.00 28.02 ? 423 ALA A CA  1 
ATOM   326 C  C   . ALA A 1 37 ? -3.648  6.702   -2.473  1.00 28.29 ? 423 ALA A C   1 
ATOM   327 O  O   . ALA A 1 37 ? -3.307  6.704   -3.667  1.00 29.74 ? 423 ALA A O   1 
ATOM   328 C  CB  . ALA A 1 37 ? -1.547  6.992   -1.155  1.00 29.08 ? 423 ALA A CB  1 
ATOM   329 N  N   . PHE A 1 38 ? -4.653  5.959   -2.032  1.00 27.32 ? 424 PHE A N   1 
ATOM   330 C  CA  . PHE A 1 38 ? -5.288  4.950   -2.904  1.00 27.12 ? 424 PHE A CA  1 
ATOM   331 C  C   . PHE A 1 38 ? -6.676  5.409   -3.388  1.00 28.37 ? 424 PHE A C   1 
ATOM   332 O  O   . PHE A 1 38 ? -7.443  6.032   -2.646  1.00 29.58 ? 424 PHE A O   1 
ATOM   333 C  CB  . PHE A 1 38 ? -5.409  3.610   -2.148  1.00 26.50 ? 424 PHE A CB  1 
ATOM   334 C  CG  . PHE A 1 38 ? -4.094  3.079   -1.685  1.00 24.83 ? 424 PHE A CG  1 
ATOM   335 C  CD1 . PHE A 1 38 ? -3.309  2.308   -2.541  1.00 21.93 ? 424 PHE A CD1 1 
ATOM   336 C  CD2 . PHE A 1 38 ? -3.636  3.331   -0.391  1.00 27.13 ? 424 PHE A CD2 1 
ATOM   337 C  CE1 . PHE A 1 38 ? -2.055  1.813   -2.127  1.00 24.47 ? 424 PHE A CE1 1 
ATOM   338 C  CE2 . PHE A 1 38 ? -2.379  2.854   0.042   1.00 25.25 ? 424 PHE A CE2 1 
ATOM   339 C  CZ  . PHE A 1 38 ? -1.587  2.088   -0.813  1.00 24.45 ? 424 PHE A CZ  1 
ATOM   340 N  N   . ASP A 1 39 ? -7.009  5.081   -4.624  1.00 28.01 ? 425 ASP A N   1 
ATOM   341 C  CA  . ASP A 1 39 ? -8.349  5.343   -5.136  1.00 29.08 ? 425 ASP A CA  1 
ATOM   342 C  C   . ASP A 1 39 ? -9.128  4.029   -5.092  1.00 28.54 ? 425 ASP A C   1 
ATOM   343 O  O   . ASP A 1 39 ? -9.088  3.223   -6.044  1.00 29.15 ? 425 ASP A O   1 
ATOM   344 C  CB  . ASP A 1 39 ? -8.260  5.836   -6.580  1.00 29.72 ? 425 ASP A CB  1 
ATOM   345 C  CG  . ASP A 1 39 ? -9.637  6.072   -7.211  1.00 33.40 ? 425 ASP A CG  1 
ATOM   346 O  OD1 . ASP A 1 39 ? -10.673 5.913   -6.503  1.00 34.88 ? 425 ASP A OD1 1 
ATOM   347 O  OD2 . ASP A 1 39 ? -9.689  6.397   -8.437  1.00 38.41 ? 425 ASP A OD2 1 
ATOM   348 N  N   . PHE A 1 40 ? -9.841  3.811   -3.993  1.00 29.03 ? 426 PHE A N   1 
ATOM   349 C  CA  . PHE A 1 40 ? -10.527 2.548   -3.770  1.00 29.67 ? 426 PHE A CA  1 
ATOM   350 C  C   . PHE A 1 40 ? -11.732 2.372   -4.695  1.00 30.92 ? 426 PHE A C   1 
ATOM   351 O  O   . PHE A 1 40 ? -12.181 1.241   -4.922  1.00 32.90 ? 426 PHE A O   1 
ATOM   352 C  CB  . PHE A 1 40 ? -10.933 2.422   -2.291  1.00 29.06 ? 426 PHE A CB  1 
ATOM   353 C  CG  . PHE A 1 40 ? -9.759  2.412   -1.349  1.00 27.97 ? 426 PHE A CG  1 
ATOM   354 C  CD1 . PHE A 1 40 ? -8.827  1.363   -1.353  1.00 26.26 ? 426 PHE A CD1 1 
ATOM   355 C  CD2 . PHE A 1 40 ? -9.553  3.476   -0.485  1.00 29.94 ? 426 PHE A CD2 1 
ATOM   356 C  CE1 . PHE A 1 40 ? -7.719  1.380   -0.496  1.00 24.85 ? 426 PHE A CE1 1 
ATOM   357 C  CE2 . PHE A 1 40 ? -8.467  3.490   0.387   1.00 28.67 ? 426 PHE A CE2 1 
ATOM   358 C  CZ  . PHE A 1 40 ? -7.549  2.444   0.383   1.00 25.81 ? 426 PHE A CZ  1 
ATOM   359 N  N   . ARG A 1 41 ? -12.230 3.459   -5.264  1.00 32.72 ? 427 ARG A N   1 
ATOM   360 C  CA  . ARG A 1 41 ? -13.477 3.371   -6.045  1.00 34.86 ? 427 ARG A CA  1 
ATOM   361 C  C   . ARG A 1 41 ? -13.272 3.086   -7.523  1.00 34.10 ? 427 ARG A C   1 
ATOM   362 O  O   . ARG A 1 41 ? -14.243 2.842   -8.235  1.00 34.50 ? 427 ARG A O   1 
ATOM   363 C  CB  . ARG A 1 41 ? -14.355 4.616   -5.838  1.00 37.45 ? 427 ARG A CB  1 
ATOM   364 C  CG  . ARG A 1 41 ? -14.771 4.809   -4.363  1.00 42.15 ? 427 ARG A CG  1 
ATOM   365 C  CD  . ARG A 1 41 ? -15.967 5.763   -4.167  1.00 51.91 ? 427 ARG A CD  1 
ATOM   366 N  NE  . ARG A 1 41 ? -15.900 7.048   -4.890  1.00 59.72 ? 427 ARG A NE  1 
ATOM   367 C  CZ  . ARG A 1 41 ? -14.818 7.824   -5.038  1.00 62.39 ? 427 ARG A CZ  1 
ATOM   368 N  NH1 . ARG A 1 41 ? -13.635 7.497   -4.504  1.00 65.01 ? 427 ARG A NH1 1 
ATOM   369 N  NH2 . ARG A 1 41 ? -14.919 8.952   -5.736  1.00 64.39 ? 427 ARG A NH2 1 
ATOM   370 N  N   . GLU A 1 42 ? -12.008 3.038   -7.965  1.00 32.68 ? 428 GLU A N   1 
ATOM   371 C  CA  . GLU A 1 42 ? -11.701 2.807   -9.383  1.00 32.01 ? 428 GLU A CA  1 
ATOM   372 C  C   . GLU A 1 42 ? -12.199 1.415   -9.810  1.00 32.01 ? 428 GLU A C   1 
ATOM   373 O  O   . GLU A 1 42 ? -12.080 0.438   -9.046  1.00 31.81 ? 428 GLU A O   1 
ATOM   374 C  CB  . GLU A 1 42 ? -10.192 2.934   -9.605  1.00 30.68 ? 428 GLU A CB  1 
ATOM   375 C  CG  . GLU A 1 42 ? -9.801  2.986   -11.083 1.00 32.20 ? 428 GLU A CG  1 
ATOM   376 C  CD  . GLU A 1 42 ? -8.324  3.234   -11.301 1.00 29.81 ? 428 GLU A CD  1 
ATOM   377 O  OE1 . GLU A 1 42 ? -7.540  3.157   -10.324 1.00 32.20 ? 428 GLU A OE1 1 
ATOM   378 O  OE2 . GLU A 1 42 ? -7.954  3.535   -12.459 1.00 31.57 ? 428 GLU A OE2 1 
ATOM   379 N  N   . ALA A 1 43 ? -12.781 1.340   -11.004 1.00 31.71 ? 429 ALA A N   1 
ATOM   380 C  CA  . ALA A 1 43 ? -13.188 0.077   -11.588 1.00 32.80 ? 429 ALA A CA  1 
ATOM   381 C  C   . ALA A 1 43 ? -11.949 -0.711  -12.041 1.00 32.60 ? 429 ALA A C   1 
ATOM   382 O  O   . ALA A 1 43 ? -11.412 -0.435  -13.118 1.00 33.43 ? 429 ALA A O   1 
ATOM   383 C  CB  . ALA A 1 43 ? -14.085 0.348   -12.787 1.00 33.36 ? 429 ALA A CB  1 
ATOM   384 N  N   . LEU A 1 44 ? -11.542 -1.698  -11.242 1.00 32.14 ? 430 LEU A N   1 
ATOM   385 C  CA  . LEU A 1 44 ? -10.331 -2.482  -11.510 1.00 30.65 ? 430 LEU A CA  1 
ATOM   386 C  C   . LEU A 1 44 ? -10.619 -3.976  -11.369 1.00 31.42 ? 430 LEU A C   1 
ATOM   387 O  O   . LEU A 1 44 ? -11.405 -4.383  -10.523 1.00 33.43 ? 430 LEU A O   1 
ATOM   388 C  CB  . LEU A 1 44 ? -9.187  -2.100  -10.570 1.00 30.23 ? 430 LEU A CB  1 
ATOM   389 C  CG  . LEU A 1 44 ? -8.637  -0.681  -10.739 1.00 28.65 ? 430 LEU A CG  1 
ATOM   390 C  CD1 . LEU A 1 44 ? -7.617  -0.343  -9.648  1.00 27.73 ? 430 LEU A CD1 1 
ATOM   391 C  CD2 . LEU A 1 44 ? -8.018  -0.525  -12.135 1.00 27.91 ? 430 LEU A CD2 1 
ATOM   392 N  N   . ASP A 1 45 ? -9.967  -4.797  -12.169 1.00 30.58 ? 431 ASP A N   1 
ATOM   393 C  CA  . ASP A 1 45 ? -10.008 -6.247  -11.915 1.00 31.22 ? 431 ASP A CA  1 
ATOM   394 C  C   . ASP A 1 45 ? -8.922  -6.658  -10.926 1.00 30.05 ? 431 ASP A C   1 
ATOM   395 O  O   . ASP A 1 45 ? -9.112  -7.575  -10.142 1.00 30.49 ? 431 ASP A O   1 
ATOM   396 C  CB  . ASP A 1 45 ? -9.832  -7.006  -13.206 1.00 32.83 ? 431 ASP A CB  1 
ATOM   397 C  CG  . ASP A 1 45 ? -11.028 -6.865  -14.132 1.00 36.30 ? 431 ASP A CG  1 
ATOM   398 O  OD1 . ASP A 1 45 ? -12.156 -6.527  -13.685 1.00 39.86 ? 431 ASP A OD1 1 
ATOM   399 O  OD2 . ASP A 1 45 ? -10.819 -7.085  -15.321 1.00 40.46 ? 431 ASP A OD2 1 
ATOM   400 N  N   . ARG A 1 46 ? -7.775  -5.981  -10.971 1.00 28.67 ? 432 ARG A N   1 
ATOM   401 C  CA  . ARG A 1 46 ? -6.616  -6.382  -10.149 1.00 28.57 ? 432 ARG A CA  1 
ATOM   402 C  C   . ARG A 1 46 ? -5.915  -5.165  -9.610  1.00 26.99 ? 432 ARG A C   1 
ATOM   403 O  O   . ARG A 1 46 ? -5.832  -4.145  -10.280 1.00 26.88 ? 432 ARG A O   1 
ATOM   404 C  CB  . ARG A 1 46 ? -5.625  -7.213  -10.966 1.00 29.15 ? 432 ARG A CB  1 
ATOM   405 C  CG  . ARG A 1 46 ? -6.179  -8.555  -11.382 1.00 33.55 ? 432 ARG A CG  1 
ATOM   406 C  CD  . ARG A 1 46 ? -5.223  -9.343  -12.320 1.00 39.19 ? 432 ARG A CD  1 
ATOM   407 N  NE  . ARG A 1 46 ? -4.733  -8.554  -13.458 1.00 42.48 ? 432 ARG A NE  1 
ATOM   408 C  CZ  . ARG A 1 46 ? -5.428  -8.309  -14.563 1.00 43.24 ? 432 ARG A CZ  1 
ATOM   409 N  NH1 . ARG A 1 46 ? -6.665  -8.795  -14.710 1.00 45.52 ? 432 ARG A NH1 1 
ATOM   410 N  NH2 . ARG A 1 46 ? -4.878  -7.598  -15.536 1.00 44.98 ? 432 ARG A NH2 1 
ATOM   411 N  N   . VAL A 1 47 ? -5.401  -5.290  -8.387  1.00 25.94 ? 433 VAL A N   1 
ATOM   412 C  CA  . VAL A 1 47 ? -4.574  -4.268  -7.799  1.00 24.54 ? 433 VAL A CA  1 
ATOM   413 C  C   . VAL A 1 47 ? -3.345  -4.966  -7.250  1.00 24.57 ? 433 VAL A C   1 
ATOM   414 O  O   . VAL A 1 47 ? -3.455  -6.000  -6.576  1.00 24.52 ? 433 VAL A O   1 
ATOM   415 C  CB  . VAL A 1 47 ? -5.320  -3.500  -6.665  1.00 24.82 ? 433 VAL A CB  1 
ATOM   416 C  CG1 . VAL A 1 47 ? -4.365  -2.569  -5.916  1.00 26.53 ? 433 VAL A CG1 1 
ATOM   417 C  CG2 . VAL A 1 47 ? -6.488  -2.721  -7.251  1.00 25.51 ? 433 VAL A CG2 1 
ATOM   418 N  N   . VAL A 1 48 ? -2.179  -4.390  -7.505  1.00 24.42 ? 434 VAL A N   1 
ATOM   419 C  CA  . VAL A 1 48 ? -0.951  -4.839  -6.851  1.00 24.59 ? 434 VAL A CA  1 
ATOM   420 C  C   . VAL A 1 48 ? -0.505  -3.698  -5.944  1.00 23.99 ? 434 VAL A C   1 
ATOM   421 O  O   . VAL A 1 48 ? -0.447  -2.545  -6.387  1.00 24.49 ? 434 VAL A O   1 
ATOM   422 C  CB  . VAL A 1 48 ? 0.139   -5.133  -7.891  1.00 25.51 ? 434 VAL A CB  1 
ATOM   423 C  CG1 . VAL A 1 48 ? 1.469   -5.506  -7.190  1.00 25.48 ? 434 VAL A CG1 1 
ATOM   424 C  CG2 . VAL A 1 48 ? -0.343  -6.221  -8.847  1.00 28.61 ? 434 VAL A CG2 1 
ATOM   425 N  N   . ILE A 1 49 ? -0.174  -4.011  -4.689  1.00 22.87 ? 435 ILE A N   1 
ATOM   426 C  CA  . ILE A 1 49 ? 0.472   -3.006  -3.814  1.00 22.09 ? 435 ILE A CA  1 
ATOM   427 C  C   . ILE A 1 49 ? 1.887   -3.475  -3.539  1.00 21.99 ? 435 ILE A C   1 
ATOM   428 O  O   . ILE A 1 49 ? 2.104   -4.481  -2.842  1.00 23.16 ? 435 ILE A O   1 
ATOM   429 C  CB  . ILE A 1 49 ? -0.317  -2.765  -2.518  1.00 22.20 ? 435 ILE A CB  1 
ATOM   430 C  CG1 . ILE A 1 49 ? -1.787  -2.386  -2.832  1.00 21.72 ? 435 ILE A CG1 1 
ATOM   431 C  CG2 . ILE A 1 49 ? 0.361   -1.675  -1.647  1.00 22.88 ? 435 ILE A CG2 1 
ATOM   432 C  CD1 . ILE A 1 49 ? -2.597  -2.215  -1.557  1.00 23.02 ? 435 ILE A CD1 1 
ATOM   433 N  N   . ASP A 1 50 ? 2.848   -2.737  -4.095  1.00 21.17 ? 436 ASP A N   1 
ATOM   434 C  CA  . ASP A 1 50 ? 4.245   -3.116  -4.059  1.00 21.78 ? 436 ASP A CA  1 
ATOM   435 C  C   . ASP A 1 50 ? 4.881   -2.339  -2.922  1.00 21.01 ? 436 ASP A C   1 
ATOM   436 O  O   . ASP A 1 50 ? 5.061   -1.117  -3.023  1.00 21.37 ? 436 ASP A O   1 
ATOM   437 C  CB  . ASP A 1 50 ? 4.919   -2.806  -5.410  1.00 22.56 ? 436 ASP A CB  1 
ATOM   438 C  CG  . ASP A 1 50 ? 6.383   -3.248  -5.462  1.00 24.84 ? 436 ASP A CG  1 
ATOM   439 O  OD1 . ASP A 1 50 ? 7.084   -3.249  -4.437  1.00 25.86 ? 436 ASP A OD1 1 
ATOM   440 O  OD2 . ASP A 1 50 ? 6.845   -3.568  -6.572  1.00 30.40 ? 436 ASP A OD2 1 
ATOM   441 N  N   . VAL A 1 51 ? 5.227   -3.039  -1.845  1.00 19.63 ? 437 VAL A N   1 
ATOM   442 C  CA  . VAL A 1 51 ? 5.897   -2.392  -0.703  1.00 18.50 ? 437 VAL A CA  1 
ATOM   443 C  C   . VAL A 1 51 ? 7.400   -2.803  -0.587  1.00 19.62 ? 437 VAL A C   1 
ATOM   444 O  O   . VAL A 1 51 ? 8.036   -2.585  0.453   1.00 20.41 ? 437 VAL A O   1 
ATOM   445 C  CB  . VAL A 1 51 ? 5.131   -2.677  0.631   1.00 19.75 ? 437 VAL A CB  1 
ATOM   446 C  CG1 . VAL A 1 51 ? 3.745   -2.028  0.577   1.00 20.92 ? 437 VAL A CG1 1 
ATOM   447 C  CG2 . VAL A 1 51 ? 5.044   -4.208  0.922   1.00 19.46 ? 437 VAL A CG2 1 
ATOM   448 N  N   . SER A 1 52 ? 7.968   -3.327  -1.662  1.00 20.93 ? 438 SER A N   1 
ATOM   449 C  CA  . SER A 1 52 ? 9.363   -3.833  -1.647  1.00 22.12 ? 438 SER A CA  1 
ATOM   450 C  C   . SER A 1 52 ? 10.361  -2.756  -1.291  1.00 22.60 ? 438 SER A C   1 
ATOM   451 O  O   . SER A 1 52 ? 11.433  -3.061  -0.757  1.00 23.57 ? 438 SER A O   1 
ATOM   452 C  CB  . SER A 1 52 ? 9.742   -4.442  -3.004  1.00 24.17 ? 438 SER A CB  1 
ATOM   453 O  OG  . SER A 1 52 ? 9.693   -3.458  -4.039  1.00 24.93 ? 438 SER A OG  1 
ATOM   454 N  N   . ARG A 1 53 ? 10.008  -1.501  -1.600  1.00 23.23 ? 439 ARG A N   1 
ATOM   455 C  CA  . ARG A 1 53 ? 10.896  -0.365  -1.362  1.00 23.73 ? 439 ARG A CA  1 
ATOM   456 C  C   . ARG A 1 53 ? 10.478  0.454   -0.136  1.00 23.77 ? 439 ARG A C   1 
ATOM   457 O  O   . ARG A 1 53 ? 10.915  1.605   0.050   1.00 26.13 ? 439 ARG A O   1 
ATOM   458 C  CB  . ARG A 1 53 ? 11.028  0.486   -2.622  1.00 24.44 ? 439 ARG A CB  1 
ATOM   459 C  CG  . ARG A 1 53 ? 11.613  -0.398  -3.704  1.00 27.40 ? 439 ARG A CG  1 
ATOM   460 C  CD  . ARG A 1 53 ? 12.034  0.335   -4.904  1.00 37.78 ? 439 ARG A CD  1 
ATOM   461 N  NE  . ARG A 1 53 ? 12.480  -0.585  -5.955  1.00 43.17 ? 439 ARG A NE  1 
ATOM   462 C  CZ  . ARG A 1 53 ? 13.244  -0.204  -6.983  1.00 46.27 ? 439 ARG A CZ  1 
ATOM   463 N  NH1 . ARG A 1 53 ? 13.651  1.073   -7.073  1.00 48.93 ? 439 ARG A NH1 1 
ATOM   464 N  NH2 . ARG A 1 53 ? 13.613  -1.082  -7.910  1.00 46.92 ? 439 ARG A NH2 1 
ATOM   465 N  N   . ALA A 1 54 ? 9.644   -0.147  0.714   1.00 21.51 ? 440 ALA A N   1 
ATOM   466 C  CA  . ALA A 1 54 ? 9.176   0.563   1.906   1.00 21.24 ? 440 ALA A CA  1 
ATOM   467 C  C   . ALA A 1 54 ? 9.603   -0.180  3.168   1.00 20.42 ? 440 ALA A C   1 
ATOM   468 O  O   . ALA A 1 54 ? 9.986   -1.355  3.107   1.00 21.43 ? 440 ALA A O   1 
ATOM   469 C  CB  . ALA A 1 54 ? 7.629   0.656   1.847   1.00 20.58 ? 440 ALA A CB  1 
ATOM   470 N  N   . HIS A 1 55 ? 9.515   0.496   4.318   1.00 19.43 ? 441 HIS A N   1 
ATOM   471 C  CA  . HIS A 1 55 ? 9.780   -0.127  5.619   1.00 19.47 ? 441 HIS A CA  1 
ATOM   472 C  C   . HIS A 1 55 ? 8.556   0.093   6.497   1.00 19.39 ? 441 HIS A C   1 
ATOM   473 O  O   . HIS A 1 55 ? 8.151   1.226   6.690   1.00 21.38 ? 441 HIS A O   1 
ATOM   474 C  CB  . HIS A 1 55 ? 10.997  0.526   6.304   1.00 18.35 ? 441 HIS A CB  1 
ATOM   475 C  CG  . HIS A 1 55 ? 12.255  0.392   5.506   1.00 20.03 ? 441 HIS A CG  1 
ATOM   476 N  ND1 . HIS A 1 55 ? 12.780  -0.843  5.147   1.00 20.38 ? 441 HIS A ND1 1 
ATOM   477 C  CD2 . HIS A 1 55 ? 13.081  1.330   4.969   1.00 21.22 ? 441 HIS A CD2 1 
ATOM   478 C  CE1 . HIS A 1 55 ? 13.885  -0.649  4.439   1.00 21.73 ? 441 HIS A CE1 1 
ATOM   479 N  NE2 . HIS A 1 55 ? 14.086  0.656   4.318   1.00 22.54 ? 441 HIS A NE2 1 
ATOM   480 N  N   . ILE A 1 56 ? 7.937   -0.994  6.939   1.00 19.87 ? 442 ILE A N   1 
ATOM   481 C  CA  . ILE A 1 56 ? 6.806   -0.906  7.856   1.00 20.15 ? 442 ILE A CA  1 
ATOM   482 C  C   . ILE A 1 56 ? 7.342   -0.925  9.270   1.00 19.62 ? 442 ILE A C   1 
ATOM   483 O  O   . ILE A 1 56 ? 8.055   -1.881  9.659   1.00 21.82 ? 442 ILE A O   1 
ATOM   484 C  CB  . ILE A 1 56 ? 5.834   -2.074  7.631   1.00 20.86 ? 442 ILE A CB  1 
ATOM   485 C  CG1 . ILE A 1 56 ? 5.267   -2.044  6.192   1.00 19.62 ? 442 ILE A CG1 1 
ATOM   486 C  CG2 . ILE A 1 56 ? 4.712   -1.985  8.673   1.00 22.99 ? 442 ILE A CG2 1 
ATOM   487 C  CD1 . ILE A 1 56 ? 4.598   -3.416  5.761   1.00 22.11 ? 442 ILE A CD1 1 
ATOM   488 N  N   . TRP A 1 57 ? 7.042   0.104   10.073  1.00 20.50 ? 443 TRP A N   1 
ATOM   489 C  CA  . TRP A 1 57 ? 7.710   0.191   11.382  1.00 20.48 ? 443 TRP A CA  1 
ATOM   490 C  C   . TRP A 1 57 ? 6.892   -0.247  12.593  1.00 21.87 ? 443 TRP A C   1 
ATOM   491 O  O   . TRP A 1 57 ? 7.445   -0.393  13.714  1.00 23.83 ? 443 TRP A O   1 
ATOM   492 C  CB  . TRP A 1 57 ? 8.194   1.638   11.583  1.00 20.54 ? 443 TRP A CB  1 
ATOM   493 C  CG  . TRP A 1 57 ? 9.365   1.943   10.705  1.00 19.80 ? 443 TRP A CG  1 
ATOM   494 C  CD1 . TRP A 1 57 ? 9.352   2.587   9.510   1.00 18.94 ? 443 TRP A CD1 1 
ATOM   495 C  CD2 . TRP A 1 57 ? 10.730  1.546   10.944  1.00 19.77 ? 443 TRP A CD2 1 
ATOM   496 N  NE1 . TRP A 1 57 ? 10.637  2.691   9.006   1.00 20.39 ? 443 TRP A NE1 1 
ATOM   497 C  CE2 . TRP A 1 57 ? 11.502  2.034   9.858   1.00 21.64 ? 443 TRP A CE2 1 
ATOM   498 C  CE3 . TRP A 1 57 ? 11.372  0.853   11.992  1.00 19.52 ? 443 TRP A CE3 1 
ATOM   499 C  CZ2 . TRP A 1 57 ? 12.896  1.843   9.776   1.00 21.76 ? 443 TRP A CZ2 1 
ATOM   500 C  CZ3 . TRP A 1 57 ? 12.766  0.635   11.910  1.00 21.35 ? 443 TRP A CZ3 1 
ATOM   501 C  CH2 . TRP A 1 57 ? 13.515  1.134   10.806  1.00 23.28 ? 443 TRP A CH2 1 
ATOM   502 N  N   . ASP A 1 58 ? 5.583   -0.427  12.404  1.00 21.36 ? 444 ASP A N   1 
ATOM   503 C  CA  . ASP A 1 58 ? 4.728   -0.754  13.528  1.00 21.34 ? 444 ASP A CA  1 
ATOM   504 C  C   . ASP A 1 58 ? 3.481   -1.487  13.084  1.00 21.87 ? 444 ASP A C   1 
ATOM   505 O  O   . ASP A 1 58 ? 3.171   -1.569  11.869  1.00 19.91 ? 444 ASP A O   1 
ATOM   506 C  CB  . ASP A 1 58 ? 4.368   0.518   14.347  1.00 21.38 ? 444 ASP A CB  1 
ATOM   507 C  CG  . ASP A 1 58 ? 3.839   1.669   13.475  1.00 22.06 ? 444 ASP A CG  1 
ATOM   508 O  OD1 . ASP A 1 58 ? 2.906   1.456   12.661  1.00 23.99 ? 444 ASP A OD1 1 
ATOM   509 O  OD2 . ASP A 1 58 ? 4.320   2.817   13.670  1.00 23.43 ? 444 ASP A OD2 1 
ATOM   510 N  N   A ILE A 1 59 ? 2.745   -2.025  14.055  0.50 21.93 ? 445 ILE A N   1 
ATOM   511 N  N   B ILE A 1 59 ? 2.768   -2.029  14.078  0.50 22.19 ? 445 ILE A N   1 
ATOM   512 C  CA  A ILE A 1 59 ? 1.629   -2.891  13.711  0.50 22.42 ? 445 ILE A CA  1 
ATOM   513 C  CA  B ILE A 1 59 ? 1.599   -2.862  13.818  0.50 22.93 ? 445 ILE A CA  1 
ATOM   514 C  C   A ILE A 1 59 ? 0.424   -2.073  13.201  0.50 22.38 ? 445 ILE A C   1 
ATOM   515 C  C   B ILE A 1 59 ? 0.472   -2.051  13.178  0.50 22.60 ? 445 ILE A C   1 
ATOM   516 O  O   A ILE A 1 59 ? -0.333  -2.550  12.366  0.50 21.93 ? 445 ILE A O   1 
ATOM   517 O  O   B ILE A 1 59 ? -0.181  -2.509  12.249  0.50 21.84 ? 445 ILE A O   1 
ATOM   518 C  CB  A ILE A 1 59 ? 1.284   -3.823  14.882  0.50 22.10 ? 445 ILE A CB  1 
ATOM   519 C  CB  B ILE A 1 59 ? 1.115   -3.552  15.098  0.50 23.26 ? 445 ILE A CB  1 
ATOM   520 C  CG1 A ILE A 1 59 ? 0.622   -5.111  14.373  0.50 23.05 ? 445 ILE A CG1 1 
ATOM   521 C  CG1 B ILE A 1 59 ? 2.100   -4.659  15.481  0.50 23.98 ? 445 ILE A CG1 1 
ATOM   522 C  CG2 A ILE A 1 59 ? 0.444   -3.107  15.880  0.50 22.47 ? 445 ILE A CG2 1 
ATOM   523 C  CG2 B ILE A 1 59 ? -0.283  -4.118  14.871  0.50 23.23 ? 445 ILE A CG2 1 
ATOM   524 C  CD1 A ILE A 1 59 ? 1.554   -5.918  13.449  0.50 22.94 ? 445 ILE A CD1 1 
ATOM   525 C  CD1 B ILE A 1 59 ? 1.875   -5.262  16.872  0.50 25.19 ? 445 ILE A CD1 1 
ATOM   526 N  N   . SER A 1 60 ? 0.293   -0.820  13.626  1.00 22.93 ? 446 SER A N   1 
ATOM   527 C  CA  . SER A 1 60 ? -0.743  0.061   13.043  1.00 23.84 ? 446 SER A CA  1 
ATOM   528 C  C   . SER A 1 60 ? -0.551  0.228   11.538  1.00 22.32 ? 446 SER A C   1 
ATOM   529 O  O   . SER A 1 60 ? -1.534  0.256   10.771  1.00 22.82 ? 446 SER A O   1 
ATOM   530 C  CB  . SER A 1 60 ? -0.722  1.431   13.722  1.00 24.83 ? 446 SER A CB  1 
ATOM   531 O  OG  . SER A 1 60 ? -1.012  1.303   15.120  1.00 30.41 ? 446 SER A OG  1 
ATOM   532 N  N   . SER A 1 61 ? 0.712   0.295   11.104  1.00 21.55 ? 447 SER A N   1 
ATOM   533 C  CA  . SER A 1 61 ? 1.004   0.515   9.689   1.00 20.06 ? 447 SER A CA  1 
ATOM   534 C  C   . SER A 1 61 ? 0.763   -0.768  8.939   1.00 19.60 ? 447 SER A C   1 
ATOM   535 O  O   . SER A 1 61 ? 0.288   -0.741  7.795   1.00 19.81 ? 447 SER A O   1 
ATOM   536 C  CB  . SER A 1 61 ? 2.442   1.038   9.517   1.00 19.70 ? 447 SER A CB  1 
ATOM   537 O  OG  . SER A 1 61 ? 2.512   2.320   10.115  1.00 21.92 ? 447 SER A OG  1 
ATOM   538 N  N   . VAL A 1 62 ? 1.048   -1.909  9.580   1.00 19.09 ? 448 VAL A N   1 
ATOM   539 C  CA  . VAL A 1 62 ? 0.633   -3.214  8.971   1.00 19.39 ? 448 VAL A CA  1 
ATOM   540 C  C   . VAL A 1 62 ? -0.906  -3.262  8.790   1.00 20.48 ? 448 VAL A C   1 
ATOM   541 O  O   . VAL A 1 62 ? -1.426  -3.643  7.720   1.00 20.14 ? 448 VAL A O   1 
ATOM   542 C  CB  . VAL A 1 62 ? 1.029   -4.427  9.849   1.00 19.45 ? 448 VAL A CB  1 
ATOM   543 C  CG1 . VAL A 1 62 ? 0.515   -5.704  9.212   1.00 20.85 ? 448 VAL A CG1 1 
ATOM   544 C  CG2 . VAL A 1 62 ? 2.549   -4.492  10.005  1.00 19.97 ? 448 VAL A CG2 1 
ATOM   545 N  N   . GLN A 1 63 ? -1.626  -2.885  9.857   1.00 21.20 ? 449 GLN A N   1 
ATOM   546 C  CA  . GLN A 1 63 ? -3.112  -2.942  9.812   1.00 21.13 ? 449 GLN A CA  1 
ATOM   547 C  C   . GLN A 1 63 ? -3.649  -1.983  8.756   1.00 21.42 ? 449 GLN A C   1 
ATOM   548 O  O   . GLN A 1 63 ? -4.688  -2.285  8.135   1.00 22.15 ? 449 GLN A O   1 
ATOM   549 C  CB  . GLN A 1 63 ? -3.646  -2.587  11.195  1.00 20.95 ? 449 GLN A CB  1 
ATOM   550 C  CG  . GLN A 1 63 ? -3.434  -3.745  12.172  1.00 21.93 ? 449 GLN A CG  1 
ATOM   551 C  CD  . GLN A 1 63 ? -3.855  -3.355  13.573  1.00 23.88 ? 449 GLN A CD  1 
ATOM   552 O  OE1 . GLN A 1 63 ? -3.706  -2.196  13.991  1.00 27.69 ? 449 GLN A OE1 1 
ATOM   553 N  NE2 . GLN A 1 63 ? -4.415  -4.300  14.308  1.00 26.90 ? 449 GLN A NE2 1 
ATOM   554 N  N   . ALA A 1 64 ? -2.956  -0.853  8.534   1.00 20.67 ? 450 ALA A N   1 
ATOM   555 C  CA  . ALA A 1 64 ? -3.367  0.096   7.494   1.00 20.20 ? 450 ALA A CA  1 
ATOM   556 C  C   . ALA A 1 64 ? -3.192  -0.521  6.114   1.00 20.64 ? 450 ALA A C   1 
ATOM   557 O  O   . ALA A 1 64 ? -4.087  -0.398  5.235   1.00 21.05 ? 450 ALA A O   1 
ATOM   558 C  CB  . ALA A 1 64 ? -2.579  1.438   7.623   1.00 20.61 ? 450 ALA A CB  1 
ATOM   559 N  N   . LEU A 1 65 ? -2.063  -1.192  5.895   1.00 20.10 ? 451 LEU A N   1 
ATOM   560 C  CA  . LEU A 1 65 ? -1.884  -1.900  4.614   1.00 20.07 ? 451 LEU A CA  1 
ATOM   561 C  C   . LEU A 1 65 ? -2.997  -2.949  4.437   1.00 20.74 ? 451 LEU A C   1 
ATOM   562 O  O   . LEU A 1 65 ? -3.605  -3.081  3.342   1.00 20.17 ? 451 LEU A O   1 
ATOM   563 C  CB  . LEU A 1 65 ? -0.485  -2.542  4.589   1.00 20.29 ? 451 LEU A CB  1 
ATOM   564 C  CG  . LEU A 1 65 ? -0.142  -3.419  3.373   1.00 20.93 ? 451 LEU A CG  1 
ATOM   565 C  CD1 . LEU A 1 65 ? -0.246  -2.651  2.047   1.00 21.86 ? 451 LEU A CD1 1 
ATOM   566 C  CD2 . LEU A 1 65 ? 1.304   -3.982  3.603   1.00 22.03 ? 451 LEU A CD2 1 
ATOM   567 N  N   . ASP A 1 66 ? -3.263  -3.692  5.511   1.00 20.94 ? 452 ASP A N   1 
ATOM   568 C  CA  . ASP A 1 66 ? -4.292  -4.754  5.456   1.00 20.79 ? 452 ASP A CA  1 
ATOM   569 C  C   . ASP A 1 66 ? -5.648  -4.121  5.111   1.00 20.92 ? 452 ASP A C   1 
ATOM   570 O  O   . ASP A 1 66 ? -6.450  -4.705  4.352   1.00 22.65 ? 452 ASP A O   1 
ATOM   571 C  CB  . ASP A 1 66 ? -4.402  -5.466  6.791   1.00 20.77 ? 452 ASP A CB  1 
ATOM   572 C  CG  . ASP A 1 66 ? -3.206  -6.372  7.096   1.00 21.26 ? 452 ASP A CG  1 
ATOM   573 O  OD1 . ASP A 1 66 ? -2.371  -6.640  6.190   1.00 24.19 ? 452 ASP A OD1 1 
ATOM   574 O  OD2 . ASP A 1 66 ? -3.113  -6.807  8.288   1.00 21.92 ? 452 ASP A OD2 1 
HETATM 575 N  N   . MSE A 1 67 ? -5.926  -2.958  5.700   1.00 20.48 ? 453 MSE A N   1 
HETATM 576 C  CA  . MSE A 1 67 ? -7.180  -2.261  5.430   1.00 22.73 ? 453 MSE A CA  1 
HETATM 577 C  C   . MSE A 1 67 ? -7.268  -1.793  3.972   1.00 22.22 ? 453 MSE A C   1 
HETATM 578 O  O   . MSE A 1 67 ? -8.352  -1.873  3.363   1.00 23.33 ? 453 MSE A O   1 
HETATM 579 C  CB  . MSE A 1 67 ? -7.385  -1.090  6.414   1.00 23.92 ? 453 MSE A CB  1 
HETATM 580 C  CG  . MSE A 1 67 ? -8.724  -0.365  6.256   1.00 27.99 ? 453 MSE A CG  1 
HETATM 581 SE SE  . MSE A 1 67 ? -10.239 -1.531  6.607   0.75 35.38 ? 453 MSE A SE  1 
HETATM 582 C  CE  . MSE A 1 67 ? -10.165 -1.409  8.532   1.00 39.57 ? 453 MSE A CE  1 
ATOM   583 N  N   . ALA A 1 68 ? -6.145  -1.304  3.414   1.00 20.96 ? 454 ALA A N   1 
ATOM   584 C  CA  . ALA A 1 68 ? -6.149  -0.854  2.026   1.00 21.66 ? 454 ALA A CA  1 
ATOM   585 C  C   . ALA A 1 68 ? -6.455  -2.081  1.148   1.00 20.94 ? 454 ALA A C   1 
ATOM   586 O  O   . ALA A 1 68 ? -7.282  -2.014  0.209   1.00 22.93 ? 454 ALA A O   1 
ATOM   587 C  CB  . ALA A 1 68 ? -4.811  -0.267  1.650   1.00 22.02 ? 454 ALA A CB  1 
ATOM   588 N  N   . VAL A 1 69 ? -5.782  -3.202  1.440   1.00 20.31 ? 455 VAL A N   1 
ATOM   589 C  CA  . VAL A 1 69 ? -6.061  -4.450  0.727   1.00 20.27 ? 455 VAL A CA  1 
ATOM   590 C  C   . VAL A 1 69 ? -7.545  -4.847  0.822   1.00 22.01 ? 455 VAL A C   1 
ATOM   591 O  O   . VAL A 1 69 ? -8.199  -5.145  -0.220  1.00 22.41 ? 455 VAL A O   1 
ATOM   592 C  CB  . VAL A 1 69 ? -5.167  -5.594  1.238   1.00 20.61 ? 455 VAL A CB  1 
ATOM   593 C  CG1 . VAL A 1 69 ? -5.660  -6.952  0.652   1.00 21.97 ? 455 VAL A CG1 1 
ATOM   594 C  CG2 . VAL A 1 69 ? -3.666  -5.318  0.841   1.00 20.55 ? 455 VAL A CG2 1 
ATOM   595 N  N   . LEU A 1 70 ? -8.074  -4.856  2.047   1.00 22.17 ? 456 LEU A N   1 
ATOM   596 C  CA  . LEU A 1 70 ? -9.467  -5.227  2.247   1.00 23.17 ? 456 LEU A CA  1 
ATOM   597 C  C   . LEU A 1 70 ? -10.410 -4.308  1.456   1.00 23.67 ? 456 LEU A C   1 
ATOM   598 O  O   . LEU A 1 70 ? -11.351 -4.800  0.816   1.00 24.72 ? 456 LEU A O   1 
ATOM   599 C  CB  . LEU A 1 70 ? -9.821  -5.165  3.745   1.00 23.11 ? 456 LEU A CB  1 
ATOM   600 C  CG  . LEU A 1 70 ? -11.253 -5.565  4.113   1.00 25.72 ? 456 LEU A CG  1 
ATOM   601 C  CD1 . LEU A 1 70 ? -11.568 -6.971  3.562   1.00 29.99 ? 456 LEU A CD1 1 
ATOM   602 C  CD2 . LEU A 1 70 ? -11.402 -5.551  5.605   1.00 28.30 ? 456 LEU A CD2 1 
ATOM   603 N  N   . LYS A 1 71 ? -10.139 -2.989  1.478   1.00 23.34 ? 457 LYS A N   1 
ATOM   604 C  CA  . LYS A 1 71 ? -11.002 -2.036  0.770   1.00 24.67 ? 457 LYS A CA  1 
ATOM   605 C  C   . LYS A 1 71 ? -11.020 -2.222  -0.738  1.00 24.45 ? 457 LYS A C   1 
ATOM   606 O  O   . LYS A 1 71 ? -12.113 -2.130  -1.364  1.00 26.22 ? 457 LYS A O   1 
ATOM   607 C  CB  . LYS A 1 71 ? -10.661 -0.584  1.133   1.00 25.10 ? 457 LYS A CB  1 
ATOM   608 C  CG  . LYS A 1 71 ? -11.116 -0.251  2.576   1.00 28.24 ? 457 LYS A CG  1 
ATOM   609 C  CD  . LYS A 1 71 ? -10.656 1.122   3.052   1.00 33.84 ? 457 LYS A CD  1 
ATOM   610 C  CE  . LYS A 1 71 ? -11.236 2.207   2.226   1.00 39.44 ? 457 LYS A CE  1 
ATOM   611 N  NZ  . LYS A 1 71 ? -12.275 2.941   2.988   1.00 45.49 ? 457 LYS A NZ  1 
ATOM   612 N  N   . PHE A 1 72 ? -9.847  -2.492  -1.329  1.00 23.99 ? 458 PHE A N   1 
ATOM   613 C  CA  . PHE A 1 72 ? -9.800  -2.888  -2.754  1.00 23.65 ? 458 PHE A CA  1 
ATOM   614 C  C   . PHE A 1 72 ? -10.545 -4.171  -3.024  1.00 24.29 ? 458 PHE A C   1 
ATOM   615 O  O   . PHE A 1 72 ? -11.301 -4.243  -4.010  1.00 25.42 ? 458 PHE A O   1 
ATOM   616 C  CB  . PHE A 1 72 ? -8.366  -3.006  -3.264  1.00 23.03 ? 458 PHE A CB  1 
ATOM   617 C  CG  . PHE A 1 72 ? -7.740  -1.684  -3.599  1.00 24.19 ? 458 PHE A CG  1 
ATOM   618 C  CD1 . PHE A 1 72 ? -8.280  -0.869  -4.609  1.00 25.61 ? 458 PHE A CD1 1 
ATOM   619 C  CD2 . PHE A 1 72 ? -6.601  -1.283  -2.962  1.00 23.38 ? 458 PHE A CD2 1 
ATOM   620 C  CE1 . PHE A 1 72 ? -7.659  0.338   -4.954  1.00 24.82 ? 458 PHE A CE1 1 
ATOM   621 C  CE2 . PHE A 1 72 ? -5.981  -0.056  -3.291  1.00 23.37 ? 458 PHE A CE2 1 
ATOM   622 C  CZ  . PHE A 1 72 ? -6.504  0.739   -4.275  1.00 25.58 ? 458 PHE A CZ  1 
ATOM   623 N  N   . ARG A 1 73 ? -10.405 -5.158  -2.138  1.00 23.36 ? 459 ARG A N   1 
ATOM   624 C  CA  . ARG A 1 73 ? -11.126 -6.430  -2.336  1.00 24.29 ? 459 ARG A CA  1 
ATOM   625 C  C   . ARG A 1 73 ? -12.634 -6.243  -2.272  1.00 25.79 ? 459 ARG A C   1 
ATOM   626 O  O   . ARG A 1 73 ? -13.377 -6.842  -3.052  1.00 26.76 ? 459 ARG A O   1 
ATOM   627 C  CB  . ARG A 1 73 ? -10.648 -7.477  -1.310  1.00 23.38 ? 459 ARG A CB  1 
ATOM   628 C  CG  . ARG A 1 73 ? -9.229  -7.991  -1.646  1.00 23.72 ? 459 ARG A CG  1 
ATOM   629 C  CD  . ARG A 1 73 ? -8.804  -9.119  -0.707  1.00 26.11 ? 459 ARG A CD  1 
ATOM   630 N  NE  . ARG A 1 73 ? -7.530  -9.680  -1.145  1.00 26.89 ? 459 ARG A NE  1 
ATOM   631 C  CZ  . ARG A 1 73 ? -6.577  -10.114 -0.324  1.00 25.25 ? 459 ARG A CZ  1 
ATOM   632 N  NH1 . ARG A 1 73 ? -6.746  -10.071 1.010   1.00 27.06 ? 459 ARG A NH1 1 
ATOM   633 N  NH2 . ARG A 1 73 ? -5.432  -10.567 -0.837  1.00 26.42 ? 459 ARG A NH2 1 
ATOM   634 N  N   . ARG A 1 74 ? -13.097 -5.393  -1.362  1.00 26.40 ? 460 ARG A N   1 
ATOM   635 C  CA  . ARG A 1 74 ? -14.533 -5.156  -1.219  1.00 29.69 ? 460 ARG A CA  1 
ATOM   636 C  C   . ARG A 1 74 ? -15.108 -4.397  -2.386  1.00 30.36 ? 460 ARG A C   1 
ATOM   637 O  O   . ARG A 1 74 ? -16.318 -4.418  -2.588  1.00 30.65 ? 460 ARG A O   1 
ATOM   638 C  CB  . ARG A 1 74 ? -14.802 -4.352  0.033   1.00 30.65 ? 460 ARG A CB  1 
ATOM   639 C  CG  . ARG A 1 74 ? -14.595 -5.153  1.247   1.00 34.87 ? 460 ARG A CG  1 
ATOM   640 C  CD  . ARG A 1 74 ? -14.851 -4.359  2.458   1.00 41.58 ? 460 ARG A CD  1 
ATOM   641 N  NE  . ARG A 1 74 ? -15.127 -5.267  3.563   1.00 47.84 ? 460 ARG A NE  1 
ATOM   642 C  CZ  . ARG A 1 74 ? -14.974 -4.944  4.843   1.00 50.76 ? 460 ARG A CZ  1 
ATOM   643 N  NH1 . ARG A 1 74 ? -14.534 -3.726  5.172   1.00 51.05 ? 460 ARG A NH1 1 
ATOM   644 N  NH2 . ARG A 1 74 ? -15.245 -5.843  5.787   1.00 51.60 ? 460 ARG A NH2 1 
ATOM   645 N  N   . GLU A 1 75 ? -14.241 -3.731  -3.142  1.00 30.60 ? 461 GLU A N   1 
ATOM   646 C  CA  . GLU A 1 75 ? -14.651 -3.002  -4.340  1.00 32.05 ? 461 GLU A CA  1 
ATOM   647 C  C   . GLU A 1 75 ? -14.561 -3.901  -5.584  1.00 32.64 ? 461 GLU A C   1 
ATOM   648 O  O   . GLU A 1 75 ? -14.862 -3.458  -6.702  1.00 34.48 ? 461 GLU A O   1 
ATOM   649 C  CB  . GLU A 1 75 ? -13.858 -1.697  -4.476  1.00 32.63 ? 461 GLU A CB  1 
ATOM   650 C  CG  . GLU A 1 75 ? -14.340 -0.591  -3.552  1.00 33.45 ? 461 GLU A CG  1 
ATOM   651 C  CD  . GLU A 1 75 ? -15.641 0.081   -4.050  1.00 38.73 ? 461 GLU A CD  1 
ATOM   652 O  OE1 . GLU A 1 75 ? -16.120 -0.234  -5.149  1.00 39.60 ? 461 GLU A OE1 1 
ATOM   653 O  OE2 . GLU A 1 75 ? -16.184 0.951   -3.358  1.00 43.95 ? 461 GLU A OE2 1 
ATOM   654 N  N   . GLY A 1 76 ? -14.130 -5.147  -5.389  1.00 32.32 ? 462 GLY A N   1 
ATOM   655 C  CA  . GLY A 1 76 ? -14.228 -6.204  -6.416  1.00 33.38 ? 462 GLY A CA  1 
ATOM   656 C  C   . GLY A 1 76 ? -12.911 -6.669  -7.039  1.00 33.57 ? 462 GLY A C   1 
ATOM   657 O  O   . GLY A 1 76 ? -12.890 -7.594  -7.881  1.00 35.53 ? 462 GLY A O   1 
ATOM   658 N  N   . ALA A 1 77 ? -11.816 -6.065  -6.625  1.00 31.28 ? 463 ALA A N   1 
ATOM   659 C  CA  . ALA A 1 77 ? -10.498 -6.379  -7.199  1.00 29.46 ? 463 ALA A CA  1 
ATOM   660 C  C   . ALA A 1 77 ? -9.870  -7.603  -6.563  1.00 29.24 ? 463 ALA A C   1 
ATOM   661 O  O   . ALA A 1 77 ? -10.037 -7.858  -5.358  1.00 29.78 ? 463 ALA A O   1 
ATOM   662 C  CB  . ALA A 1 77 ? -9.538  -5.177  -7.036  1.00 28.49 ? 463 ALA A CB  1 
ATOM   663 N  N   . GLU A 1 78 ? -9.114  -8.341  -7.366  1.00 28.37 ? 464 GLU A N   1 
ATOM   664 C  CA  . GLU A 1 78 ? -8.158  -9.325  -6.844  1.00 28.28 ? 464 GLU A CA  1 
ATOM   665 C  C   . GLU A 1 78 ? -6.918  -8.521  -6.433  1.00 26.65 ? 464 GLU A C   1 
ATOM   666 O  O   . GLU A 1 78 ? -6.438  -7.724  -7.214  1.00 27.10 ? 464 GLU A O   1 
ATOM   667 C  CB  . GLU A 1 78 ? -7.792  -10.289 -7.961  1.00 30.57 ? 464 GLU A CB  1 
ATOM   668 C  CG  . GLU A 1 78 ? -6.593  -11.132 -7.691  1.00 37.73 ? 464 GLU A CG  1 
ATOM   669 C  CD  . GLU A 1 78 ? -6.189  -11.945 -8.911  1.00 46.26 ? 464 GLU A CD  1 
ATOM   670 O  OE1 . GLU A 1 78 ? -7.084  -12.228 -9.754  1.00 49.44 ? 464 GLU A OE1 1 
ATOM   671 O  OE2 . GLU A 1 78 ? -4.974  -12.274 -9.030  1.00 51.68 ? 464 GLU A OE2 1 
ATOM   672 N  N   . VAL A 1 79 ? -6.429  -8.704  -5.218  1.00 24.27 ? 465 VAL A N   1 
ATOM   673 C  CA  . VAL A 1 79 ? -5.359  -7.854  -4.710  1.00 23.65 ? 465 VAL A CA  1 
ATOM   674 C  C   . VAL A 1 79 ? -4.194  -8.717  -4.278  1.00 24.70 ? 465 VAL A C   1 
ATOM   675 O  O   . VAL A 1 79 ? -4.373  -9.789  -3.614  1.00 24.60 ? 465 VAL A O   1 
ATOM   676 C  CB  . VAL A 1 79 ? -5.809  -7.001  -3.494  1.00 24.03 ? 465 VAL A CB  1 
ATOM   677 C  CG1 . VAL A 1 79 ? -4.682  -6.085  -3.021  1.00 26.98 ? 465 VAL A CG1 1 
ATOM   678 C  CG2 . VAL A 1 79 ? -7.086  -6.177  -3.821  1.00 24.37 ? 465 VAL A CG2 1 
ATOM   679 N  N   . ARG A 1 80 ? -3.009  -8.273  -4.663  1.00 24.42 ? 466 ARG A N   1 
ATOM   680 C  CA  . ARG A 1 80 ? -1.808  -8.920  -4.154  1.00 26.87 ? 466 ARG A CA  1 
ATOM   681 C  C   . ARG A 1 80 ? -0.782  -7.923  -3.656  1.00 25.10 ? 466 ARG A C   1 
ATOM   682 O  O   . ARG A 1 80 ? -0.625  -6.841  -4.243  1.00 24.77 ? 466 ARG A O   1 
ATOM   683 C  CB  . ARG A 1 80 ? -1.187  -9.840  -5.181  1.00 28.58 ? 466 ARG A CB  1 
ATOM   684 C  CG  . ARG A 1 80 ? -0.681  -9.242  -6.448  1.00 35.56 ? 466 ARG A CG  1 
ATOM   685 C  CD  . ARG A 1 80 ? -0.266  -10.343 -7.449  1.00 44.18 ? 466 ARG A CD  1 
ATOM   686 N  NE  . ARG A 1 80 ? 0.333   -9.801  -8.685  1.00 50.28 ? 466 ARG A NE  1 
ATOM   687 C  CZ  . ARG A 1 80 ? 1.647   -9.598  -8.876  1.00 53.48 ? 466 ARG A CZ  1 
ATOM   688 N  NH1 . ARG A 1 80 ? 2.529   -9.895  -7.918  1.00 54.61 ? 466 ARG A NH1 1 
ATOM   689 N  NH2 . ARG A 1 80 ? 2.086   -9.096  -10.035 1.00 54.96 ? 466 ARG A NH2 1 
ATOM   690 N  N   . ILE A 1 81 ? -0.056  -8.321  -2.616  1.00 25.08 ? 467 ILE A N   1 
ATOM   691 C  CA  . ILE A 1 81 ? 1.018   -7.505  -2.085  1.00 24.43 ? 467 ILE A CA  1 
ATOM   692 C  C   . ILE A 1 81 ? 2.318   -8.080  -2.638  1.00 24.04 ? 467 ILE A C   1 
ATOM   693 O  O   . ILE A 1 81 ? 2.492   -9.303  -2.667  1.00 26.02 ? 467 ILE A O   1 
ATOM   694 C  CB  . ILE A 1 81 ? 1.073   -7.533  -0.538  1.00 23.53 ? 467 ILE A CB  1 
ATOM   695 C  CG1 . ILE A 1 81 ? -0.193  -6.888  0.051   1.00 26.85 ? 467 ILE A CG1 1 
ATOM   696 C  CG2 . ILE A 1 81 ? 2.284   -6.716  -0.063  1.00 23.34 ? 467 ILE A CG2 1 
ATOM   697 C  CD1 . ILE A 1 81 ? -0.258  -6.920  1.644   1.00 29.77 ? 467 ILE A CD1 1 
ATOM   698 N  N   . VAL A 1 82 ? 3.211   -7.206  -3.094  1.00 24.03 ? 468 VAL A N   1 
ATOM   699 C  CA  . VAL A 1 82 ? 4.573   -7.584  -3.518  1.00 23.87 ? 468 VAL A CA  1 
ATOM   700 C  C   . VAL A 1 82 ? 5.535   -6.969  -2.531  1.00 23.36 ? 468 VAL A C   1 
ATOM   701 O  O   . VAL A 1 82 ? 5.366   -5.809  -2.134  1.00 23.25 ? 468 VAL A O   1 
ATOM   702 C  CB  . VAL A 1 82 ? 4.893   -7.025  -4.929  1.00 24.56 ? 468 VAL A CB  1 
ATOM   703 C  CG1 . VAL A 1 82 ? 6.390   -7.149  -5.266  1.00 26.72 ? 468 VAL A CG1 1 
ATOM   704 C  CG2 . VAL A 1 82 ? 4.068   -7.757  -5.991  1.00 27.25 ? 468 VAL A CG2 1 
ATOM   705 N  N   . GLY A 1 83 ? 6.546   -7.729  -2.093  1.00 22.74 ? 469 GLY A N   1 
ATOM   706 C  CA  . GLY A 1 83 ? 7.566   -7.124  -1.215  1.00 22.20 ? 469 GLY A CA  1 
ATOM   707 C  C   . GLY A 1 83 ? 7.245   -7.128  0.270   1.00 20.66 ? 469 GLY A C   1 
ATOM   708 O  O   . GLY A 1 83 ? 7.909   -6.428  1.020   1.00 20.94 ? 469 GLY A O   1 
HETATM 709 N  N   . MSE A 1 84 ? 6.216   -7.882  0.695   1.00 20.97 ? 470 MSE A N   1 
HETATM 710 C  CA  . MSE A 1 84 ? 5.869   -7.918  2.115   1.00 20.29 ? 470 MSE A CA  1 
HETATM 711 C  C   . MSE A 1 84 ? 7.031   -8.364  2.986   1.00 20.48 ? 470 MSE A C   1 
HETATM 712 O  O   . MSE A 1 84 ? 7.222   -7.814  4.070   1.00 20.30 ? 470 MSE A O   1 
HETATM 713 C  CB  . MSE A 1 84 ? 4.625   -8.770  2.380   1.00 21.08 ? 470 MSE A CB  1 
HETATM 714 C  CG  . MSE A 1 84 ? 4.137   -8.715  3.836   1.00 21.08 ? 470 MSE A CG  1 
HETATM 715 SE SE  . MSE A 1 84 ? 3.473   -6.912  4.180   0.75 26.67 ? 470 MSE A SE  1 
HETATM 716 C  CE  . MSE A 1 84 ? 2.792   -7.027  5.953   1.00 27.46 ? 470 MSE A CE  1 
ATOM   717 N  N   . ASN A 1 85 ? 7.794   -9.367  2.554   1.00 21.14 ? 471 ASN A N   1 
ATOM   718 C  CA  . ASN A 1 85 ? 8.911   -9.856  3.388   1.00 23.23 ? 471 ASN A CA  1 
ATOM   719 C  C   . ASN A 1 85 ? 9.921   -8.754  3.644   1.00 21.98 ? 471 ASN A C   1 
ATOM   720 O  O   . ASN A 1 85 ? 10.278  -8.458  4.822   1.00 23.00 ? 471 ASN A O   1 
ATOM   721 C  CB  . ASN A 1 85 ? 9.596   -11.038 2.728   1.00 25.29 ? 471 ASN A CB  1 
ATOM   722 C  CG  . ASN A 1 85 ? 10.745  -11.595 3.571   1.00 28.60 ? 471 ASN A CG  1 
ATOM   723 O  OD1 . ASN A 1 85 ? 11.912  -11.398 3.225   1.00 35.32 ? 471 ASN A OD1 1 
ATOM   724 N  ND2 . ASN A 1 85 ? 10.423  -12.298 4.679   1.00 33.14 ? 471 ASN A ND2 1 
ATOM   725 N  N   . GLU A 1 86 ? 10.333  -8.072  2.581   1.00 21.33 ? 472 GLU A N   1 
ATOM   726 C  CA  . GLU A 1 86 ? 11.319  -6.992  2.736   1.00 21.93 ? 472 GLU A CA  1 
ATOM   727 C  C   . GLU A 1 86 ? 10.762  -5.874  3.593   1.00 20.74 ? 472 GLU A C   1 
ATOM   728 O  O   . GLU A 1 86 ? 11.467  -5.323  4.479   1.00 21.30 ? 472 GLU A O   1 
ATOM   729 C  CB  . GLU A 1 86 ? 11.651  -6.399  1.351   1.00 22.74 ? 472 GLU A CB  1 
ATOM   730 C  CG  . GLU A 1 86 ? 12.470  -7.325  0.561   1.00 28.90 ? 472 GLU A CG  1 
ATOM   731 C  CD  . GLU A 1 86 ? 11.677  -8.232  -0.364  1.00 35.16 ? 472 GLU A CD  1 
ATOM   732 O  OE1 . GLU A 1 86 ? 10.481  -8.530  -0.131  1.00 31.02 ? 472 GLU A OE1 1 
ATOM   733 O  OE2 . GLU A 1 86 ? 12.319  -8.683  -1.330  1.00 41.26 ? 472 GLU A OE2 1 
ATOM   734 N  N   . ALA A 1 87 ? 9.510   -5.491  3.345   1.00 20.09 ? 473 ALA A N   1 
ATOM   735 C  CA  . ALA A 1 87 ? 8.920   -4.357  4.079   1.00 20.40 ? 473 ALA A CA  1 
ATOM   736 C  C   . ALA A 1 87 ? 8.736   -4.670  5.578   1.00 20.29 ? 473 ALA A C   1 
ATOM   737 O  O   . ALA A 1 87 ? 8.760   -3.767  6.416   1.00 20.78 ? 473 ALA A O   1 
ATOM   738 C  CB  . ALA A 1 87 ? 7.582   -3.962  3.449   1.00 19.50 ? 473 ALA A CB  1 
ATOM   739 N  N   A SER A 1 88 ? 8.572   -5.955  5.895   0.50 19.74 ? 474 SER A N   1 
ATOM   740 N  N   B SER A 1 88 ? 8.530   -5.943  5.913   0.50 20.64 ? 474 SER A N   1 
ATOM   741 C  CA  A SER A 1 88 ? 8.244   -6.378  7.261   0.50 19.43 ? 474 SER A CA  1 
ATOM   742 C  CA  B SER A 1 88 ? 8.169   -6.302  7.291   0.50 21.16 ? 474 SER A CA  1 
ATOM   743 C  C   A SER A 1 88 ? 9.455   -6.545  8.176   0.50 20.36 ? 474 SER A C   1 
ATOM   744 C  C   B SER A 1 88 ? 9.371   -6.460  8.224   0.50 21.71 ? 474 SER A C   1 
ATOM   745 O  O   A SER A 1 88 ? 9.297   -6.741  9.386   0.50 21.13 ? 474 SER A O   1 
ATOM   746 O  O   B SER A 1 88 ? 9.204   -6.589  9.440   0.50 22.56 ? 474 SER A O   1 
ATOM   747 C  CB  A SER A 1 88 ? 7.427   -7.656  7.225   0.50 19.72 ? 474 SER A CB  1 
ATOM   748 C  CB  B SER A 1 88 ? 7.336   -7.569  7.313   0.50 21.94 ? 474 SER A CB  1 
ATOM   749 O  OG  A SER A 1 88 ? 6.198   -7.400  6.572   0.50 18.49 ? 474 SER A OG  1 
ATOM   750 O  OG  B SER A 1 88 ? 8.091   -8.635  6.802   0.50 24.67 ? 474 SER A OG  1 
ATOM   751 N  N   A GLU A 1 89 ? 10.666  -6.486  7.612   0.50 20.78 ? 475 GLU A N   1 
ATOM   752 N  N   B GLU A 1 89 ? 10.588  -6.462  7.670   0.50 22.09 ? 475 GLU A N   1 
ATOM   753 C  CA  A GLU A 1 89 ? 11.886  -6.718  8.405   0.50 21.79 ? 475 GLU A CA  1 
ATOM   754 C  CA  B GLU A 1 89 ? 11.782  -6.731  8.485   0.50 22.79 ? 475 GLU A CA  1 
ATOM   755 C  C   A GLU A 1 89 ? 12.067  -5.661  9.492   0.50 22.07 ? 475 GLU A C   1 
ATOM   756 C  C   B GLU A 1 89 ? 11.972  -5.680  9.558   0.50 22.69 ? 475 GLU A C   1 
ATOM   757 O  O   A GLU A 1 89 ? 12.686  -5.926  10.525  0.50 22.55 ? 475 GLU A O   1 
ATOM   758 O  O   B GLU A 1 89 ? 12.505  -5.959  10.638  0.50 23.01 ? 475 GLU A O   1 
ATOM   759 C  CB  A GLU A 1 89 ? 13.130  -6.775  7.496   0.50 22.61 ? 475 GLU A CB  1 
ATOM   760 C  CB  B GLU A 1 89 ? 13.021  -6.815  7.600   0.50 23.99 ? 475 GLU A CB  1 
ATOM   761 C  CG  A GLU A 1 89 ? 13.168  -7.982  6.525   0.50 26.55 ? 475 GLU A CG  1 
ATOM   762 C  CG  B GLU A 1 89 ? 12.956  -8.000  6.661   0.50 28.35 ? 475 GLU A CG  1 
ATOM   763 C  CD  A GLU A 1 89 ? 13.669  -9.293  7.158   0.50 30.74 ? 475 GLU A CD  1 
ATOM   764 C  CD  B GLU A 1 89 ? 14.244  -8.231  5.936   0.50 33.00 ? 475 GLU A CD  1 
ATOM   765 O  OE1 A GLU A 1 89 ? 13.445  -9.551  8.363   0.50 32.20 ? 475 GLU A OE1 1 
ATOM   766 O  OE1 B GLU A 1 89 ? 14.786  -7.276  5.354   0.50 36.91 ? 475 GLU A OE1 1 
ATOM   767 O  OE2 A GLU A 1 89 ? 14.300  -10.089 6.437   0.50 34.52 ? 475 GLU A OE2 1 
ATOM   768 O  OE2 B GLU A 1 89 ? 14.722  -9.371  5.943   0.50 36.59 ? 475 GLU A OE2 1 
ATOM   769 N  N   . THR A 1 90 ? 11.508  -4.477  9.262   1.00 21.61 ? 476 THR A N   1 
ATOM   770 C  CA  . THR A 1 90 ? 11.630  -3.360  10.199  1.00 22.38 ? 476 THR A CA  1 
ATOM   771 C  C   . THR A 1 90 ? 10.510  -3.308  11.207  1.00 24.88 ? 476 THR A C   1 
ATOM   772 O  O   . THR A 1 90 ? 10.467  -2.385  12.035  1.00 27.15 ? 476 THR A O   1 
ATOM   773 C  CB  . THR A 1 90 ? 11.627  -2.018  9.434   1.00 21.05 ? 476 THR A CB  1 
ATOM   774 O  OG1 . THR A 1 90 ? 10.611  -2.059  8.420   1.00 20.79 ? 476 THR A OG1 1 
ATOM   775 C  CG2 . THR A 1 90 ? 12.998  -1.780  8.786   1.00 21.65 ? 476 THR A CG2 1 
HETATM 776 N  N   . MSE A 1 91 ? 9.603   -4.277  11.167  1.00 25.73 ? 477 MSE A N   1 
HETATM 777 C  CA  . MSE A 1 91 ? 8.418   -4.159  12.006  1.00 27.97 ? 477 MSE A CA  1 
HETATM 778 C  C   . MSE A 1 91 ? 8.876   -4.599  13.377  1.00 31.60 ? 477 MSE A C   1 
HETATM 779 O  O   . MSE A 1 91 ? 9.020   -5.769  13.670  1.00 33.48 ? 477 MSE A O   1 
HETATM 780 C  CB  . MSE A 1 91 ? 7.174   -4.889  11.445  1.00 25.55 ? 477 MSE A CB  1 
HETATM 781 C  CG  . MSE A 1 91 ? 5.865   -4.168  11.946  1.00 25.03 ? 477 MSE A CG  1 
HETATM 782 SE SE  . MSE A 1 91 ? 5.527   -4.576  13.796  0.75 31.98 ? 477 MSE A SE  1 
HETATM 783 C  CE  . MSE A 1 91 ? 5.355   -6.489  13.782  1.00 32.84 ? 477 MSE A CE  1 
ATOM   784 N  N   . VAL A 1 92 ? 9.183   -3.577  14.176  1.00 35.09 ? 478 VAL A N   1 
ATOM   785 C  CA  . VAL A 1 92 ? 9.792   -3.725  15.474  1.00 39.08 ? 478 VAL A CA  1 
ATOM   786 C  C   . VAL A 1 92 ? 8.785   -3.234  16.524  1.00 40.21 ? 478 VAL A C   1 
ATOM   787 O  O   . VAL A 1 92 ? 9.126   -3.118  17.725  1.00 43.11 ? 478 VAL A O   1 
ATOM   788 C  CB  . VAL A 1 92 ? 11.174  -2.931  15.583  1.00 39.24 ? 478 VAL A CB  1 
ATOM   789 C  CG1 . VAL A 1 92 ? 12.269  -3.581  14.706  1.00 40.93 ? 478 VAL A CG1 1 
ATOM   790 C  CG2 . VAL A 1 92 ? 11.007  -1.435  15.224  1.00 41.82 ? 478 VAL A CG2 1 
HETATM 791 O  O   . HOH B 2 .  ? 11.747  -3.156  6.034   1.00 23.52 ? 1   HOH A O   1 
HETATM 792 O  O   . HOH B 2 .  ? 0.906   1.742   6.381   1.00 22.95 ? 2   HOH A O   1 
HETATM 793 O  O   . HOH B 2 .  ? 7.919   -0.473  -3.401  1.00 24.13 ? 3   HOH A O   1 
HETATM 794 O  O   . HOH B 2 .  ? 12.043  7.924   3.749   1.00 24.93 ? 4   HOH A O   1 
HETATM 795 O  O   . HOH B 2 .  ? -6.539  -3.838  9.357   1.00 26.98 ? 5   HOH A O   1 
HETATM 796 O  O   . HOH B 2 .  ? -0.778  5.138   -15.300 1.00 31.68 ? 6   HOH A O   1 
HETATM 797 O  O   . HOH B 2 .  ? -7.742  -10.802 -3.700  1.00 29.79 ? 7   HOH A O   1 
HETATM 798 O  O   . HOH B 2 .  ? -5.192  -6.310  10.038  1.00 28.53 ? 8   HOH A O   1 
HETATM 799 O  O   . HOH B 2 .  ? -7.183  2.589   -7.742  1.00 27.55 ? 9   HOH A O   1 
HETATM 800 O  O   . HOH B 2 .  ? -8.537  -8.712  2.772   1.00 30.42 ? 10  HOH A O   1 
HETATM 801 O  O   . HOH B 2 .  ? 17.285  -8.101  5.646   1.00 29.00 ? 11  HOH A O   1 
HETATM 802 O  O   . HOH B 2 .  ? -6.577  -7.470  4.427   1.00 30.36 ? 12  HOH A O   1 
HETATM 803 O  O   . HOH B 2 .  ? 7.376   7.575   -4.586  1.00 35.97 ? 13  HOH A O   1 
HETATM 804 O  O   . HOH B 2 .  ? 8.787   0.502   -5.774  1.00 40.09 ? 14  HOH A O   1 
HETATM 805 O  O   . HOH B 2 .  ? 12.056  -2.638  1.900   1.00 25.56 ? 15  HOH A O   1 
HETATM 806 O  O   . HOH B 2 .  ? -4.058  1.342   11.378  1.00 28.85 ? 16  HOH A O   1 
HETATM 807 O  O   . HOH B 2 .  ? 1.455   4.121   7.683   1.00 29.34 ? 17  HOH A O   1 
HETATM 808 O  O   . HOH B 2 .  ? 1.419   0.390   16.192  1.00 35.80 ? 18  HOH A O   1 
HETATM 809 O  O   . HOH B 2 .  ? -7.146  9.106   4.869   1.00 37.61 ? 19  HOH A O   1 
HETATM 810 O  O   . HOH B 2 .  ? -1.965  7.034   -7.889  1.00 35.32 ? 20  HOH A O   1 
HETATM 811 O  O   . HOH B 2 .  ? -13.239 -2.928  -8.641  1.00 38.50 ? 21  HOH A O   1 
HETATM 812 O  O   . HOH B 2 .  ? -17.904 0.960   -5.758  1.00 32.90 ? 22  HOH A O   1 
HETATM 813 O  O   . HOH B 2 .  ? -8.382  7.096   -0.118  1.00 35.79 ? 23  HOH A O   1 
HETATM 814 O  O   . HOH B 2 .  ? -18.060 -5.710  -1.042  1.00 36.42 ? 24  HOH A O   1 
HETATM 815 O  O   . HOH B 2 .  ? -13.134 3.717   -12.635 1.00 37.05 ? 25  HOH A O   1 
HETATM 816 O  O   . HOH B 2 .  ? 5.519   7.706   7.564   1.00 37.76 ? 26  HOH A O   1 
HETATM 817 O  O   . HOH B 2 .  ? -0.496  -11.011 -1.591  1.00 42.13 ? 27  HOH A O   1 
HETATM 818 O  O   . HOH B 2 .  ? -3.087  -4.081  -20.492 1.00 40.33 ? 28  HOH A O   1 
HETATM 819 O  O   . HOH B 2 .  ? 6.704   5.264   -5.270  1.00 34.46 ? 29  HOH A O   1 
HETATM 820 O  O   . HOH B 2 .  ? -8.896  -8.416  -16.446 1.00 50.79 ? 30  HOH A O   1 
HETATM 821 O  O   . HOH B 2 .  ? 12.712  5.176   -0.112  1.00 37.33 ? 31  HOH A O   1 
HETATM 822 O  O   . HOH B 2 .  ? 14.322  -5.141  4.504   1.00 36.47 ? 32  HOH A O   1 
HETATM 823 O  O   . HOH B 2 .  ? 0.445   6.794   -13.401 1.00 28.03 ? 33  HOH A O   1 
HETATM 824 O  O   . HOH B 2 .  ? -10.859 6.102   -2.382  1.00 41.75 ? 34  HOH A O   1 
HETATM 825 O  O   . HOH B 2 .  ? -0.318  -2.850  -19.782 1.00 47.62 ? 35  HOH A O   1 
HETATM 826 O  O   . HOH B 2 .  ? 16.291  -9.003  8.028   1.00 43.89 ? 36  HOH A O   1 
HETATM 827 O  O   . HOH B 2 .  ? -2.672  9.387   10.464  1.00 37.21 ? 37  HOH A O   1 
HETATM 828 O  O   . HOH B 2 .  ? -1.166  7.475   -5.364  1.00 36.23 ? 38  HOH A O   1 
HETATM 829 O  O   . HOH B 2 .  ? -16.558 -0.907  -6.992  1.00 28.70 ? 39  HOH A O   1 
HETATM 830 O  O   . HOH B 2 .  ? 14.398  -3.395  2.874   1.00 32.66 ? 40  HOH A O   1 
HETATM 831 O  O   . HOH B 2 .  ? 4.742   3.521   -9.909  1.00 44.97 ? 41  HOH A O   1 
HETATM 832 O  O   . HOH B 2 .  ? -8.532  -4.872  7.729   1.00 34.14 ? 42  HOH A O   1 
HETATM 833 O  O   . HOH B 2 .  ? -1.923  -9.128  -10.403 1.00 46.90 ? 43  HOH A O   1 
HETATM 834 O  O   . HOH B 2 .  ? -3.631  -8.833  -8.250  1.00 40.17 ? 44  HOH A O   1 
HETATM 835 O  O   . HOH B 2 .  ? -11.431 -2.778  -6.511  1.00 37.58 ? 45  HOH A O   1 
HETATM 836 O  O   . HOH B 2 .  ? 14.145  -2.575  -1.278  1.00 49.46 ? 46  HOH A O   1 
HETATM 837 O  O   . HOH B 2 .  ? 6.878   -10.265 -3.148  1.00 48.55 ? 47  HOH A O   1 
HETATM 838 O  O   . HOH B 2 .  ? -1.978  7.579   -12.409 1.00 40.39 ? 48  HOH A O   1 
HETATM 839 O  O   . HOH B 2 .  ? -14.463 5.173   -10.219 1.00 56.73 ? 49  HOH A O   1 
HETATM 840 O  O   . HOH B 2 .  ? -9.167  2.787   -14.749 1.00 43.22 ? 50  HOH A O   1 
HETATM 841 O  O   . HOH B 2 .  ? 11.972  -3.358  -5.686  1.00 47.87 ? 51  HOH A O   1 
HETATM 842 O  O   . HOH B 2 .  ? 5.662   10.537  6.626   1.00 39.19 ? 52  HOH A O   1 
HETATM 843 O  O   . HOH B 2 .  ? -4.750  6.243   -7.942  1.00 41.49 ? 53  HOH A O   1 
HETATM 844 O  O   . HOH B 2 .  ? 12.447  2.885   1.828   1.00 40.39 ? 54  HOH A O   1 
HETATM 845 O  O   . HOH B 2 .  ? 13.159  7.824   -4.011  1.00 53.61 ? 55  HOH A O   1 
HETATM 846 O  O   . HOH B 2 .  ? -14.088 -0.686  -0.047  1.00 41.73 ? 56  HOH A O   1 
HETATM 847 O  O   . HOH B 2 .  ? -6.274  -6.984  -22.395 1.00 66.47 ? 57  HOH A O   1 
HETATM 848 O  O   . HOH B 2 .  ? -12.191 6.535   -9.710  1.00 56.10 ? 58  HOH A O   1 
HETATM 849 O  O   . HOH B 2 .  ? -1.161  11.039  1.082   1.00 44.82 ? 59  HOH A O   1 
HETATM 850 O  O   . HOH B 2 .  ? -8.738  7.745   2.673   1.00 57.24 ? 60  HOH A O   1 
HETATM 851 O  O   . HOH B 2 .  ? -14.408 -8.194  5.933   1.00 71.46 ? 61  HOH A O   1 
HETATM 852 O  O   . HOH B 2 .  ? -14.376 -8.564  -9.486  1.00 41.52 ? 62  HOH A O   1 
HETATM 853 O  O   . HOH B 2 .  ? -9.591  5.158   3.401   1.00 49.39 ? 63  HOH A O   1 
HETATM 854 O  O   . HOH B 2 .  ? -4.180  3.653   12.895  1.00 43.74 ? 64  HOH A O   1 
HETATM 855 O  O   . HOH B 2 .  ? 12.057  3.812   -5.150  1.00 56.79 ? 65  HOH A O   1 
HETATM 856 O  O   . HOH B 2 .  ? -4.475  6.947   -14.354 1.00 43.96 ? 66  HOH A O   1 
HETATM 857 O  O   . HOH B 2 .  ? -10.925 -0.259  -6.647  1.00 35.39 ? 67  HOH A O   1 
HETATM 858 O  O   . HOH B 2 .  ? 15.473  -7.376  3.171   1.00 45.23 ? 68  HOH A O   1 
HETATM 859 O  O   . HOH B 2 .  ? 5.255   16.258  2.757   1.00 79.14 ? 69  HOH A O   1 
HETATM 860 O  O   . HOH B 2 .  ? -6.247  0.633   9.670   1.00 43.90 ? 70  HOH A O   1 
HETATM 861 O  O   . HOH B 2 .  ? 8.962   3.371   -6.196  1.00 45.01 ? 71  HOH A O   1 
HETATM 862 O  O   . HOH B 2 .  ? 9.383   9.398   0.288   1.00 74.09 ? 72  HOH A O   1 
HETATM 863 O  O   . HOH B 2 .  ? -8.120  7.272   6.838   1.00 48.28 ? 73  HOH A O   1 
HETATM 864 O  O   . HOH B 2 .  ? 13.249  0.054   1.117   1.00 47.72 ? 74  HOH A O   1 
HETATM 865 O  O   . HOH B 2 .  ? -9.343  5.119   5.918   1.00 58.77 ? 75  HOH A O   1 
HETATM 866 O  O   . HOH B 2 .  ? 0.467   -1.535  -14.427 1.00 46.55 ? 76  HOH A O   1 
HETATM 867 O  O   . HOH B 2 .  ? -7.748  -2.653  11.567  1.00 53.79 ? 77  HOH A O   1 
HETATM 868 O  O   . HOH B 2 .  ? -5.284  8.352   -5.442  1.00 60.40 ? 78  HOH A O   1 
HETATM 869 O  O   . HOH B 2 .  ? 9.079   -5.123  -6.977  1.00 44.65 ? 79  HOH A O   1 
HETATM 870 O  O   . HOH B 2 .  ? -6.413  -12.935 -4.267  1.00 53.84 ? 80  HOH A O   1 
HETATM 871 O  O   . HOH B 2 .  ? 13.925  -9.474  3.466   1.00 50.99 ? 81  HOH A O   1 
HETATM 872 O  O   . HOH B 2 .  ? -11.581 -2.407  -15.462 1.00 53.61 ? 82  HOH A O   1 
HETATM 873 O  O   . HOH B 2 .  ? -7.896  -7.517  7.019   1.00 45.38 ? 83  HOH A O   1 
HETATM 874 O  O   . HOH B 2 .  ? -3.374  -8.018  3.836   1.00 60.66 ? 84  HOH A O   1 
HETATM 875 O  O   . HOH B 2 .  ? -2.589  7.951   12.885  1.00 48.35 ? 85  HOH A O   1 
HETATM 876 O  O   . HOH B 2 .  ? -0.270  -3.702  -14.798 1.00 49.19 ? 86  HOH A O   1 
HETATM 877 O  O   . HOH B 2 .  ? 4.320   5.422   -12.251 0.50 50.62 ? 87  HOH A O   1 
HETATM 878 O  O   . HOH B 2 .  ? 11.935  7.951   0.589   1.00 57.80 ? 88  HOH A O   1 
HETATM 879 O  O   . HOH B 2 .  ? -7.038  6.413   -9.766  1.00 55.98 ? 89  HOH A O   1 
HETATM 880 O  O   . HOH B 2 .  ? 2.615   6.012   6.719   1.00 42.62 ? 90  HOH A O   1 
HETATM 881 O  O   . HOH B 2 .  ? -13.804 -6.688  -11.568 1.00 59.49 ? 91  HOH A O   1 
HETATM 882 O  O   . HOH B 2 .  ? -11.268 -9.376  -10.307 1.00 56.83 ? 92  HOH A O   1 
HETATM 883 O  O   . HOH B 2 .  ? -4.470  2.907   -19.728 1.00 38.68 ? 93  HOH A O   1 
HETATM 884 O  O   . HOH B 2 .  ? 0.090   3.636   -17.510 1.00 50.55 ? 94  HOH A O   1 
HETATM 885 O  O   . HOH B 2 .  ? -5.992  -3.842  16.665  1.00 80.33 ? 95  HOH A O   1 
HETATM 886 O  O   . HOH B 2 .  ? 9.944   -8.399  -3.774  1.00 50.67 ? 96  HOH A O   1 
HETATM 887 O  O   . HOH B 2 .  ? 2.494   -11.023 -4.922  1.00 47.26 ? 97  HOH A O   1 
HETATM 888 O  O   . HOH B 2 .  ? -1.948  -10.705 0.753   1.00 57.01 ? 98  HOH A O   1 
HETATM 889 O  O   . HOH B 2 .  ? 6.245   12.873  8.900   1.00 62.16 ? 99  HOH A O   1 
HETATM 890 O  O   . HOH B 2 .  ? -3.239  -6.737  -18.979 1.00 62.22 ? 100 HOH A O   1 
HETATM 891 O  O   . HOH B 2 .  ? 0.272   -4.410  -17.833 1.00 54.17 ? 101 HOH A O   1 
HETATM 892 O  O   . HOH B 2 .  ? 13.212  -6.285  -2.879  1.00 44.27 ? 102 HOH A O   1 
HETATM 893 O  O   . HOH B 2 .  ? -6.615  2.560   8.160   1.00 56.15 ? 103 HOH A O   1 
HETATM 894 O  O   . HOH B 2 .  ? 2.991   10.199  -2.229  1.00 45.78 ? 104 HOH A O   1 
HETATM 895 O  O   . HOH B 2 .  ? 3.348   10.401  0.102   1.00 49.04 ? 105 HOH A O   1 
HETATM 896 O  O   . HOH B 2 .  ? 10.472  -5.915  17.108  1.00 49.36 ? 106 HOH A O   1 
HETATM 897 O  O   . HOH B 2 .  ? -16.896 -0.859  -0.222  1.00 48.46 ? 107 HOH A O   1 
HETATM 898 O  O   . HOH B 2 .  ? 6.729   -5.102  17.883  1.00 57.27 ? 108 HOH A O   1 
HETATM 899 O  O   . HOH B 2 .  ? -14.658 -0.906  2.732   1.00 45.73 ? 109 HOH A O   1 
HETATM 900 O  O   . HOH B 2 .  ? -6.891  9.805   -8.309  1.00 45.86 ? 110 HOH A O   1 
# 
loop_
_atom_site_anisotrop.id 
_atom_site_anisotrop.type_symbol 
_atom_site_anisotrop.pdbx_label_atom_id 
_atom_site_anisotrop.pdbx_label_alt_id 
_atom_site_anisotrop.pdbx_label_comp_id 
_atom_site_anisotrop.pdbx_label_asym_id 
_atom_site_anisotrop.pdbx_label_seq_id 
_atom_site_anisotrop.pdbx_PDB_ins_code 
_atom_site_anisotrop.U[1][1] 
_atom_site_anisotrop.U[2][2] 
_atom_site_anisotrop.U[3][3] 
_atom_site_anisotrop.U[1][2] 
_atom_site_anisotrop.U[1][3] 
_atom_site_anisotrop.U[2][3] 
_atom_site_anisotrop.pdbx_auth_seq_id 
_atom_site_anisotrop.pdbx_auth_comp_id 
_atom_site_anisotrop.pdbx_auth_asym_id 
_atom_site_anisotrop.pdbx_auth_atom_id 
1   N  N   . SER A 1  ? 0.6300 0.3698 0.5090 0.0217  -0.0262 -0.0750 387 SER A N   
2   C  CA  . SER A 1  ? 0.6292 0.3916 0.5112 0.0081  -0.0254 -0.0805 387 SER A CA  
3   C  C   . SER A 1  ? 0.6095 0.3741 0.5010 0.0151  -0.0220 -0.0613 387 SER A C   
4   O  O   . SER A 1  ? 0.5980 0.3625 0.4863 0.0191  -0.0204 -0.0767 387 SER A O   
5   C  CB  . SER A 1  ? 0.6561 0.4086 0.5270 -0.0082 -0.0268 -0.0830 387 SER A CB  
6   O  OG  . SER A 1  ? 0.6610 0.4507 0.5124 -0.0187 -0.0183 -0.1225 387 SER A OG  
7   N  N   . ASN A 2  ? 0.5904 0.3667 0.5033 0.0175  -0.0243 -0.0444 388 ASN A N   
8   C  CA  . ASN A 2  ? 0.5725 0.3468 0.4824 0.0050  -0.0415 -0.0302 388 ASN A CA  
9   C  C   . ASN A 2  ? 0.5562 0.3426 0.4769 -0.0067 -0.0447 -0.0222 388 ASN A C   
10  O  O   . ASN A 2  ? 0.5427 0.3529 0.4715 -0.0077 -0.0568 -0.0205 388 ASN A O   
11  C  CB  . ASN A 2  ? 0.5907 0.3550 0.4952 0.0115  -0.0405 -0.0121 388 ASN A CB  
12  C  CG  . ASN A 2  ? 0.5978 0.3306 0.4876 0.0440  -0.0412 -0.0120 388 ASN A CG  
13  O  OD1 . ASN A 2  ? 0.6692 0.3872 0.4923 0.0114  -0.0498 0.0161  388 ASN A OD1 
14  N  ND2 . ASN A 2  ? 0.6310 0.3487 0.4838 0.0714  -0.0512 0.0086  388 ASN A ND2 
15  N  N   . ALA A 3  ? 0.5500 0.3428 0.4810 -0.0210 -0.0462 -0.0175 389 ALA A N   
16  C  CA  . ALA A 3  ? 0.5417 0.3366 0.4722 -0.0254 -0.0467 -0.0119 389 ALA A CA  
17  C  C   . ALA A 3  ? 0.5191 0.3298 0.4594 -0.0320 -0.0408 -0.0017 389 ALA A C   
18  O  O   . ALA A 3  ? 0.5311 0.3496 0.4637 -0.0250 -0.0365 0.0164  389 ALA A O   
19  C  CB  . ALA A 3  ? 0.5583 0.3384 0.4866 -0.0249 -0.0462 -0.0143 389 ALA A CB  
20  N  N   . LEU A 4  ? 0.4731 0.3103 0.4144 -0.0277 -0.0410 -0.0111 390 LEU A N   
21  C  CA  . LEU A 4  ? 0.4249 0.2812 0.3825 -0.0422 -0.0452 -0.0161 390 LEU A CA  
22  C  C   . LEU A 4  ? 0.3852 0.2719 0.3726 -0.0457 -0.0441 -0.0108 390 LEU A C   
23  O  O   . LEU A 4  ? 0.3377 0.2446 0.3718 -0.0417 -0.0620 -0.0232 390 LEU A O   
24  C  CB  . LEU A 4  ? 0.4195 0.2953 0.3755 -0.0413 -0.0392 -0.0101 390 LEU A CB  
25  C  CG  . LEU A 4  ? 0.4573 0.3081 0.3813 -0.0465 -0.0366 -0.0198 390 LEU A CG  
26  C  CD1 . LEU A 4  ? 0.4789 0.4246 0.3592 -0.0329 -0.0678 0.0020  390 LEU A CD1 
27  C  CD2 . LEU A 4  ? 0.4643 0.4038 0.4413 -0.0757 -0.0470 -0.0238 390 LEU A CD2 
28  N  N   . PHE A 5  ? 0.3572 0.2653 0.3768 -0.0493 -0.0373 -0.0088 391 PHE A N   
29  C  CA  . PHE A 5  ? 0.3543 0.2656 0.3517 -0.0421 -0.0283 0.0005  391 PHE A CA  
30  C  C   . PHE A 5  ? 0.3472 0.2689 0.3541 -0.0428 -0.0370 0.0071  391 PHE A C   
31  O  O   . PHE A 5  ? 0.3819 0.2912 0.3616 -0.0365 -0.0304 0.0216  391 PHE A O   
32  C  CB  . PHE A 5  ? 0.3267 0.2707 0.3689 -0.0353 -0.0164 -0.0058 391 PHE A CB  
33  C  CG  . PHE A 5  ? 0.3205 0.2767 0.3803 -0.0204 -0.0200 -0.0048 391 PHE A CG  
34  C  CD1 . PHE A 5  ? 0.3220 0.3201 0.4291 -0.0237 -0.0046 -0.0156 391 PHE A CD1 
35  C  CD2 . PHE A 5  ? 0.3345 0.2567 0.4113 -0.0140 0.0173  0.0027  391 PHE A CD2 
36  C  CE1 . PHE A 5  ? 0.3296 0.3464 0.4751 -0.0190 -0.0033 -0.0243 391 PHE A CE1 
37  C  CE2 . PHE A 5  ? 0.3372 0.2789 0.4465 -0.0141 0.0061  -0.0057 391 PHE A CE2 
38  C  CZ  . PHE A 5  ? 0.3517 0.2887 0.4844 -0.0351 0.0052  -0.0199 391 PHE A CZ  
39  N  N   . GLY A 6  ? 0.3451 0.2782 0.3377 -0.0413 -0.0438 0.0164  392 GLY A N   
40  C  CA  . GLY A 6  ? 0.3743 0.3021 0.3524 -0.0459 -0.0621 -0.0112 392 GLY A CA  
41  C  C   . GLY A 6  ? 0.3582 0.2939 0.3522 -0.0510 -0.0644 -0.0106 392 GLY A C   
42  O  O   . GLY A 6  ? 0.3579 0.2949 0.3259 -0.0498 -0.0698 -0.0071 392 GLY A O   
43  N  N   . VAL A 7  ? 0.3765 0.3017 0.3373 -0.0468 -0.0740 -0.0079 393 VAL A N   
44  C  CA  . VAL A 7  ? 0.3661 0.2861 0.3443 -0.0460 -0.0607 -0.0027 393 VAL A CA  
45  C  C   . VAL A 7  ? 0.3867 0.3003 0.3552 -0.0451 -0.0625 0.0054  393 VAL A C   
46  O  O   . VAL A 7  ? 0.4319 0.3143 0.3763 -0.0324 -0.0777 0.0086  393 VAL A O   
47  C  CB  . VAL A 7  ? 0.3621 0.2977 0.3455 -0.0423 -0.0609 -0.0084 393 VAL A CB  
48  C  CG1 . VAL A 7  ? 0.3940 0.2913 0.3739 -0.0567 -0.0614 -0.0111 393 VAL A CG1 
49  C  CG2 . VAL A 7  ? 0.3452 0.3021 0.3227 -0.0160 -0.0584 -0.0131 393 VAL A CG2 
50  N  N   . THR A 8  ? 0.3834 0.3074 0.3524 -0.0537 -0.0531 0.0199  394 THR A N   
51  C  CA  . THR A 8  ? 0.3755 0.3260 0.3533 -0.0726 -0.0409 0.0321  394 THR A CA  
52  C  C   . THR A 8  ? 0.3488 0.3241 0.3328 -0.0717 -0.0405 0.0369  394 THR A C   
53  O  O   . THR A 8  ? 0.3534 0.3415 0.3265 -0.0635 -0.0364 0.0448  394 THR A O   
54  C  CB  . THR A 8  ? 0.3637 0.3276 0.3680 -0.0810 -0.0385 0.0287  394 THR A CB  
55  O  OG1 . THR A 8  ? 0.3840 0.3581 0.3909 -0.0844 -0.0031 0.0413  394 THR A OG1 
56  C  CG2 . THR A 8  ? 0.3945 0.3338 0.4320 -0.0971 -0.0444 0.0322  394 THR A CG2 
57  N  N   . SER A 9  ? 0.3468 0.3305 0.3130 -0.0713 -0.0448 0.0404  395 SER A N   
58  C  CA  . SER A 9  ? 0.3581 0.3441 0.3008 -0.0794 -0.0433 0.0450  395 SER A CA  
59  C  C   . SER A 9  ? 0.3738 0.3639 0.3023 -0.0901 -0.0513 0.0432  395 SER A C   
60  O  O   . SER A 9  ? 0.3845 0.3832 0.2952 -0.1045 -0.0542 0.0518  395 SER A O   
61  C  CB  . SER A 9  ? 0.3593 0.3524 0.3178 -0.0671 -0.0553 0.0502  395 SER A CB  
62  O  OG  . SER A 9  ? 0.3828 0.3835 0.2975 -0.0405 -0.0468 0.0699  395 SER A OG  
63  N  N   A GLU A 10 ? 0.3657 0.3700 0.2911 -0.0881 -0.0498 0.0342  396 GLU A N   
64  N  N   B GLU A 10 ? 0.3627 0.3712 0.2826 -0.0896 -0.0471 0.0375  396 GLU A N   
65  C  CA  A GLU A 10 ? 0.3685 0.3991 0.3063 -0.0855 -0.0491 0.0316  396 GLU A CA  
66  C  CA  B GLU A 10 ? 0.3641 0.4028 0.2912 -0.0873 -0.0425 0.0393  396 GLU A CA  
67  C  C   A GLU A 10 ? 0.3734 0.3940 0.2900 -0.0855 -0.0494 0.0338  396 GLU A C   
68  C  C   B GLU A 10 ? 0.3711 0.3953 0.2819 -0.0867 -0.0460 0.0372  396 GLU A C   
69  O  O   A GLU A 10 ? 0.3736 0.3922 0.2834 -0.0841 -0.0529 0.0330  396 GLU A O   
70  O  O   B GLU A 10 ? 0.3711 0.3929 0.2750 -0.0852 -0.0504 0.0355  396 GLU A O   
71  C  CB  A GLU A 10 ? 0.3729 0.4049 0.3166 -0.0821 -0.0459 0.0233  396 GLU A CB  
72  C  CB  B GLU A 10 ? 0.3694 0.4121 0.2937 -0.0837 -0.0367 0.0335  396 GLU A CB  
73  C  CG  A GLU A 10 ? 0.3783 0.4222 0.3547 -0.0910 -0.0444 0.0048  396 GLU A CG  
74  C  CG  B GLU A 10 ? 0.3665 0.4499 0.2792 -0.0946 -0.0075 0.0459  396 GLU A CG  
75  C  CD  A GLU A 10 ? 0.4050 0.4383 0.4324 -0.0833 -0.0266 -0.0167 396 GLU A CD  
76  C  CD  B GLU A 10 ? 0.4176 0.5096 0.3141 -0.0613 0.0035  0.0252  396 GLU A CD  
77  O  OE1 A GLU A 10 ? 0.3701 0.4346 0.4644 -0.0745 -0.0035 -0.0205 396 GLU A OE1 
78  O  OE1 B GLU A 10 ? 0.4340 0.5652 0.3316 -0.0499 0.0062  0.0149  396 GLU A OE1 
79  O  OE2 A GLU A 10 ? 0.4270 0.4522 0.4537 -0.0907 -0.0286 -0.0446 396 GLU A OE2 
80  O  OE2 B GLU A 10 ? 0.4150 0.5243 0.3220 -0.0633 0.0579  0.0305  396 GLU A OE2 
81  N  N   . LEU A 11 ? 0.3748 0.4097 0.3023 -0.0823 -0.0511 0.0445  397 LEU A N   
82  C  CA  . LEU A 11 ? 0.3894 0.4225 0.3110 -0.0875 -0.0423 0.0497  397 LEU A CA  
83  C  C   . LEU A 11 ? 0.4068 0.4421 0.3174 -0.0952 -0.0400 0.0474  397 LEU A C   
84  O  O   . LEU A 11 ? 0.4203 0.4509 0.3204 -0.1048 -0.0270 0.0432  397 LEU A O   
85  C  CB  . LEU A 11 ? 0.3919 0.4417 0.3215 -0.0773 -0.0419 0.0661  397 LEU A CB  
86  C  CG  . LEU A 11 ? 0.3916 0.4131 0.3382 -0.0785 -0.0323 0.0570  397 LEU A CG  
87  C  CD1 . LEU A 11 ? 0.4275 0.4010 0.3216 -0.0410 0.0093  0.0449  397 LEU A CD1 
88  C  CD2 . LEU A 11 ? 0.4107 0.4230 0.3835 -0.0566 -0.0362 0.0556  397 LEU A CD2 
89  N  N   . SER A 12 ? 0.4170 0.4464 0.3186 -0.1065 -0.0424 0.0356  398 SER A N   
90  C  CA  . SER A 12 ? 0.4310 0.4731 0.3081 -0.1094 -0.0459 0.0354  398 SER A CA  
91  C  C   . SER A 12 ? 0.4483 0.5014 0.3203 -0.1125 -0.0485 0.0428  398 SER A C   
92  O  O   . SER A 12 ? 0.4463 0.5117 0.2982 -0.0990 -0.0583 0.0626  398 SER A O   
93  C  CB  . SER A 12 ? 0.4139 0.4759 0.3273 -0.1172 -0.0480 0.0224  398 SER A CB  
94  O  OG  . SER A 12 ? 0.4096 0.4723 0.3134 -0.1249 -0.0403 -0.0081 398 SER A OG  
95  N  N   . LYS A 13 ? 0.4794 0.5366 0.3163 -0.1158 -0.0464 0.0525  399 LYS A N   
96  C  CA  . LYS A 13 ? 0.4964 0.5775 0.3355 -0.1234 -0.0562 0.0632  399 LYS A CA  
97  C  C   . LYS A 13 ? 0.5022 0.5918 0.3525 -0.1264 -0.0586 0.0740  399 LYS A C   
98  O  O   . LYS A 13 ? 0.5107 0.6011 0.3448 -0.1286 -0.0652 0.0896  399 LYS A O   
99  C  CB  . LYS A 13 ? 0.5073 0.5896 0.3544 -0.1185 -0.0400 0.0588  399 LYS A CB  
100 C  CG  . LYS A 13 ? 0.5146 0.6012 0.3789 -0.1348 -0.0487 0.0424  399 LYS A CG  
101 C  CD  . LYS A 13 ? 0.5221 0.5932 0.4061 -0.1397 -0.0459 0.0418  399 LYS A CD  
102 C  CE  . LYS A 13 ? 0.5309 0.5997 0.4619 -0.1552 -0.0351 0.0322  399 LYS A CE  
103 N  NZ  . LYS A 13 ? 0.4517 0.5600 0.4477 -0.1560 -0.0825 0.0042  399 LYS A NZ  
104 N  N   . ASP A 14 ? 0.4909 0.5870 0.3465 -0.1348 -0.0651 0.0704  400 ASP A N   
105 C  CA  . ASP A 14 ? 0.4813 0.5902 0.3581 -0.1315 -0.0747 0.0685  400 ASP A CA  
106 C  C   . ASP A 14 ? 0.4603 0.5860 0.3675 -0.1209 -0.0831 0.0775  400 ASP A C   
107 O  O   . ASP A 14 ? 0.4517 0.6002 0.3776 -0.1222 -0.0904 0.0743  400 ASP A O   
108 C  CB  . ASP A 14 ? 0.4839 0.5849 0.3683 -0.1385 -0.0630 0.0642  400 ASP A CB  
109 C  CG  . ASP A 14 ? 0.5026 0.5855 0.3868 -0.1481 -0.0466 0.0497  400 ASP A CG  
110 O  OD1 . ASP A 14 ? 0.5337 0.5547 0.3736 -0.1742 -0.0093 0.0196  400 ASP A OD1 
111 O  OD2 . ASP A 14 ? 0.5535 0.5810 0.4427 -0.1473 0.0246  0.0472  400 ASP A OD2 
112 N  N   . GLY A 15 ? 0.4469 0.5732 0.3493 -0.1090 -0.0817 0.0771  401 GLY A N   
113 C  CA  . GLY A 15 ? 0.4351 0.5552 0.3595 -0.0957 -0.0824 0.0842  401 GLY A CA  
114 C  C   . GLY A 15 ? 0.4228 0.5474 0.3513 -0.0957 -0.0804 0.0772  401 GLY A C   
115 O  O   . GLY A 15 ? 0.4240 0.5590 0.3705 -0.0835 -0.0834 0.0807  401 GLY A O   
116 N  N   . ARG A 16 ? 0.4063 0.5318 0.3437 -0.1031 -0.0809 0.0719  402 ARG A N   
117 C  CA  . ARG A 16 ? 0.4022 0.5083 0.3238 -0.1063 -0.0890 0.0631  402 ARG A CA  
118 C  C   . ARG A 16 ? 0.3870 0.4746 0.3115 -0.0986 -0.0760 0.0551  402 ARG A C   
119 O  O   . ARG A 16 ? 0.3961 0.4665 0.3066 -0.0948 -0.0734 0.0503  402 ARG A O   
120 C  CB  . ARG A 16 ? 0.4082 0.5301 0.3452 -0.1217 -0.0943 0.0545  402 ARG A CB  
121 C  CG  . ARG A 16 ? 0.4694 0.6024 0.3775 -0.1436 -0.1160 0.0658  402 ARG A CG  
122 C  CD  . ARG A 16 ? 0.5864 0.6825 0.4609 -0.1643 -0.1133 0.0299  402 ARG A CD  
123 N  NE  . ARG A 16 ? 0.6411 0.8081 0.5329 -0.1666 -0.1380 0.0539  402 ARG A NE  
124 C  CZ  . ARG A 16 ? 0.6503 0.8624 0.5620 -0.1687 -0.1505 0.0623  402 ARG A CZ  
125 N  NH1 . ARG A 16 ? 0.7069 0.8793 0.5691 -0.1627 -0.1572 0.0695  402 ARG A NH1 
126 N  NH2 . ARG A 16 ? 0.6846 0.8865 0.5533 -0.1687 -0.1737 0.0583  402 ARG A NH2 
127 N  N   . GLU A 17 ? 0.3743 0.4373 0.2957 -0.0888 -0.0651 0.0442  403 GLU A N   
128 C  CA  . GLU A 17 ? 0.3556 0.3957 0.3110 -0.0783 -0.0554 0.0322  403 GLU A CA  
129 C  C   . GLU A 17 ? 0.3406 0.3829 0.3042 -0.0806 -0.0445 0.0327  403 GLU A C   
130 O  O   . GLU A 17 ? 0.3786 0.3896 0.3060 -0.0851 -0.0397 0.0333  403 GLU A O   
131 C  CB  . GLU A 17 ? 0.3638 0.4133 0.3297 -0.0769 -0.0497 0.0220  403 GLU A CB  
132 C  CG  . GLU A 17 ? 0.3849 0.4227 0.3655 -0.0472 -0.0470 0.0161  403 GLU A CG  
133 C  CD  . GLU A 17 ? 0.4502 0.4517 0.5263 -0.0466 0.0098  -0.0118 403 GLU A CD  
134 O  OE1 . GLU A 17 ? 0.5464 0.4613 0.6098 -0.0347 0.0124  -0.0082 403 GLU A OE1 
135 O  OE2 . GLU A 17 ? 0.4313 0.4996 0.6114 -0.0093 0.0214  -0.0499 403 GLU A OE2 
136 N  N   . ARG A 18 ? 0.2976 0.3412 0.2960 -0.0745 -0.0383 0.0323  404 ARG A N   
137 C  CA  . ARG A 18 ? 0.3116 0.3216 0.2968 -0.0587 -0.0474 0.0266  404 ARG A CA  
138 C  C   . ARG A 18 ? 0.3034 0.3289 0.2790 -0.0636 -0.0444 0.0118  404 ARG A C   
139 O  O   . ARG A 18 ? 0.3071 0.3284 0.2836 -0.0435 -0.0479 0.0153  404 ARG A O   
140 C  CB  . ARG A 18 ? 0.3207 0.3287 0.3104 -0.0555 -0.0410 0.0282  404 ARG A CB  
141 C  CG  . ARG A 18 ? 0.3331 0.2885 0.3360 -0.0366 -0.0274 0.0384  404 ARG A CG  
142 C  CD  . ARG A 18 ? 0.3451 0.3021 0.3046 -0.0141 -0.0231 0.0742  404 ARG A CD  
143 N  NE  . ARG A 18 ? 0.3567 0.3652 0.3036 -0.0309 -0.0551 0.0737  404 ARG A NE  
144 C  CZ  . ARG A 18 ? 0.3709 0.3898 0.3223 -0.0328 -0.0580 0.0780  404 ARG A CZ  
145 N  NH1 . ARG A 18 ? 0.3845 0.3844 0.3405 -0.0682 -0.0509 0.0771  404 ARG A NH1 
146 N  NH2 . ARG A 18 ? 0.3946 0.4283 0.3041 -0.0292 -0.0822 0.0748  404 ARG A NH2 
147 N  N   . ILE A 19 ? 0.3059 0.3293 0.2820 -0.0677 -0.0430 0.0035  405 ILE A N   
148 C  CA  . ILE A 19 ? 0.3133 0.3327 0.2953 -0.0699 -0.0424 0.0037  405 ILE A CA  
149 C  C   . ILE A 19 ? 0.3043 0.3266 0.2857 -0.0602 -0.0401 0.0143  405 ILE A C   
150 O  O   . ILE A 19 ? 0.3363 0.3436 0.2888 -0.0763 -0.0358 0.0330  405 ILE A O   
151 C  CB  . ILE A 19 ? 0.3304 0.3453 0.3147 -0.0688 -0.0487 -0.0238 405 ILE A CB  
152 C  CG1 . ILE A 19 ? 0.3988 0.4009 0.3674 -0.0510 -0.0171 -0.0310 405 ILE A CG1 
153 C  CG2 . ILE A 19 ? 0.3859 0.3637 0.3084 -0.0751 -0.0350 -0.0029 405 ILE A CG2 
154 C  CD1 . ILE A 19 ? 0.4781 0.5023 0.3843 -0.0302 0.0081  -0.0592 405 ILE A CD1 
155 N  N   . TYR A 20 ? 0.2858 0.2949 0.2619 -0.0665 -0.0505 0.0108  406 TYR A N   
156 C  CA  . TYR A 20 ? 0.2695 0.2971 0.2716 -0.0554 -0.0497 0.0147  406 TYR A CA  
157 C  C   . TYR A 20 ? 0.2840 0.2958 0.2954 -0.0514 -0.0373 0.0272  406 TYR A C   
158 O  O   . TYR A 20 ? 0.2873 0.3069 0.3253 -0.0502 -0.0420 0.0551  406 TYR A O   
159 C  CB  . TYR A 20 ? 0.2611 0.2974 0.2526 -0.0500 -0.0592 0.0167  406 TYR A CB  
160 C  CG  . TYR A 20 ? 0.2879 0.2981 0.2652 -0.0341 -0.0524 0.0153  406 TYR A CG  
161 C  CD1 . TYR A 20 ? 0.3041 0.2920 0.2752 -0.0328 -0.0167 0.0350  406 TYR A CD1 
162 C  CD2 . TYR A 20 ? 0.2610 0.3291 0.2872 -0.0535 -0.0433 0.0298  406 TYR A CD2 
163 C  CE1 . TYR A 20 ? 0.3128 0.3155 0.3035 -0.0292 -0.0491 0.0174  406 TYR A CE1 
164 C  CE2 . TYR A 20 ? 0.2828 0.3001 0.2813 -0.0580 -0.0444 0.0313  406 TYR A CE2 
165 C  CZ  . TYR A 20 ? 0.3114 0.3262 0.3179 -0.0274 -0.0439 0.0536  406 TYR A CZ  
166 O  OH  . TYR A 20 ? 0.3140 0.3545 0.3497 -0.0002 -0.0097 0.0280  406 TYR A OH  
167 N  N   . ARG A 21 ? 0.2757 0.3024 0.2852 -0.0648 -0.0264 0.0302  407 ARG A N   
168 C  CA  . ARG A 21 ? 0.2922 0.3253 0.2659 -0.0526 -0.0056 0.0117  407 ARG A CA  
169 C  C   . ARG A 21 ? 0.2947 0.3055 0.2697 -0.0546 -0.0172 0.0082  407 ARG A C   
170 O  O   . ARG A 21 ? 0.3226 0.3144 0.2703 -0.0316 -0.0173 0.0134  407 ARG A O   
171 C  CB  . ARG A 21 ? 0.3177 0.3554 0.2739 -0.0553 0.0056  0.0090  407 ARG A CB  
172 C  CG  . ARG A 21 ? 0.3616 0.4247 0.2597 -0.0595 0.0284  -0.0171 407 ARG A CG  
173 C  CD  . ARG A 21 ? 0.4671 0.4875 0.2997 -0.0674 0.0482  -0.0034 407 ARG A CD  
174 N  NE  . ARG A 21 ? 0.5336 0.5033 0.3320 -0.0309 -0.0007 -0.0340 407 ARG A NE  
175 C  CZ  . ARG A 21 ? 0.5747 0.5228 0.3972 -0.0615 -0.0478 -0.0617 407 ARG A CZ  
176 N  NH1 . ARG A 21 ? 0.5581 0.5102 0.4220 -0.0718 -0.0898 -0.0574 407 ARG A NH1 
177 N  NH2 . ARG A 21 ? 0.6513 0.5416 0.4038 -0.0685 -0.0024 -0.0814 407 ARG A NH2 
178 N  N   . VAL A 22 ? 0.2909 0.2982 0.2527 -0.0516 -0.0150 -0.0109 408 VAL A N   
179 C  CA  . VAL A 22 ? 0.2976 0.2625 0.2632 -0.0589 -0.0278 -0.0189 408 VAL A CA  
180 C  C   . VAL A 22 ? 0.3029 0.2767 0.2740 -0.0582 -0.0312 -0.0169 408 VAL A C   
181 O  O   . VAL A 22 ? 0.3125 0.2759 0.2709 -0.0748 -0.0478 -0.0448 408 VAL A O   
182 C  CB  . VAL A 22 ? 0.3041 0.2934 0.2493 -0.0527 -0.0240 -0.0303 408 VAL A CB  
183 C  CG1 . VAL A 22 ? 0.3713 0.2642 0.2390 -0.0435 -0.0288 -0.0577 408 VAL A CG1 
184 C  CG2 . VAL A 22 ? 0.2847 0.2939 0.2719 -0.0516 -0.0346 -0.0082 408 VAL A CG2 
185 N  N   A GLU A 23 ? 0.2932 0.2789 0.2860 -0.0694 -0.0336 -0.0161 409 GLU A N   
186 N  N   B GLU A 23 ? 0.2987 0.2799 0.2883 -0.0703 -0.0319 -0.0180 409 GLU A N   
187 C  CA  A GLU A 23 ? 0.3043 0.3067 0.2962 -0.0541 -0.0308 0.0005  409 GLU A CA  
188 C  CA  B GLU A 23 ? 0.3145 0.3068 0.3003 -0.0550 -0.0276 -0.0033 409 GLU A CA  
189 C  C   A GLU A 23 ? 0.3033 0.2882 0.2996 -0.0589 -0.0258 -0.0034 409 GLU A C   
190 C  C   B GLU A 23 ? 0.3060 0.2819 0.3016 -0.0616 -0.0251 -0.0076 409 GLU A C   
191 O  O   A GLU A 23 ? 0.3186 0.3021 0.3128 -0.0413 -0.0315 0.0075  409 GLU A O   
192 O  O   B GLU A 23 ? 0.3075 0.2608 0.3113 -0.0490 -0.0272 0.0057  409 GLU A O   
193 C  CB  A GLU A 23 ? 0.3177 0.3108 0.3264 -0.0599 -0.0266 0.0032  409 GLU A CB  
194 C  CB  B GLU A 23 ? 0.3346 0.3228 0.3312 -0.0629 -0.0217 -0.0018 409 GLU A CB  
195 C  CG  A GLU A 23 ? 0.3394 0.3453 0.3386 -0.0677 -0.0552 0.0397  409 GLU A CG  
196 C  CG  B GLU A 23 ? 0.4016 0.3721 0.3641 -0.0613 -0.0357 0.0322  409 GLU A CG  
197 C  CD  A GLU A 23 ? 0.3540 0.3685 0.3423 -0.0777 -0.0918 0.0366  409 GLU A CD  
198 C  CD  B GLU A 23 ? 0.4620 0.4604 0.4403 -0.0837 -0.0037 0.0568  409 GLU A CD  
199 O  OE1 A GLU A 23 ? 0.3138 0.4125 0.3216 -0.0863 -0.0788 0.0470  409 GLU A OE1 
200 O  OE1 B GLU A 23 ? 0.5035 0.5027 0.4279 -0.0859 -0.0196 0.0568  409 GLU A OE1 
201 O  OE2 A GLU A 23 ? 0.3839 0.3961 0.3887 -0.0770 -0.1015 0.0485  409 GLU A OE2 
202 O  OE2 B GLU A 23 ? 0.5291 0.4839 0.5130 -0.1017 -0.0013 0.0633  409 GLU A OE2 
203 N  N   . GLY A 24 ? 0.2987 0.2829 0.2942 -0.0559 -0.0240 -0.0064 410 GLY A N   
204 C  CA  . GLY A 24 ? 0.3187 0.2686 0.2679 -0.0549 -0.0229 -0.0159 410 GLY A CA  
205 C  C   . GLY A 24 ? 0.3048 0.2500 0.2817 -0.0594 -0.0168 -0.0133 410 GLY A C   
206 O  O   . GLY A 24 ? 0.3782 0.2679 0.2959 -0.0489 -0.0070 -0.0194 410 GLY A O   
207 N  N   . GLN A 25 ? 0.2907 0.2547 0.2831 -0.0466 -0.0183 -0.0168 411 GLN A N   
208 C  CA  . GLN A 25 ? 0.2642 0.2526 0.2845 -0.0653 -0.0174 -0.0176 411 GLN A CA  
209 C  C   . GLN A 25 ? 0.2777 0.2394 0.3103 -0.0451 -0.0063 -0.0248 411 GLN A C   
210 O  O   . GLN A 25 ? 0.2903 0.2594 0.3244 -0.0593 -0.0323 -0.0103 411 GLN A O   
211 C  CB  . GLN A 25 ? 0.2910 0.2229 0.3033 -0.0626 -0.0229 -0.0304 411 GLN A CB  
212 C  CG  . GLN A 25 ? 0.2863 0.2608 0.2940 -0.0558 0.0098  -0.0161 411 GLN A CG  
213 C  CD  . GLN A 25 ? 0.2994 0.2691 0.2952 -0.0548 -0.0121 -0.0316 411 GLN A CD  
214 O  OE1 . GLN A 25 ? 0.2560 0.2894 0.2974 -0.0327 -0.0282 -0.0057 411 GLN A OE1 
215 N  NE2 . GLN A 25 ? 0.2817 0.2584 0.2733 -0.0570 -0.0247 -0.0324 411 GLN A NE2 
216 N  N   . LEU A 26 ? 0.2682 0.2478 0.2741 -0.0476 -0.0038 -0.0245 412 LEU A N   
217 C  CA  . LEU A 26 ? 0.2678 0.2236 0.2527 -0.0342 -0.0069 -0.0427 412 LEU A CA  
218 C  C   . LEU A 26 ? 0.2918 0.2313 0.2655 -0.0250 -0.0051 -0.0366 412 LEU A C   
219 O  O   . LEU A 26 ? 0.2816 0.2329 0.2648 -0.0188 -0.0075 -0.0305 412 LEU A O   
220 C  CB  . LEU A 26 ? 0.2605 0.2340 0.2565 -0.0349 -0.0186 -0.0365 412 LEU A CB  
221 C  CG  . LEU A 26 ? 0.2967 0.2462 0.2742 -0.0103 -0.0278 -0.0568 412 LEU A CG  
222 C  CD1 . LEU A 26 ? 0.3281 0.2758 0.2947 -0.0201 -0.0509 -0.0926 412 LEU A CD1 
223 C  CD2 . LEU A 26 ? 0.3630 0.2516 0.3580 -0.0225 -0.0679 -0.0428 412 LEU A CD2 
224 N  N   . PHE A 27 ? 0.3001 0.2346 0.2983 -0.0192 0.0006  -0.0498 413 PHE A N   
225 C  CA  . PHE A 27 ? 0.3062 0.2509 0.2852 -0.0185 -0.0158 -0.0653 413 PHE A CA  
226 C  C   . PHE A 27 ? 0.3303 0.2622 0.3105 -0.0129 -0.0066 -0.0641 413 PHE A C   
227 O  O   . PHE A 27 ? 0.3207 0.2590 0.2976 0.0021  -0.0102 -0.0678 413 PHE A O   
228 C  CB  . PHE A 27 ? 0.3140 0.2634 0.3312 -0.0263 -0.0192 -0.0540 413 PHE A CB  
229 C  CG  . PHE A 27 ? 0.3302 0.3225 0.3374 -0.0353 -0.0324 -0.0412 413 PHE A CG  
230 C  CD1 . PHE A 27 ? 0.3329 0.3597 0.3800 -0.0240 -0.0422 -0.0416 413 PHE A CD1 
231 C  CD2 . PHE A 27 ? 0.3412 0.3755 0.3401 -0.0327 -0.0279 -0.0448 413 PHE A CD2 
232 C  CE1 . PHE A 27 ? 0.3031 0.3161 0.3689 -0.0303 -0.0267 -0.0696 413 PHE A CE1 
233 C  CE2 . PHE A 27 ? 0.3314 0.3504 0.2786 -0.0675 -0.0467 -0.0964 413 PHE A CE2 
234 C  CZ  . PHE A 27 ? 0.3298 0.3195 0.3546 -0.0249 -0.0344 -0.0473 413 PHE A CZ  
235 N  N   A TYR A 28 ? 0.3363 0.2678 0.3019 -0.0063 -0.0019 -0.0764 414 TYR A N   
236 N  N   B TYR A 28 ? 0.3357 0.2680 0.3017 -0.0027 0.0005  -0.0763 414 TYR A N   
237 C  CA  A TYR A 28 ? 0.3718 0.3021 0.3383 -0.0032 0.0067  -0.0746 414 TYR A CA  
238 C  CA  B TYR A 28 ? 0.3706 0.3039 0.3385 0.0058  0.0121  -0.0738 414 TYR A CA  
239 C  C   A TYR A 28 ? 0.3777 0.3053 0.3544 0.0057  0.0042  -0.0792 414 TYR A C   
240 C  C   B TYR A 28 ? 0.3775 0.3025 0.3518 0.0087  0.0078  -0.0798 414 TYR A C   
241 O  O   A TYR A 28 ? 0.3809 0.3118 0.3737 0.0135  0.0121  -0.0820 414 TYR A O   
242 O  O   B TYR A 28 ? 0.3828 0.3035 0.3617 0.0151  0.0211  -0.0820 414 TYR A O   
243 C  CB  A TYR A 28 ? 0.3820 0.3218 0.3368 -0.0049 0.0136  -0.0790 414 TYR A CB  
244 C  CB  B TYR A 28 ? 0.3831 0.3238 0.3380 0.0060  0.0169  -0.0791 414 TYR A CB  
245 C  CG  A TYR A 28 ? 0.4348 0.3370 0.3783 -0.0264 0.0035  -0.0809 414 TYR A CG  
246 C  CG  B TYR A 28 ? 0.4176 0.3708 0.3915 0.0318  0.0334  -0.0695 414 TYR A CG  
247 C  CD1 A TYR A 28 ? 0.4737 0.3738 0.4137 -0.0080 0.0179  -0.0961 414 TYR A CD1 
248 C  CD1 B TYR A 28 ? 0.4354 0.3891 0.4471 0.0221  0.0421  -0.0722 414 TYR A CD1 
249 C  CD2 A TYR A 28 ? 0.4199 0.3493 0.4065 -0.0353 0.0039  -0.0829 414 TYR A CD2 
250 C  CD2 B TYR A 28 ? 0.4500 0.4039 0.4373 0.0259  0.0325  -0.0873 414 TYR A CD2 
251 C  CE1 A TYR A 28 ? 0.5225 0.3889 0.4497 -0.0206 0.0051  -0.1148 414 TYR A CE1 
252 C  CE1 B TYR A 28 ? 0.4552 0.4469 0.4576 0.0437  0.0523  -0.0690 414 TYR A CE1 
253 C  CE2 A TYR A 28 ? 0.4997 0.3726 0.4435 -0.0208 -0.0017 -0.1193 414 TYR A CE2 
254 C  CE2 B TYR A 28 ? 0.4828 0.4741 0.4783 0.0444  0.0577  -0.0759 414 TYR A CE2 
255 C  CZ  A TYR A 28 ? 0.5095 0.3939 0.4548 -0.0118 0.0057  -0.1132 414 TYR A CZ  
256 C  CZ  B TYR A 28 ? 0.4749 0.4662 0.4663 0.0495  0.0533  -0.0811 414 TYR A CZ  
257 O  OH  A TYR A 28 ? 0.5381 0.4031 0.4807 -0.0278 0.0099  -0.1184 414 TYR A OH  
258 O  OH  B TYR A 28 ? 0.5027 0.5003 0.5040 0.0751  0.0549  -0.0912 414 TYR A OH  
259 N  N   . ALA A 29 ? 0.3949 0.2990 0.3715 0.0103  0.0004  -0.0860 415 ALA A N   
260 C  CA  . ALA A 29 ? 0.4233 0.3091 0.4154 0.0058  -0.0148 -0.0721 415 ALA A CA  
261 C  C   . ALA A 29 ? 0.4313 0.3092 0.4226 0.0108  -0.0193 -0.0688 415 ALA A C   
262 O  O   . ALA A 29 ? 0.4563 0.3380 0.4775 0.0313  -0.0270 -0.0664 415 ALA A O   
263 C  CB  . ALA A 29 ? 0.4443 0.3213 0.4421 -0.0038 -0.0297 -0.0839 415 ALA A CB  
264 N  N   A SER A 30 ? 0.4172 0.3118 0.4132 0.0065  -0.0169 -0.0535 416 SER A N   
265 N  N   B SER A 30 ? 0.4202 0.3145 0.4168 0.0057  -0.0192 -0.0534 416 SER A N   
266 C  CA  A SER A 30 ? 0.4071 0.3150 0.3989 -0.0024 -0.0078 -0.0514 416 SER A CA  
267 C  CA  B SER A 30 ? 0.4145 0.3226 0.4082 -0.0052 -0.0145 -0.0502 416 SER A CA  
268 C  C   A SER A 30 ? 0.3891 0.3032 0.3877 0.0035  -0.0083 -0.0458 416 SER A C   
269 C  C   B SER A 30 ? 0.3918 0.3066 0.3910 0.0026  -0.0106 -0.0450 416 SER A C   
270 O  O   A SER A 30 ? 0.3709 0.2924 0.3881 0.0014  -0.0034 -0.0430 416 SER A O   
271 O  O   B SER A 30 ? 0.3729 0.2954 0.3912 0.0004  -0.0057 -0.0423 416 SER A O   
272 C  CB  A SER A 30 ? 0.4169 0.3263 0.4029 -0.0059 -0.0076 -0.0481 416 SER A CB  
273 C  CB  B SER A 30 ? 0.4264 0.3364 0.4137 -0.0074 -0.0147 -0.0464 416 SER A CB  
274 O  OG  A SER A 30 ? 0.4342 0.3259 0.3922 -0.0192 0.0200  -0.0258 416 SER A OG  
275 O  OG  B SER A 30 ? 0.4745 0.3698 0.4551 -0.0407 -0.0219 -0.0182 416 SER A OG  
276 N  N   . VAL A 31 ? 0.3798 0.3015 0.3770 0.0118  -0.0101 -0.0413 417 VAL A N   
277 C  CA  . VAL A 31 ? 0.3476 0.3225 0.3641 0.0229  -0.0097 -0.0292 417 VAL A CA  
278 C  C   . VAL A 31 ? 0.3599 0.3242 0.3677 0.0397  0.0024  -0.0313 417 VAL A C   
279 O  O   . VAL A 31 ? 0.3423 0.3373 0.3763 0.0437  -0.0021 -0.0307 417 VAL A O   
280 C  CB  . VAL A 31 ? 0.3408 0.3326 0.3596 0.0221  -0.0242 -0.0114 417 VAL A CB  
281 C  CG1 . VAL A 31 ? 0.3648 0.3669 0.3874 0.0209  -0.0080 -0.0463 417 VAL A CG1 
282 C  CG2 . VAL A 31 ? 0.3432 0.3065 0.3269 0.0239  -0.0178 -0.0480 417 VAL A CG2 
283 N  N   . GLU A 32 ? 0.3722 0.3222 0.3889 0.0531  0.0141  -0.0225 418 GLU A N   
284 C  CA  . GLU A 32 ? 0.4109 0.3494 0.4123 0.0639  0.0196  -0.0304 418 GLU A CA  
285 C  C   . GLU A 32 ? 0.3997 0.3236 0.4045 0.0550  0.0090  -0.0197 418 GLU A C   
286 O  O   . GLU A 32 ? 0.3884 0.3337 0.3992 0.0528  0.0176  -0.0182 418 GLU A O   
287 C  CB  . GLU A 32 ? 0.4452 0.3727 0.4287 0.0703  0.0236  -0.0498 418 GLU A CB  
288 C  CG  . GLU A 32 ? 0.5458 0.4707 0.4932 0.0769  0.0574  -0.0498 418 GLU A CG  
289 C  CD  . GLU A 32 ? 0.7106 0.5611 0.5820 0.1146  0.0713  -0.0877 418 GLU A CD  
290 O  OE1 . GLU A 32 ? 0.7783 0.5718 0.6413 0.1049  0.0718  -0.0792 418 GLU A OE1 
291 O  OE2 . GLU A 32 ? 0.7749 0.6608 0.6111 0.1073  0.0882  -0.0742 418 GLU A OE2 
292 N  N   . ASP A 33 ? 0.3884 0.3178 0.4008 0.0511  0.0007  -0.0170 419 ASP A N   
293 C  CA  . ASP A 33 ? 0.4056 0.3014 0.4215 0.0387  -0.0040 -0.0261 419 ASP A CA  
294 C  C   . ASP A 33 ? 0.3842 0.2869 0.3958 0.0331  -0.0091 -0.0194 419 ASP A C   
295 O  O   . ASP A 33 ? 0.3965 0.2751 0.4020 0.0398  -0.0059 -0.0223 419 ASP A O   
296 C  CB  . ASP A 33 ? 0.4199 0.3090 0.4426 0.0283  -0.0066 -0.0367 419 ASP A CB  
297 C  CG  . ASP A 33 ? 0.5169 0.3390 0.4991 0.0466  -0.0028 -0.0498 419 ASP A CG  
298 O  OD1 . ASP A 33 ? 0.6127 0.3102 0.5701 0.0809  -0.0036 -0.0561 419 ASP A OD1 
299 O  OD2 . ASP A 33 ? 0.5655 0.3861 0.4843 0.0553  -0.0079 -0.0938 419 ASP A OD2 
300 N  N   . PHE A 34 ? 0.3638 0.2663 0.3663 0.0294  -0.0113 -0.0256 420 PHE A N   
301 C  CA  . PHE A 34 ? 0.3305 0.2572 0.3479 0.0320  -0.0128 -0.0210 420 PHE A CA  
302 C  C   . PHE A 34 ? 0.3374 0.2726 0.3395 0.0375  -0.0149 -0.0161 420 PHE A C   
303 O  O   . PHE A 34 ? 0.3430 0.2773 0.3320 0.0272  -0.0338 -0.0095 420 PHE A O   
304 C  CB  . PHE A 34 ? 0.3155 0.2462 0.3384 0.0274  -0.0164 -0.0210 420 PHE A CB  
305 C  CG  . PHE A 34 ? 0.2659 0.2448 0.3000 0.0214  -0.0252 -0.0465 420 PHE A CG  
306 C  CD1 . PHE A 34 ? 0.2934 0.2466 0.3478 0.0451  -0.0240 -0.0527 420 PHE A CD1 
307 C  CD2 . PHE A 34 ? 0.3015 0.2441 0.3190 0.0202  -0.0512 -0.0307 420 PHE A CD2 
308 C  CE1 . PHE A 34 ? 0.2980 0.2359 0.3558 -0.0003 0.0012  -0.0433 420 PHE A CE1 
309 C  CE2 . PHE A 34 ? 0.3106 0.2414 0.3038 0.0350  -0.0128 -0.0377 420 PHE A CE2 
310 C  CZ  . PHE A 34 ? 0.2675 0.2952 0.3483 0.0096  -0.0315 -0.0129 420 PHE A CZ  
311 N  N   . MSE A 35 ? 0.3292 0.2853 0.3456 0.0343  -0.0123 -0.0119 421 MSE A N   
312 C  CA  . MSE A 35 ? 0.3268 0.3013 0.3599 0.0392  -0.0141 0.0053  421 MSE A CA  
313 C  C   . MSE A 35 ? 0.3312 0.2883 0.3706 0.0478  -0.0231 0.0056  421 MSE A C   
314 O  O   . MSE A 35 ? 0.3244 0.3064 0.3755 0.0402  -0.0503 0.0364  421 MSE A O   
315 C  CB  . MSE A 35 ? 0.3398 0.3287 0.3627 0.0390  -0.0073 0.0061  421 MSE A CB  
316 C  CG  . MSE A 35 ? 0.3659 0.2841 0.3845 0.0490  -0.0027 0.0053  421 MSE A CG  
317 SE SE  . MSE A 35 ? 0.3361 0.2812 0.3878 0.0493  0.0126  0.0020  421 MSE A SE  
318 C  CE  . MSE A 35 ? 0.3347 0.2827 0.4017 0.0183  -0.0120 0.0207  421 MSE A CE  
319 N  N   . ALA A 36 ? 0.3466 0.2828 0.3924 0.0570  -0.0198 0.0161  422 ALA A N   
320 C  CA  . ALA A 36 ? 0.3778 0.2861 0.4000 0.0578  -0.0265 0.0173  422 ALA A CA  
321 C  C   . ALA A 36 ? 0.3856 0.2903 0.4038 0.0533  -0.0275 0.0304  422 ALA A C   
322 O  O   . ALA A 36 ? 0.4049 0.2960 0.4096 0.0449  -0.0444 0.0325  422 ALA A O   
323 C  CB  . ALA A 36 ? 0.4021 0.2911 0.4335 0.0617  -0.0287 0.0169  422 ALA A CB  
324 N  N   . ALA A 37 ? 0.3764 0.2887 0.3968 0.0308  -0.0189 0.0215  423 ALA A N   
325 C  CA  . ALA A 37 ? 0.3769 0.3009 0.3868 0.0268  -0.0214 0.0231  423 ALA A CA  
326 C  C   . ALA A 37 ? 0.3779 0.3138 0.3833 0.0190  -0.0201 0.0257  423 ALA A C   
327 O  O   . ALA A 37 ? 0.4117 0.3285 0.3895 -0.0015 -0.0037 0.0414  423 ALA A O   
328 C  CB  . ALA A 37 ? 0.3733 0.3397 0.3915 0.0216  -0.0178 0.0172  423 ALA A CB  
329 N  N   . PHE A 38 ? 0.3515 0.3127 0.3735 0.0304  -0.0196 0.0240  424 PHE A N   
330 C  CA  . PHE A 38 ? 0.3429 0.3211 0.3664 0.0287  -0.0293 0.0255  424 PHE A CA  
331 C  C   . PHE A 38 ? 0.3489 0.3511 0.3777 0.0379  -0.0312 0.0250  424 PHE A C   
332 O  O   . PHE A 38 ? 0.3654 0.3692 0.3891 0.0503  -0.0195 -0.0039 424 PHE A O   
333 C  CB  . PHE A 38 ? 0.3368 0.3097 0.3603 0.0263  -0.0228 0.0162  424 PHE A CB  
334 C  CG  . PHE A 38 ? 0.3234 0.2830 0.3367 0.0167  -0.0116 0.0093  424 PHE A CG  
335 C  CD1 . PHE A 38 ? 0.3067 0.2378 0.2884 -0.0126 -0.0040 -0.0055 424 PHE A CD1 
336 C  CD2 . PHE A 38 ? 0.3590 0.3130 0.3588 0.0219  -0.0532 0.0166  424 PHE A CD2 
337 C  CE1 . PHE A 38 ? 0.3218 0.3082 0.2994 -0.0203 -0.0384 0.0008  424 PHE A CE1 
338 C  CE2 . PHE A 38 ? 0.3437 0.2860 0.3295 0.0114  -0.0109 0.0275  424 PHE A CE2 
339 C  CZ  . PHE A 38 ? 0.3508 0.2903 0.2878 -0.0134 -0.0092 0.0033  424 PHE A CZ  
340 N  N   . ASP A 39 ? 0.3442 0.3645 0.3553 0.0299  -0.0422 0.0394  425 ASP A N   
341 C  CA  . ASP A 39 ? 0.3430 0.3861 0.3757 0.0254  -0.0427 0.0607  425 ASP A CA  
342 C  C   . ASP A 39 ? 0.3322 0.3834 0.3686 0.0222  -0.0361 0.0593  425 ASP A C   
343 O  O   . ASP A 39 ? 0.3398 0.4016 0.3661 0.0242  -0.0446 0.0669  425 ASP A O   
344 C  CB  . ASP A 39 ? 0.3615 0.3852 0.3824 0.0145  -0.0438 0.0759  425 ASP A CB  
345 C  CG  . ASP A 39 ? 0.3990 0.4357 0.4343 0.0253  -0.0683 0.1019  425 ASP A CG  
346 O  OD1 . ASP A 39 ? 0.3989 0.4512 0.4750 0.0527  -0.0692 0.1295  425 ASP A OD1 
347 O  OD2 . ASP A 39 ? 0.4925 0.4827 0.4841 0.0312  -0.0926 0.1302  425 ASP A OD2 
348 N  N   . PHE A 40 ? 0.3138 0.4003 0.3888 0.0172  -0.0290 0.0559  426 PHE A N   
349 C  CA  . PHE A 40 ? 0.3204 0.4271 0.3795 0.0073  -0.0232 0.0524  426 PHE A CA  
350 C  C   . PHE A 40 ? 0.3157 0.4602 0.3988 -0.0001 -0.0297 0.0552  426 PHE A C   
351 O  O   . PHE A 40 ? 0.3499 0.4936 0.4063 -0.0073 -0.0339 0.0511  426 PHE A O   
352 C  CB  . PHE A 40 ? 0.3142 0.4198 0.3700 0.0135  -0.0125 0.0407  426 PHE A CB  
353 C  CG  . PHE A 40 ? 0.3065 0.3994 0.3568 0.0287  -0.0033 0.0233  426 PHE A CG  
354 C  CD1 . PHE A 40 ? 0.3160 0.3409 0.3407 0.0038  -0.0138 0.0567  426 PHE A CD1 
355 C  CD2 . PHE A 40 ? 0.3589 0.3929 0.3856 0.0193  -0.0321 0.0216  426 PHE A CD2 
356 C  CE1 . PHE A 40 ? 0.3388 0.2981 0.3071 0.0016  -0.0231 0.0107  426 PHE A CE1 
357 C  CE2 . PHE A 40 ? 0.3549 0.3684 0.3659 0.0415  -0.0429 0.0424  426 PHE A CE2 
358 C  CZ  . PHE A 40 ? 0.3671 0.3279 0.2855 0.0339  -0.0018 -0.0058 426 PHE A CZ  
359 N  N   . ARG A 41 ? 0.3158 0.4958 0.4314 0.0019  -0.0391 0.0577  427 ARG A N   
360 C  CA  . ARG A 41 ? 0.3338 0.5298 0.4607 0.0096  -0.0508 0.0687  427 ARG A CA  
361 C  C   . ARG A 41 ? 0.3222 0.5230 0.4501 -0.0029 -0.0562 0.0781  427 ARG A C   
362 O  O   . ARG A 41 ? 0.3156 0.5636 0.4317 0.0082  -0.0551 0.0834  427 ARG A O   
363 C  CB  . ARG A 41 ? 0.3608 0.5506 0.5115 0.0163  -0.0567 0.0629  427 ARG A CB  
364 C  CG  . ARG A 41 ? 0.4345 0.6131 0.5537 0.0269  -0.0490 0.0496  427 ARG A CG  
365 C  CD  . ARG A 41 ? 0.5325 0.7068 0.7330 0.0674  -0.0470 0.0532  427 ARG A CD  
366 N  NE  . ARG A 41 ? 0.6645 0.7652 0.8391 0.0741  -0.0405 0.1010  427 ARG A NE  
367 C  CZ  . ARG A 41 ? 0.6879 0.7950 0.8876 0.0672  -0.0446 0.1010  427 ARG A CZ  
368 N  NH1 . ARG A 41 ? 0.7132 0.8439 0.9127 0.0618  -0.0596 0.1057  427 ARG A NH1 
369 N  NH2 . ARG A 41 ? 0.7254 0.8118 0.9094 0.0753  -0.0470 0.1153  427 ARG A NH2 
370 N  N   . GLU A 42 ? 0.3186 0.4998 0.4231 -0.0053 -0.0538 0.0857  428 GLU A N   
371 C  CA  . GLU A 42 ? 0.3191 0.4776 0.4194 -0.0179 -0.0662 0.0880  428 GLU A CA  
372 C  C   . GLU A 42 ? 0.3222 0.4827 0.4111 -0.0178 -0.0745 0.0871  428 GLU A C   
373 O  O   . GLU A 42 ? 0.3280 0.4655 0.4151 -0.0157 -0.0886 0.0926  428 GLU A O   
374 C  CB  . GLU A 42 ? 0.3062 0.4707 0.3885 -0.0155 -0.0606 0.0891  428 GLU A CB  
375 C  CG  . GLU A 42 ? 0.3290 0.4905 0.4037 -0.0127 -0.0589 0.1088  428 GLU A CG  
376 C  CD  . GLU A 42 ? 0.3078 0.4514 0.3731 -0.0258 -0.0571 0.1138  428 GLU A CD  
377 O  OE1 . GLU A 42 ? 0.3549 0.4685 0.3998 -0.0523 -0.0615 0.1028  428 GLU A OE1 
378 O  OE2 . GLU A 42 ? 0.3470 0.4743 0.3781 -0.0225 -0.0554 0.0940  428 GLU A OE2 
379 N  N   . ALA A 43 ? 0.3237 0.4836 0.3975 -0.0323 -0.0793 0.0870  429 ALA A N   
380 C  CA  . ALA A 43 ? 0.3437 0.5042 0.3983 -0.0320 -0.0849 0.0816  429 ALA A CA  
381 C  C   . ALA A 43 ? 0.3511 0.4967 0.3909 -0.0430 -0.0810 0.0849  429 ALA A C   
382 O  O   . ALA A 43 ? 0.3683 0.5122 0.3895 -0.0464 -0.0734 0.0784  429 ALA A O   
383 C  CB  . ALA A 43 ? 0.3502 0.5189 0.3982 -0.0246 -0.0982 0.0802  429 ALA A CB  
384 N  N   . LEU A 44 ? 0.3655 0.4755 0.3800 -0.0495 -0.0777 0.0767  430 LEU A N   
385 C  CA  . LEU A 44 ? 0.3451 0.4498 0.3695 -0.0757 -0.0722 0.0769  430 LEU A CA  
386 C  C   . LEU A 44 ? 0.3592 0.4537 0.3810 -0.0861 -0.0709 0.0759  430 LEU A C   
387 O  O   . LEU A 44 ? 0.3802 0.4761 0.4137 -0.0826 -0.0400 0.0887  430 LEU A O   
388 C  CB  . LEU A 44 ? 0.3536 0.4336 0.3614 -0.0733 -0.0732 0.0765  430 LEU A CB  
389 C  CG  . LEU A 44 ? 0.3139 0.4292 0.3454 -0.0931 -0.0661 0.0833  430 LEU A CG  
390 C  CD1 . LEU A 44 ? 0.3007 0.3819 0.3710 -0.0598 -0.0873 0.0434  430 LEU A CD1 
391 C  CD2 . LEU A 44 ? 0.3051 0.4078 0.3473 -0.0505 -0.0055 0.0707  430 LEU A CD2 
392 N  N   . ASP A 45 ? 0.3568 0.4453 0.3597 -0.0989 -0.0806 0.0632  431 ASP A N   
393 C  CA  . ASP A 45 ? 0.3710 0.4460 0.3693 -0.1133 -0.0896 0.0458  431 ASP A CA  
394 C  C   . ASP A 45 ? 0.3649 0.4206 0.3560 -0.1019 -0.0804 0.0449  431 ASP A C   
395 O  O   . ASP A 45 ? 0.3772 0.4078 0.3735 -0.1066 -0.0846 0.0363  431 ASP A O   
396 C  CB  . ASP A 45 ? 0.3901 0.4790 0.3780 -0.1131 -0.0917 0.0436  431 ASP A CB  
397 C  CG  . ASP A 45 ? 0.4374 0.5302 0.4114 -0.1224 -0.1122 0.0354  431 ASP A CG  
398 O  OD1 . ASP A 45 ? 0.4296 0.6064 0.4784 -0.0935 -0.1411 0.0377  431 ASP A OD1 
399 O  OD2 . ASP A 45 ? 0.5511 0.5789 0.4071 -0.1277 -0.1180 0.0238  431 ASP A OD2 
400 N  N   . ARG A 46 ? 0.3532 0.3959 0.3399 -0.0918 -0.0934 0.0274  432 ARG A N   
401 C  CA  . ARG A 46 ? 0.3513 0.3914 0.3427 -0.0901 -0.0802 0.0169  432 ARG A CA  
402 C  C   . ARG A 46 ? 0.3372 0.3685 0.3197 -0.0749 -0.0787 0.0223  432 ARG A C   
403 O  O   . ARG A 46 ? 0.3388 0.3879 0.2946 -0.0905 -0.0712 0.0348  432 ARG A O   
404 C  CB  . ARG A 46 ? 0.3631 0.3802 0.3641 -0.0910 -0.0781 0.0084  432 ARG A CB  
405 C  CG  . ARG A 46 ? 0.4522 0.4127 0.4098 -0.1046 -0.0601 -0.0181 432 ARG A CG  
406 C  CD  . ARG A 46 ? 0.5292 0.4922 0.4674 -0.0893 -0.0178 -0.0205 432 ARG A CD  
407 N  NE  . ARG A 46 ? 0.5724 0.5223 0.5192 -0.1265 -0.0296 -0.0273 432 ARG A NE  
408 C  CZ  . ARG A 46 ? 0.6035 0.5274 0.5119 -0.1497 -0.0413 -0.0409 432 ARG A CZ  
409 N  NH1 . ARG A 46 ? 0.5739 0.5871 0.5685 -0.1496 -0.0513 -0.0296 432 ARG A NH1 
410 N  NH2 . ARG A 46 ? 0.6365 0.5377 0.5345 -0.1876 -0.0296 -0.0491 432 ARG A NH2 
411 N  N   . VAL A 47 ? 0.3148 0.3639 0.3068 -0.0646 -0.0624 0.0224  433 VAL A N   
412 C  CA  . VAL A 47 ? 0.2969 0.3355 0.3000 -0.0465 -0.0590 0.0193  433 VAL A CA  
413 C  C   . VAL A 47 ? 0.2860 0.3360 0.3114 -0.0441 -0.0479 0.0139  433 VAL A C   
414 O  O   . VAL A 47 ? 0.2880 0.3299 0.3134 -0.0395 -0.0454 0.0050  433 VAL A O   
415 C  CB  . VAL A 47 ? 0.2864 0.3417 0.3149 -0.0395 -0.0524 0.0264  433 VAL A CB  
416 C  CG1 . VAL A 47 ? 0.3238 0.3424 0.3417 -0.0473 -0.0520 0.0252  433 VAL A CG1 
417 C  CG2 . VAL A 47 ? 0.2837 0.3522 0.3331 -0.0251 -0.0556 0.0281  433 VAL A CG2 
418 N  N   . VAL A 48 ? 0.2928 0.3322 0.3027 -0.0452 -0.0507 0.0151  434 VAL A N   
419 C  CA  . VAL A 48 ? 0.2879 0.3416 0.3047 -0.0410 -0.0439 -0.0024 434 VAL A CA  
420 C  C   . VAL A 48 ? 0.2765 0.3308 0.3042 -0.0451 -0.0566 0.0071  434 VAL A C   
421 O  O   . VAL A 48 ? 0.2869 0.3301 0.3135 -0.0475 -0.0712 0.0131  434 VAL A O   
422 C  CB  . VAL A 48 ? 0.2961 0.3635 0.3094 -0.0444 -0.0416 0.0034  434 VAL A CB  
423 C  CG1 . VAL A 48 ? 0.2939 0.3654 0.3085 -0.0204 -0.0386 -0.0060 434 VAL A CG1 
424 C  CG2 . VAL A 48 ? 0.3517 0.3856 0.3497 -0.0452 -0.0286 -0.0257 434 VAL A CG2 
425 N  N   . ILE A 49 ? 0.2696 0.3185 0.2807 -0.0435 -0.0568 -0.0067 435 ILE A N   
426 C  CA  . ILE A 49 ? 0.2445 0.2962 0.2986 -0.0378 -0.0440 -0.0011 435 ILE A CA  
427 C  C   . ILE A 49 ? 0.2614 0.2859 0.2880 -0.0303 -0.0356 0.0025  435 ILE A C   
428 O  O   . ILE A 49 ? 0.2599 0.3061 0.3137 -0.0239 -0.0276 0.0162  435 ILE A O   
429 C  CB  . ILE A 49 ? 0.2380 0.2962 0.3090 -0.0169 -0.0500 -0.0035 435 ILE A CB  
430 C  CG1 . ILE A 49 ? 0.2117 0.3105 0.3029 -0.0333 -0.0294 -0.0097 435 ILE A CG1 
431 C  CG2 . ILE A 49 ? 0.2487 0.2950 0.3255 -0.0318 -0.0554 0.0105  435 ILE A CG2 
432 C  CD1 . ILE A 49 ? 0.2142 0.3319 0.3285 -0.0268 0.0161  0.0703  435 ILE A CD1 
433 N  N   . ASP A 50 ? 0.2442 0.2919 0.2682 -0.0290 -0.0117 -0.0025 436 ASP A N   
434 C  CA  . ASP A 50 ? 0.2615 0.3089 0.2570 -0.0359 -0.0206 -0.0127 436 ASP A CA  
435 C  C   . ASP A 50 ? 0.2579 0.2736 0.2666 -0.0371 -0.0202 -0.0181 436 ASP A C   
436 O  O   . ASP A 50 ? 0.2625 0.2608 0.2884 -0.0536 -0.0285 -0.0090 436 ASP A O   
437 C  CB  . ASP A 50 ? 0.2610 0.3299 0.2661 -0.0286 -0.0069 -0.0241 436 ASP A CB  
438 C  CG  . ASP A 50 ? 0.3062 0.3796 0.2579 -0.0109 0.0098  -0.0308 436 ASP A CG  
439 O  OD1 . ASP A 50 ? 0.2934 0.4029 0.2860 -0.0443 -0.0004 -0.0011 436 ASP A OD1 
440 O  OD2 . ASP A 50 ? 0.3766 0.4927 0.2855 0.0226  0.0415  -0.0745 436 ASP A OD2 
441 N  N   . VAL A 51 ? 0.2328 0.2752 0.2378 -0.0269 -0.0190 -0.0259 437 VAL A N   
442 C  CA  . VAL A 51 ? 0.2101 0.2663 0.2265 -0.0256 -0.0113 -0.0279 437 VAL A CA  
443 C  C   . VAL A 51 ? 0.2270 0.2775 0.2411 -0.0211 -0.0190 -0.0281 437 VAL A C   
444 O  O   . VAL A 51 ? 0.2320 0.2931 0.2503 -0.0293 -0.0317 -0.0434 437 VAL A O   
445 C  CB  . VAL A 51 ? 0.2205 0.2725 0.2571 -0.0248 -0.0038 0.0010  437 VAL A CB  
446 C  CG1 . VAL A 51 ? 0.2254 0.3088 0.2605 -0.0059 0.0061  -0.0043 437 VAL A CG1 
447 C  CG2 . VAL A 51 ? 0.2576 0.2509 0.2309 -0.0124 0.0064  0.0021  437 VAL A CG2 
448 N  N   . SER A 52 ? 0.2494 0.2797 0.2659 -0.0176 -0.0111 -0.0350 438 SER A N   
449 C  CA  . SER A 52 ? 0.2491 0.3189 0.2724 -0.0272 0.0029  -0.0382 438 SER A CA  
450 C  C   . SER A 52 ? 0.2655 0.3225 0.2706 -0.0236 0.0008  -0.0388 438 SER A C   
451 O  O   . SER A 52 ? 0.2644 0.3341 0.2968 -0.0260 -0.0007 -0.0416 438 SER A O   
452 C  CB  . SER A 52 ? 0.2921 0.3390 0.2870 -0.0148 0.0101  -0.0252 438 SER A CB  
453 O  OG  . SER A 52 ? 0.3277 0.3430 0.2764 -0.0411 0.0007  -0.0282 438 SER A OG  
454 N  N   . ARG A 53 ? 0.2750 0.3390 0.2683 -0.0367 0.0074  -0.0242 439 ARG A N   
455 C  CA  . ARG A 53 ? 0.2929 0.3430 0.2656 -0.0508 0.0127  -0.0213 439 ARG A CA  
456 C  C   . ARG A 53 ? 0.2919 0.3264 0.2849 -0.0456 0.0065  -0.0241 439 ARG A C   
457 O  O   . ARG A 53 ? 0.3044 0.3584 0.3299 -0.0612 0.0070  -0.0238 439 ARG A O   
458 C  CB  . ARG A 53 ? 0.3037 0.3559 0.2690 -0.0502 0.0067  -0.0160 439 ARG A CB  
459 C  CG  . ARG A 53 ? 0.3374 0.4155 0.2881 -0.0632 0.0376  -0.0249 439 ARG A CG  
460 C  CD  . ARG A 53 ? 0.4840 0.5689 0.3826 -0.1031 0.0560  0.0224  439 ARG A CD  
461 N  NE  . ARG A 53 ? 0.5286 0.6564 0.4553 -0.0903 0.0638  -0.0105 439 ARG A NE  
462 C  CZ  . ARG A 53 ? 0.5163 0.7141 0.5273 -0.0904 0.0623  0.0017  439 ARG A CZ  
463 N  NH1 . ARG A 53 ? 0.5473 0.7150 0.5967 -0.1046 0.0826  0.0778  439 ARG A NH1 
464 N  NH2 . ARG A 53 ? 0.5221 0.7428 0.5175 -0.0644 0.0050  -0.0355 439 ARG A NH2 
465 N  N   . ALA A 54 ? 0.2645 0.2939 0.2587 -0.0316 -0.0107 -0.0161 440 ALA A N   
466 C  CA  . ALA A 54 ? 0.2578 0.2950 0.2542 -0.0243 -0.0126 -0.0167 440 ALA A CA  
467 C  C   . ALA A 54 ? 0.2537 0.2676 0.2544 -0.0269 -0.0252 -0.0287 440 ALA A C   
468 O  O   . ALA A 54 ? 0.2904 0.2657 0.2582 -0.0357 -0.0319 -0.0328 440 ALA A O   
469 C  CB  . ALA A 54 ? 0.2324 0.2654 0.2840 -0.0298 -0.0262 -0.0202 440 ALA A CB  
470 N  N   . HIS A 55 ? 0.2388 0.2560 0.2432 -0.0412 -0.0170 -0.0260 441 HIS A N   
471 C  CA  . HIS A 55 ? 0.2263 0.2618 0.2516 -0.0374 -0.0194 -0.0278 441 HIS A CA  
472 C  C   . HIS A 55 ? 0.2352 0.2556 0.2459 -0.0345 -0.0175 -0.0333 441 HIS A C   
473 O  O   . HIS A 55 ? 0.2661 0.2666 0.2795 -0.0253 -0.0022 -0.0464 441 HIS A O   
474 C  CB  . HIS A 55 ? 0.2103 0.2404 0.2465 -0.0431 -0.0236 -0.0287 441 HIS A CB  
475 C  CG  . HIS A 55 ? 0.2238 0.2599 0.2772 -0.0375 0.0000  -0.0189 441 HIS A CG  
476 N  ND1 . HIS A 55 ? 0.2118 0.2897 0.2729 -0.0257 -0.0154 -0.0521 441 HIS A ND1 
477 C  CD2 . HIS A 55 ? 0.2329 0.2800 0.2931 -0.0526 0.0085  -0.0083 441 HIS A CD2 
478 C  CE1 . HIS A 55 ? 0.2592 0.2941 0.2724 -0.0538 -0.0030 -0.0125 441 HIS A CE1 
479 N  NE2 . HIS A 55 ? 0.2556 0.2831 0.3176 -0.0330 0.0078  0.0155  441 HIS A NE2 
480 N  N   . ILE A 56 ? 0.2390 0.2667 0.2493 -0.0291 -0.0126 -0.0174 442 ILE A N   
481 C  CA  . ILE A 56 ? 0.2477 0.2630 0.2548 -0.0338 -0.0031 -0.0228 442 ILE A CA  
482 C  C   . ILE A 56 ? 0.2560 0.2346 0.2544 -0.0243 -0.0103 -0.0170 442 ILE A C   
483 O  O   . ILE A 56 ? 0.2769 0.2648 0.2873 -0.0153 -0.0146 0.0039  442 ILE A O   
484 C  CB  . ILE A 56 ? 0.2515 0.2909 0.2499 -0.0421 -0.0013 -0.0311 442 ILE A CB  
485 C  CG1 . ILE A 56 ? 0.2790 0.2381 0.2284 -0.0658 -0.0237 -0.0697 442 ILE A CG1 
486 C  CG2 . ILE A 56 ? 0.2757 0.3183 0.2793 -0.0512 0.0415  -0.0435 442 ILE A CG2 
487 C  CD1 . ILE A 56 ? 0.2774 0.2611 0.3014 -0.1040 -0.0370 -0.0924 442 ILE A CD1 
488 N  N   . TRP A 57 ? 0.2665 0.2567 0.2554 -0.0151 -0.0170 -0.0173 443 TRP A N   
489 C  CA  . TRP A 57 ? 0.2747 0.2357 0.2675 -0.0351 -0.0205 -0.0288 443 TRP A CA  
490 C  C   . TRP A 57 ? 0.2917 0.2608 0.2783 -0.0281 -0.0260 -0.0178 443 TRP A C   
491 O  O   . TRP A 57 ? 0.3067 0.3029 0.2959 -0.0246 -0.0388 -0.0084 443 TRP A O   
492 C  CB  . TRP A 57 ? 0.2734 0.2163 0.2904 -0.0418 -0.0083 -0.0257 443 TRP A CB  
493 C  CG  . TRP A 57 ? 0.2542 0.2235 0.2744 -0.0303 -0.0232 -0.0187 443 TRP A CG  
494 C  CD1 . TRP A 57 ? 0.2625 0.1907 0.2662 -0.0656 -0.0175 -0.0637 443 TRP A CD1 
495 C  CD2 . TRP A 57 ? 0.2269 0.2633 0.2609 -0.0424 -0.0211 -0.0189 443 TRP A CD2 
496 N  NE1 . TRP A 57 ? 0.2408 0.2548 0.2790 -0.0457 -0.0172 -0.0295 443 TRP A NE1 
497 C  CE2 . TRP A 57 ? 0.2622 0.2986 0.2613 -0.0343 -0.0331 -0.0213 443 TRP A CE2 
498 C  CE3 . TRP A 57 ? 0.2414 0.2543 0.2459 -0.0200 -0.0309 -0.0434 443 TRP A CE3 
499 C  CZ2 . TRP A 57 ? 0.2572 0.2979 0.2715 -0.0304 -0.0373 -0.0131 443 TRP A CZ2 
500 C  CZ3 . TRP A 57 ? 0.2603 0.2675 0.2832 -0.0170 -0.0259 -0.0141 443 TRP A CZ3 
501 C  CH2 . TRP A 57 ? 0.2968 0.3077 0.2798 -0.0227 -0.0307 -0.0127 443 TRP A CH2 
502 N  N   . ASP A 58 ? 0.2838 0.2493 0.2784 -0.0311 -0.0120 -0.0173 444 ASP A N   
503 C  CA  . ASP A 58 ? 0.2814 0.2548 0.2742 -0.0253 -0.0040 -0.0297 444 ASP A CA  
504 C  C   . ASP A 58 ? 0.2975 0.2705 0.2628 -0.0344 -0.0013 -0.0219 444 ASP A C   
505 O  O   . ASP A 58 ? 0.2838 0.2309 0.2417 -0.0352 0.0041  -0.0320 444 ASP A O   
506 C  CB  . ASP A 58 ? 0.2940 0.2522 0.2662 -0.0304 -0.0163 -0.0416 444 ASP A CB  
507 C  CG  . ASP A 58 ? 0.3236 0.2139 0.3006 -0.0259 -0.0174 -0.0443 444 ASP A CG  
508 O  OD1 . ASP A 58 ? 0.3180 0.2618 0.3318 -0.0098 -0.0002 -0.0243 444 ASP A OD1 
509 O  OD2 . ASP A 58 ? 0.3683 0.2089 0.3127 -0.0187 -0.0459 -0.0782 444 ASP A OD2 
510 N  N   A ILE A 59 ? 0.2921 0.2673 0.2737 -0.0381 0.0106  -0.0241 445 ILE A N   
511 N  N   B ILE A 59 ? 0.2928 0.2747 0.2756 -0.0402 0.0087  -0.0201 445 ILE A N   
512 C  CA  A ILE A 59 ? 0.2986 0.2839 0.2694 -0.0371 0.0091  -0.0214 445 ILE A CA  
513 C  CA  B ILE A 59 ? 0.2964 0.2995 0.2751 -0.0406 0.0056  -0.0120 445 ILE A CA  
514 C  C   A ILE A 59 ? 0.2921 0.2806 0.2776 -0.0311 0.0110  -0.0282 445 ILE A C   
515 C  C   B ILE A 59 ? 0.2923 0.2870 0.2792 -0.0341 0.0090  -0.0238 445 ILE A C   
516 O  O   A ILE A 59 ? 0.2876 0.2852 0.2601 -0.0340 0.0040  -0.0304 445 ILE A O   
517 O  O   B ILE A 59 ? 0.2850 0.2867 0.2578 -0.0391 0.0046  -0.0255 445 ILE A O   
518 C  CB  A ILE A 59 ? 0.2995 0.2697 0.2704 -0.0390 0.0131  -0.0206 445 ILE A CB  
519 C  CB  B ILE A 59 ? 0.3079 0.2985 0.2774 -0.0471 0.0085  -0.0092 445 ILE A CB  
520 C  CG1 A ILE A 59 ? 0.3158 0.2857 0.2744 -0.0559 0.0130  -0.0340 445 ILE A CG1 
521 C  CG1 B ILE A 59 ? 0.2980 0.3290 0.2839 -0.0573 0.0026  -0.0073 445 ILE A CG1 
522 C  CG2 A ILE A 59 ? 0.3232 0.2975 0.2329 -0.0468 0.0296  -0.0421 445 ILE A CG2 
523 C  CG2 B ILE A 59 ? 0.3006 0.3287 0.2533 -0.0438 0.0136  -0.0014 445 ILE A CG2 
524 C  CD1 A ILE A 59 ? 0.3100 0.2531 0.3083 -0.0811 0.0086  -0.0508 445 ILE A CD1 
525 C  CD1 B ILE A 59 ? 0.3635 0.3025 0.2907 -0.1047 0.0158  -0.0424 445 ILE A CD1 
526 N  N   . SER A 60 ? 0.2994 0.2863 0.2853 -0.0282 0.0161  -0.0271 446 SER A N   
527 C  CA  . SER A 60 ? 0.3291 0.2771 0.2993 -0.0165 0.0152  -0.0414 446 SER A CA  
528 C  C   . SER A 60 ? 0.3048 0.2502 0.2929 -0.0110 0.0113  -0.0423 446 SER A C   
529 O  O   . SER A 60 ? 0.3053 0.2719 0.2896 -0.0050 0.0095  -0.0259 446 SER A O   
530 C  CB  . SER A 60 ? 0.3574 0.2825 0.3033 -0.0067 0.0257  -0.0599 446 SER A CB  
531 O  OG  . SER A 60 ? 0.4304 0.3800 0.3449 -0.0054 0.0479  -0.0536 446 SER A OG  
532 N  N   . SER A 61 ? 0.2962 0.2325 0.2900 -0.0271 -0.0007 -0.0379 447 SER A N   
533 C  CA  . SER A 61 ? 0.2743 0.1990 0.2889 -0.0261 -0.0079 -0.0449 447 SER A CA  
534 C  C   . SER A 61 ? 0.2726 0.1985 0.2734 -0.0203 -0.0216 -0.0400 447 SER A C   
535 O  O   . SER A 61 ? 0.2692 0.2005 0.2829 -0.0230 -0.0256 -0.0193 447 SER A O   
536 C  CB  . SER A 61 ? 0.2685 0.1963 0.2835 -0.0395 -0.0284 -0.0573 447 SER A CB  
537 O  OG  . SER A 61 ? 0.3004 0.1975 0.3348 -0.0116 -0.0144 -0.0490 447 SER A OG  
538 N  N   . VAL A 62 ? 0.2511 0.1990 0.2750 -0.0154 -0.0109 -0.0345 448 VAL A N   
539 C  CA  . VAL A 62 ? 0.2508 0.2057 0.2801 -0.0142 -0.0163 -0.0246 448 VAL A CA  
540 C  C   . VAL A 62 ? 0.2616 0.2394 0.2772 -0.0092 0.0015  -0.0150 448 VAL A C   
541 O  O   . VAL A 62 ? 0.2682 0.2108 0.2862 -0.0027 0.0092  -0.0088 448 VAL A O   
542 C  CB  . VAL A 62 ? 0.2373 0.1895 0.3119 -0.0221 -0.0272 -0.0231 448 VAL A CB  
543 C  CG1 . VAL A 62 ? 0.2758 0.1988 0.3175 -0.0184 -0.0286 -0.0316 448 VAL A CG1 
544 C  CG2 . VAL A 62 ? 0.2416 0.2232 0.2940 -0.0022 -0.0281 -0.0131 448 VAL A CG2 
545 N  N   . GLN A 63 ? 0.2478 0.2633 0.2943 -0.0043 0.0209  -0.0044 449 GLN A N   
546 C  CA  . GLN A 63 ? 0.2586 0.2765 0.2676 -0.0006 0.0214  -0.0028 449 GLN A CA  
547 C  C   . GLN A 63 ? 0.2707 0.2634 0.2796 -0.0151 0.0061  -0.0078 449 GLN A C   
548 O  O   . GLN A 63 ? 0.2827 0.2645 0.2942 -0.0148 -0.0137 -0.0127 449 GLN A O   
549 C  CB  . GLN A 63 ? 0.2635 0.2832 0.2491 -0.0164 0.0422  0.0047  449 GLN A CB  
550 C  CG  . GLN A 63 ? 0.3020 0.2816 0.2495 0.0002  0.0434  0.0114  449 GLN A CG  
551 C  CD  . GLN A 63 ? 0.3572 0.2741 0.2758 0.0032  0.0299  -0.0153 449 GLN A CD  
552 O  OE1 . GLN A 63 ? 0.4319 0.2761 0.3440 -0.0046 0.0555  -0.0336 449 GLN A OE1 
553 N  NE2 . GLN A 63 ? 0.3763 0.3238 0.3216 0.0058  0.0777  0.0242  449 GLN A NE2 
554 N  N   . ALA A 64 ? 0.2725 0.2329 0.2797 -0.0134 0.0014  -0.0199 450 ALA A N   
555 C  CA  . ALA A 64 ? 0.2793 0.2007 0.2872 -0.0238 -0.0086 -0.0296 450 ALA A CA  
556 C  C   . ALA A 64 ? 0.2733 0.2220 0.2888 -0.0009 -0.0093 -0.0199 450 ALA A C   
557 O  O   . ALA A 64 ? 0.2713 0.2283 0.3000 -0.0085 -0.0159 -0.0125 450 ALA A O   
558 C  CB  . ALA A 64 ? 0.2926 0.1712 0.3194 -0.0212 -0.0182 -0.0173 450 ALA A CB  
559 N  N   . LEU A 65 ? 0.2709 0.2193 0.2733 0.0012  -0.0021 -0.0269 451 LEU A N   
560 C  CA  . LEU A 65 ? 0.2577 0.2231 0.2818 0.0063  -0.0039 -0.0214 451 LEU A CA  
561 C  C   . LEU A 65 ? 0.2511 0.2537 0.2833 0.0085  -0.0102 -0.0124 451 LEU A C   
562 O  O   . LEU A 65 ? 0.2590 0.2533 0.2541 0.0024  -0.0182 -0.0250 451 LEU A O   
563 C  CB  . LEU A 65 ? 0.2569 0.2241 0.2899 0.0151  -0.0077 -0.0212 451 LEU A CB  
564 C  CG  . LEU A 65 ? 0.2559 0.2562 0.2830 0.0218  -0.0013 0.0009  451 LEU A CG  
565 C  CD1 . LEU A 65 ? 0.2938 0.2354 0.3012 0.0297  -0.0319 0.0099  451 LEU A CD1 
566 C  CD2 . LEU A 65 ? 0.2540 0.2592 0.3237 0.0306  -0.0028 0.0299  451 LEU A CD2 
567 N  N   . ASP A 66 ? 0.2443 0.2551 0.2961 -0.0081 -0.0026 -0.0044 452 ASP A N   
568 C  CA  . ASP A 66 ? 0.2381 0.2547 0.2971 -0.0078 -0.0023 0.0050  452 ASP A CA  
569 C  C   . ASP A 66 ? 0.2379 0.2633 0.2935 -0.0054 -0.0099 0.0077  452 ASP A C   
570 O  O   . ASP A 66 ? 0.2615 0.2895 0.3093 0.0085  -0.0087 0.0075  452 ASP A O   
571 C  CB  . ASP A 66 ? 0.2544 0.2522 0.2826 -0.0102 -0.0213 0.0024  452 ASP A CB  
572 C  CG  . ASP A 66 ? 0.2694 0.2662 0.2719 0.0007  -0.0107 -0.0034 452 ASP A CG  
573 O  OD1 . ASP A 66 ? 0.2994 0.2705 0.3491 0.0154  0.0040  0.0055  452 ASP A OD1 
574 O  OD2 . ASP A 66 ? 0.3173 0.2416 0.2738 -0.0357 -0.0540 0.0154  452 ASP A OD2 
575 N  N   . MSE A 67 ? 0.2280 0.2578 0.2921 0.0083  -0.0005 0.0047  453 MSE A N   
576 C  CA  . MSE A 67 ? 0.2512 0.2937 0.3187 0.0111  0.0074  0.0066  453 MSE A CA  
577 C  C   . MSE A 67 ? 0.2437 0.2811 0.3192 0.0114  -0.0061 0.0047  453 MSE A C   
578 O  O   . MSE A 67 ? 0.2508 0.2985 0.3371 0.0114  0.0049  0.0120  453 MSE A O   
579 C  CB  . MSE A 67 ? 0.2688 0.3184 0.3214 0.0354  0.0015  -0.0124 453 MSE A CB  
580 C  CG  . MSE A 67 ? 0.2750 0.4038 0.3845 0.0208  0.0227  0.0163  453 MSE A CG  
581 SE SE  . MSE A 67 ? 0.3332 0.4647 0.5464 0.0284  0.0492  0.0068  453 MSE A SE  
582 C  CE  . MSE A 67 ? 0.4166 0.5619 0.5249 0.0136  0.0229  0.0189  453 MSE A CE  
583 N  N   . ALA A 68 ? 0.2450 0.2576 0.2937 0.0105  0.0021  0.0071  454 ALA A N   
584 C  CA  . ALA A 68 ? 0.2595 0.2610 0.3021 0.0013  -0.0107 0.0075  454 ALA A CA  
585 C  C   . ALA A 68 ? 0.2469 0.2658 0.2826 -0.0073 -0.0296 0.0042  454 ALA A C   
586 O  O   . ALA A 68 ? 0.2731 0.2942 0.3038 -0.0009 -0.0309 0.0275  454 ALA A O   
587 C  CB  . ALA A 68 ? 0.2457 0.2779 0.3128 -0.0001 -0.0057 0.0103  454 ALA A CB  
588 N  N   . VAL A 69 ? 0.2498 0.2482 0.2735 -0.0226 -0.0306 0.0086  455 VAL A N   
589 C  CA  . VAL A 69 ? 0.2359 0.2507 0.2832 -0.0280 -0.0313 0.0058  455 VAL A CA  
590 C  C   . VAL A 69 ? 0.2518 0.2875 0.2970 -0.0263 -0.0269 0.0192  455 VAL A C   
591 O  O   . VAL A 69 ? 0.2453 0.3040 0.3019 -0.0380 -0.0360 0.0268  455 VAL A O   
592 C  CB  . VAL A 69 ? 0.2435 0.2365 0.3030 -0.0356 -0.0223 -0.0010 455 VAL A CB  
593 C  CG1 . VAL A 69 ? 0.2897 0.2367 0.3082 -0.0319 -0.0556 -0.0330 455 VAL A CG1 
594 C  CG2 . VAL A 69 ? 0.2194 0.2725 0.2886 -0.0332 -0.0325 -0.0075 455 VAL A CG2 
595 N  N   . LEU A 70 ? 0.2345 0.2869 0.3208 -0.0273 -0.0112 0.0362  456 LEU A N   
596 C  CA  . LEU A 70 ? 0.2350 0.3226 0.3226 -0.0291 -0.0184 0.0432  456 LEU A CA  
597 C  C   . LEU A 70 ? 0.2368 0.3366 0.3257 -0.0285 -0.0302 0.0388  456 LEU A C   
598 O  O   . LEU A 70 ? 0.2506 0.3588 0.3299 -0.0324 -0.0379 0.0375  456 LEU A O   
599 C  CB  . LEU A 70 ? 0.2278 0.3354 0.3146 -0.0287 -0.0164 0.0334  456 LEU A CB  
600 C  CG  . LEU A 70 ? 0.2611 0.3650 0.3508 -0.0669 -0.0103 0.0374  456 LEU A CG  
601 C  CD1 . LEU A 70 ? 0.2944 0.4108 0.4341 -0.0727 -0.0200 0.0116  456 LEU A CD1 
602 C  CD2 . LEU A 70 ? 0.3352 0.3864 0.3534 -0.0605 0.0041  0.0280  456 LEU A CD2 
603 N  N   . LYS A 71 ? 0.2456 0.3274 0.3134 -0.0135 -0.0179 0.0347  457 LYS A N   
604 C  CA  . LYS A 71 ? 0.2595 0.3463 0.3313 -0.0076 -0.0281 0.0340  457 LYS A CA  
605 C  C   . LYS A 71 ? 0.2546 0.3476 0.3269 -0.0070 -0.0305 0.0387  457 LYS A C   
606 O  O   . LYS A 71 ? 0.2712 0.3928 0.3321 -0.0142 -0.0433 0.0233  457 LYS A O   
607 C  CB  . LYS A 71 ? 0.2719 0.3366 0.3451 -0.0089 -0.0302 0.0269  457 LYS A CB  
608 C  CG  . LYS A 71 ? 0.3114 0.3914 0.3701 0.0131  -0.0235 0.0254  457 LYS A CG  
609 C  CD  . LYS A 71 ? 0.3363 0.4352 0.5144 0.0162  -0.0430 0.0213  457 LYS A CD  
610 C  CE  . LYS A 71 ? 0.4495 0.4888 0.5601 0.0547  -0.0031 0.0376  457 LYS A CE  
611 N  NZ  . LYS A 71 ? 0.4720 0.6036 0.6525 0.0667  0.0335  0.0071  457 LYS A NZ  
612 N  N   . PHE A 72 ? 0.2568 0.3319 0.3226 -0.0101 -0.0354 0.0419  458 PHE A N   
613 C  CA  . PHE A 72 ? 0.2472 0.3291 0.3220 -0.0235 -0.0337 0.0404  458 PHE A CA  
614 C  C   . PHE A 72 ? 0.2512 0.3402 0.3311 -0.0261 -0.0419 0.0423  458 PHE A C   
615 O  O   . PHE A 72 ? 0.2721 0.3560 0.3377 -0.0331 -0.0569 0.0307  458 PHE A O   
616 C  CB  . PHE A 72 ? 0.2289 0.3019 0.3441 -0.0233 -0.0373 0.0422  458 PHE A CB  
617 C  CG  . PHE A 72 ? 0.2771 0.3133 0.3286 -0.0326 -0.0184 0.0360  458 PHE A CG  
618 C  CD1 . PHE A 72 ? 0.2933 0.2956 0.3840 -0.0169 -0.0248 0.0414  458 PHE A CD1 
619 C  CD2 . PHE A 72 ? 0.2263 0.2839 0.3780 -0.0417 -0.0084 0.0245  458 PHE A CD2 
620 C  CE1 . PHE A 72 ? 0.2643 0.2999 0.3785 -0.0476 -0.0444 0.0388  458 PHE A CE1 
621 C  CE2 . PHE A 72 ? 0.2833 0.2325 0.3721 -0.0494 -0.0503 0.0095  458 PHE A CE2 
622 C  CZ  . PHE A 72 ? 0.2940 0.3027 0.3753 -0.0557 -0.0539 0.0243  458 PHE A CZ  
623 N  N   . ARG A 73 ? 0.2445 0.3233 0.3197 -0.0373 -0.0441 0.0466  459 ARG A N   
624 C  CA  . ARG A 73 ? 0.2536 0.3462 0.3229 -0.0486 -0.0525 0.0442  459 ARG A CA  
625 C  C   . ARG A 73 ? 0.2565 0.3842 0.3389 -0.0500 -0.0535 0.0547  459 ARG A C   
626 O  O   . ARG A 73 ? 0.2495 0.4075 0.3597 -0.0718 -0.0532 0.0401  459 ARG A O   
627 C  CB  . ARG A 73 ? 0.2506 0.3307 0.3068 -0.0456 -0.0446 0.0400  459 ARG A CB  
628 C  CG  . ARG A 73 ? 0.2675 0.3232 0.3103 -0.0413 -0.0768 0.0166  459 ARG A CG  
629 C  CD  . ARG A 73 ? 0.2818 0.3737 0.3362 -0.0290 -0.0512 0.0515  459 ARG A CD  
630 N  NE  . ARG A 73 ? 0.2708 0.3564 0.3946 -0.0294 -0.0438 0.0284  459 ARG A NE  
631 C  CZ  . ARG A 73 ? 0.2936 0.3234 0.3423 -0.0383 -0.0620 0.0097  459 ARG A CZ  
632 N  NH1 . ARG A 73 ? 0.3374 0.3275 0.3629 -0.0371 -0.0464 0.0204  459 ARG A NH1 
633 N  NH2 . ARG A 73 ? 0.3075 0.3219 0.3744 -0.0549 -0.0233 -0.0015 459 ARG A NH2 
634 N  N   . ARG A 74 ? 0.2399 0.4090 0.3541 -0.0439 -0.0439 0.0607  460 ARG A N   
635 C  CA  . ARG A 74 ? 0.2664 0.4708 0.3906 -0.0314 -0.0472 0.0693  460 ARG A CA  
636 C  C   . ARG A 74 ? 0.2680 0.4741 0.4114 -0.0373 -0.0524 0.0772  460 ARG A C   
637 O  O   . ARG A 74 ? 0.2600 0.4832 0.4211 -0.0396 -0.0621 0.0910  460 ARG A O   
638 C  CB  . ARG A 74 ? 0.2736 0.4807 0.4101 -0.0282 -0.0354 0.0685  460 ARG A CB  
639 C  CG  . ARG A 74 ? 0.3290 0.5527 0.4432 -0.0210 -0.0089 0.0731  460 ARG A CG  
640 C  CD  . ARG A 74 ? 0.4053 0.6596 0.5146 -0.0044 0.0276  0.0218  460 ARG A CD  
641 N  NE  . ARG A 74 ? 0.5027 0.7471 0.5680 0.0024  0.0375  0.0542  460 ARG A NE  
642 C  CZ  . ARG A 74 ? 0.5414 0.7836 0.6036 -0.0054 0.0481  0.0257  460 ARG A CZ  
643 N  NH1 . ARG A 74 ? 0.5210 0.7785 0.6399 0.0077  0.0424  0.0072  460 ARG A NH1 
644 N  NH2 . ARG A 74 ? 0.5145 0.8120 0.6340 -0.0201 0.0913  0.0466  460 ARG A NH2 
645 N  N   . GLU A 75 ? 0.2681 0.4815 0.4129 -0.0383 -0.0559 0.0810  461 GLU A N   
646 C  CA  . GLU A 75 ? 0.2921 0.5016 0.4238 -0.0541 -0.0616 0.0837  461 GLU A CA  
647 C  C   . GLU A 75 ? 0.2956 0.5195 0.4249 -0.0660 -0.0672 0.0737  461 GLU A C   
648 O  O   . GLU A 75 ? 0.3140 0.5531 0.4427 -0.0671 -0.0643 0.0835  461 GLU A O   
649 C  CB  . GLU A 75 ? 0.2976 0.5040 0.4380 -0.0426 -0.0589 0.0899  461 GLU A CB  
650 C  CG  . GLU A 75 ? 0.3277 0.4769 0.4661 -0.0401 -0.0578 0.0909  461 GLU A CG  
651 C  CD  . GLU A 75 ? 0.3808 0.5117 0.5791 -0.0132 -0.0541 0.0810  461 GLU A CD  
652 O  OE1 . GLU A 75 ? 0.3862 0.4838 0.6344 -0.0493 -0.0708 0.0807  461 GLU A OE1 
653 O  OE2 . GLU A 75 ? 0.4227 0.6188 0.6280 -0.0059 0.0026  0.0539  461 GLU A OE2 
654 N  N   . GLY A 76 ? 0.2971 0.5124 0.4182 -0.0807 -0.0711 0.0538  462 GLY A N   
655 C  CA  . GLY A 76 ? 0.3167 0.5292 0.4223 -0.0813 -0.0618 0.0294  462 GLY A CA  
656 C  C   . GLY A 76 ? 0.3266 0.5227 0.4260 -0.0942 -0.0624 0.0144  462 GLY A C   
657 O  O   . GLY A 76 ? 0.3518 0.5556 0.4424 -0.0898 -0.0545 -0.0014 462 GLY A O   
658 N  N   . ALA A 77 ? 0.3088 0.4825 0.3972 -0.0953 -0.0695 0.0205  463 ALA A N   
659 C  CA  . ALA A 77 ? 0.3121 0.4322 0.3749 -0.0928 -0.0737 0.0181  463 ALA A CA  
660 C  C   . ALA A 77 ? 0.3287 0.4065 0.3755 -0.0998 -0.0715 0.0132  463 ALA A C   
661 O  O   . ALA A 77 ? 0.3532 0.4053 0.3729 -0.0921 -0.0839 0.0192  463 ALA A O   
662 C  CB  . ALA A 77 ? 0.2963 0.4193 0.3666 -0.0954 -0.0800 0.0190  463 ALA A CB  
663 N  N   . GLU A 78 ? 0.3286 0.3838 0.3653 -0.1075 -0.0822 -0.0013 464 GLU A N   
664 C  CA  . GLU A 78 ? 0.3515 0.3679 0.3550 -0.0982 -0.0814 -0.0055 464 GLU A CA  
665 C  C   . GLU A 78 ? 0.3404 0.3386 0.3335 -0.0902 -0.0702 -0.0060 464 GLU A C   
666 O  O   . GLU A 78 ? 0.3431 0.3526 0.3338 -0.0915 -0.0739 0.0006  464 GLU A O   
667 C  CB  . GLU A 78 ? 0.3913 0.3898 0.3802 -0.0871 -0.0739 -0.0111 464 GLU A CB  
668 C  CG  . GLU A 78 ? 0.4942 0.4792 0.4601 -0.0524 -0.0704 -0.0418 464 GLU A CG  
669 C  CD  . GLU A 78 ? 0.6236 0.5737 0.5599 -0.0364 -0.0629 -0.1162 464 GLU A CD  
670 O  OE1 . GLU A 78 ? 0.6848 0.6026 0.5910 -0.0417 -0.0758 -0.1399 464 GLU A OE1 
671 O  OE2 . GLU A 78 ? 0.6638 0.6508 0.6489 0.0013  -0.0586 -0.1089 464 GLU A OE2 
672 N  N   . VAL A 79 ? 0.3136 0.3023 0.3058 -0.0750 -0.0655 0.0005  465 VAL A N   
673 C  CA  . VAL A 79 ? 0.3067 0.2895 0.3022 -0.0618 -0.0500 -0.0067 465 VAL A CA  
674 C  C   . VAL A 79 ? 0.3220 0.2914 0.3249 -0.0619 -0.0525 -0.0075 465 VAL A C   
675 O  O   . VAL A 79 ? 0.3246 0.2741 0.3360 -0.0561 -0.0585 -0.0043 465 VAL A O   
676 C  CB  . VAL A 79 ? 0.3047 0.3041 0.3040 -0.0514 -0.0560 -0.0194 465 VAL A CB  
677 C  CG1 . VAL A 79 ? 0.3506 0.3241 0.3503 -0.0737 -0.0382 -0.0040 465 VAL A CG1 
678 C  CG2 . VAL A 79 ? 0.3086 0.3034 0.3137 -0.0449 -0.0350 0.0077  465 VAL A CG2 
679 N  N   . ARG A 80 ? 0.3204 0.2754 0.3320 -0.0677 -0.0673 -0.0193 466 ARG A N   
680 C  CA  . ARG A 80 ? 0.3494 0.3001 0.3714 -0.0638 -0.0523 -0.0205 466 ARG A CA  
681 C  C   . ARG A 80 ? 0.3382 0.2841 0.3312 -0.0630 -0.0586 -0.0229 466 ARG A C   
682 O  O   . ARG A 80 ? 0.3481 0.2740 0.3190 -0.0440 -0.0468 -0.0202 466 ARG A O   
683 C  CB  . ARG A 80 ? 0.3858 0.3187 0.3812 -0.0635 -0.0606 -0.0233 466 ARG A CB  
684 C  CG  . ARG A 80 ? 0.4662 0.4204 0.4646 -0.0631 -0.0033 -0.0158 466 ARG A CG  
685 C  CD  . ARG A 80 ? 0.5993 0.5234 0.5559 -0.0526 0.0180  -0.0654 466 ARG A CD  
686 N  NE  . ARG A 80 ? 0.6734 0.6328 0.6039 -0.0510 0.0331  -0.0351 466 ARG A NE  
687 C  CZ  . ARG A 80 ? 0.6920 0.7095 0.6303 -0.0443 0.0301  -0.0356 466 ARG A CZ  
688 N  NH1 . ARG A 80 ? 0.7211 0.7212 0.6326 -0.0409 -0.0036 -0.0724 466 ARG A NH1 
689 N  NH2 . ARG A 80 ? 0.7254 0.7407 0.6221 -0.0446 0.0393  -0.0230 466 ARG A NH2 
690 N  N   . ILE A 81 ? 0.3241 0.2801 0.3484 -0.0462 -0.0517 -0.0127 467 ILE A N   
691 C  CA  . ILE A 81 ? 0.3079 0.2987 0.3212 -0.0405 -0.0404 -0.0152 467 ILE A CA  
692 C  C   . ILE A 81 ? 0.3091 0.2869 0.3172 -0.0201 -0.0344 -0.0218 467 ILE A C   
693 O  O   . ILE A 81 ? 0.3314 0.3046 0.3525 -0.0228 -0.0488 -0.0262 467 ILE A O   
694 C  CB  . ILE A 81 ? 0.2950 0.2871 0.3118 -0.0294 -0.0358 -0.0098 467 ILE A CB  
695 C  CG1 . ILE A 81 ? 0.3328 0.3648 0.3223 -0.0240 -0.0012 0.0038  467 ILE A CG1 
696 C  CG2 . ILE A 81 ? 0.3030 0.2994 0.2845 -0.0490 -0.0554 -0.0265 467 ILE A CG2 
697 C  CD1 . ILE A 81 ? 0.3791 0.4108 0.3412 -0.0290 -0.0185 0.0326  467 ILE A CD1 
698 N  N   . VAL A 82 ? 0.2860 0.3169 0.3101 -0.0130 -0.0241 -0.0236 468 VAL A N   
699 C  CA  . VAL A 82 ? 0.2820 0.3252 0.2996 -0.0088 -0.0134 -0.0315 468 VAL A CA  
700 C  C   . VAL A 82 ? 0.2832 0.3084 0.2960 -0.0125 -0.0112 -0.0330 468 VAL A C   
701 O  O   . VAL A 82 ? 0.2943 0.2936 0.2956 -0.0188 -0.0144 -0.0251 468 VAL A O   
702 C  CB  . VAL A 82 ? 0.2911 0.3495 0.2924 -0.0037 -0.0161 -0.0307 468 VAL A CB  
703 C  CG1 . VAL A 82 ? 0.3196 0.3835 0.3119 -0.0079 0.0220  -0.0493 468 VAL A CG1 
704 C  CG2 . VAL A 82 ? 0.3324 0.3812 0.3217 -0.0205 -0.0117 -0.0372 468 VAL A CG2 
705 N  N   . GLY A 83 ? 0.2643 0.3065 0.2931 -0.0299 -0.0188 -0.0375 469 GLY A N   
706 C  CA  . GLY A 83 ? 0.2745 0.3012 0.2675 -0.0316 -0.0180 -0.0385 469 GLY A CA  
707 C  C   . GLY A 83 ? 0.2548 0.2590 0.2710 -0.0214 -0.0073 -0.0473 469 GLY A C   
708 O  O   . GLY A 83 ? 0.2679 0.2472 0.2803 -0.0200 -0.0248 -0.0317 469 GLY A O   
709 N  N   . MSE A 84 ? 0.2701 0.2498 0.2768 -0.0196 -0.0058 -0.0325 470 MSE A N   
710 C  CA  . MSE A 84 ? 0.2540 0.2351 0.2816 -0.0107 -0.0087 -0.0234 470 MSE A CA  
711 C  C   . MSE A 84 ? 0.2509 0.2338 0.2933 -0.0198 -0.0148 -0.0269 470 MSE A C   
712 O  O   . MSE A 84 ? 0.2426 0.2301 0.2983 -0.0171 -0.0321 -0.0267 470 MSE A O   
713 C  CB  . MSE A 84 ? 0.2682 0.2395 0.2931 -0.0088 0.0000  -0.0101 470 MSE A CB  
714 C  CG  . MSE A 84 ? 0.3002 0.2109 0.2895 0.0121  0.0169  -0.0233 470 MSE A CG  
715 SE SE  . MSE A 84 ? 0.4094 0.2657 0.3380 0.0387  0.0657  -0.0201 470 MSE A SE  
716 C  CE  . MSE A 84 ? 0.3618 0.3694 0.3121 0.0120  0.0267  -0.0204 470 MSE A CE  
717 N  N   . ASN A 85 ? 0.2487 0.2512 0.3033 0.0070  -0.0312 -0.0335 471 ASN A N   
718 C  CA  . ASN A 85 ? 0.2636 0.2800 0.3390 0.0041  -0.0256 -0.0423 471 ASN A CA  
719 C  C   . ASN A 85 ? 0.2533 0.2723 0.3095 -0.0061 -0.0299 -0.0354 471 ASN A C   
720 O  O   . ASN A 85 ? 0.2782 0.2846 0.3110 -0.0101 -0.0231 -0.0167 471 ASN A O   
721 C  CB  . ASN A 85 ? 0.2845 0.2932 0.3830 0.0191  -0.0222 -0.0470 471 ASN A CB  
722 C  CG  . ASN A 85 ? 0.2959 0.3622 0.4285 0.0176  -0.0175 -0.0364 471 ASN A CG  
723 O  OD1 . ASN A 85 ? 0.3241 0.4625 0.5552 0.0018  0.0261  -0.0181 471 ASN A OD1 
724 N  ND2 . ASN A 85 ? 0.3399 0.3841 0.5349 0.0196  0.0040  0.0105  471 ASN A ND2 
725 N  N   . GLU A 86 ? 0.2403 0.2795 0.2906 -0.0103 -0.0261 -0.0460 472 GLU A N   
726 C  CA  . GLU A 86 ? 0.2592 0.2853 0.2886 -0.0237 -0.0106 -0.0335 472 GLU A CA  
727 C  C   . GLU A 86 ? 0.2387 0.2773 0.2719 -0.0157 -0.0149 -0.0232 472 GLU A C   
728 O  O   . GLU A 86 ? 0.2368 0.2880 0.2840 -0.0273 -0.0260 -0.0123 472 GLU A O   
729 C  CB  . GLU A 86 ? 0.2600 0.3035 0.3002 -0.0231 0.0185  -0.0316 472 GLU A CB  
730 C  CG  . GLU A 86 ? 0.3598 0.3924 0.3458 -0.0211 0.0095  -0.0692 472 GLU A CG  
731 C  CD  . GLU A 86 ? 0.4211 0.5154 0.3991 -0.0263 -0.0037 -0.1112 472 GLU A CD  
732 O  OE1 . GLU A 86 ? 0.3603 0.4701 0.3479 0.0360  -0.0371 -0.1093 472 GLU A OE1 
733 O  OE2 . GLU A 86 ? 0.5134 0.5838 0.4702 -0.0051 0.0310  -0.1459 472 GLU A OE2 
734 N  N   . ALA A 87 ? 0.2447 0.2503 0.2682 -0.0163 -0.0117 -0.0169 473 ALA A N   
735 C  CA  . ALA A 87 ? 0.2463 0.2529 0.2757 -0.0064 -0.0218 -0.0187 473 ALA A CA  
736 C  C   . ALA A 87 ? 0.2472 0.2462 0.2772 -0.0144 -0.0173 -0.0236 473 ALA A C   
737 O  O   . ALA A 87 ? 0.2633 0.2464 0.2797 -0.0218 -0.0235 -0.0115 473 ALA A O   
738 C  CB  . ALA A 87 ? 0.2366 0.2439 0.2604 0.0022  -0.0279 -0.0333 473 ALA A CB  
739 N  N   A SER A 88 ? 0.2381 0.2331 0.2785 -0.0120 -0.0207 -0.0154 474 SER A N   
740 N  N   B SER A 88 ? 0.2560 0.2368 0.2913 -0.0103 -0.0160 -0.0166 474 SER A N   
741 C  CA  A SER A 88 ? 0.2343 0.2313 0.2726 -0.0255 -0.0255 -0.0178 474 SER A CA  
742 C  CA  B SER A 88 ? 0.2689 0.2384 0.2964 -0.0172 -0.0110 -0.0208 474 SER A CA  
743 C  C   A SER A 88 ? 0.2443 0.2487 0.2802 -0.0128 -0.0240 -0.0195 474 SER A C   
744 C  C   B SER A 88 ? 0.2703 0.2535 0.3007 -0.0085 -0.0158 -0.0203 474 SER A C   
745 O  O   A SER A 88 ? 0.2474 0.2634 0.2920 -0.0157 -0.0163 -0.0084 474 SER A O   
746 O  O   B SER A 88 ? 0.2734 0.2688 0.3148 -0.0105 -0.0066 -0.0097 474 SER A O   
747 C  CB  A SER A 88 ? 0.2381 0.2327 0.2784 -0.0155 -0.0300 -0.0164 474 SER A CB  
748 C  CB  B SER A 88 ? 0.2840 0.2435 0.3057 -0.0115 -0.0140 -0.0202 474 SER A CB  
749 O  OG  A SER A 88 ? 0.2137 0.2252 0.2636 -0.0692 -0.0564 0.0093  474 SER A OG  
750 O  OG  B SER A 88 ? 0.3406 0.2342 0.3624 -0.0100 0.0240  -0.0114 474 SER A OG  
751 N  N   A GLU A 89 ? 0.2398 0.2621 0.2876 -0.0205 -0.0243 -0.0211 475 GLU A N   
752 N  N   B GLU A 89 ? 0.2627 0.2696 0.3069 -0.0185 -0.0222 -0.0222 475 GLU A N   
753 C  CA  A GLU A 89 ? 0.2491 0.2808 0.2978 -0.0151 -0.0256 -0.0320 475 GLU A CA  
754 C  CA  B GLU A 89 ? 0.2648 0.2863 0.3147 -0.0163 -0.0269 -0.0331 475 GLU A CA  
755 C  C   A GLU A 89 ? 0.2509 0.2883 0.2992 -0.0207 -0.0286 -0.0267 475 GLU A C   
756 C  C   B GLU A 89 ? 0.2608 0.2915 0.3099 -0.0211 -0.0310 -0.0271 475 GLU A C   
757 O  O   A GLU A 89 ? 0.2695 0.2814 0.3055 -0.0171 -0.0409 -0.0206 475 GLU A O   
758 O  O   B GLU A 89 ? 0.2753 0.2846 0.3143 -0.0206 -0.0455 -0.0243 475 GLU A O   
759 C  CB  A GLU A 89 ? 0.2409 0.3072 0.3109 -0.0119 -0.0321 -0.0338 475 GLU A CB  
760 C  CB  B GLU A 89 ? 0.2606 0.3189 0.3319 -0.0121 -0.0349 -0.0356 475 GLU A CB  
761 C  CG  A GLU A 89 ? 0.3236 0.3418 0.3432 0.0169  -0.0033 -0.0454 475 GLU A CG  
762 C  CG  B GLU A 89 ? 0.3388 0.3563 0.3818 0.0117  -0.0127 -0.0519 475 GLU A CG  
763 C  CD  A GLU A 89 ? 0.3994 0.4009 0.3678 0.0711  0.0102  -0.0319 475 GLU A CD  
764 C  CD  B GLU A 89 ? 0.3764 0.4467 0.4306 0.0226  0.0112  -0.0634 475 GLU A CD  
765 O  OE1 A GLU A 89 ? 0.4419 0.4109 0.3705 0.0690  0.0003  -0.0335 475 GLU A OE1 
766 O  OE1 B GLU A 89 ? 0.4372 0.5236 0.4417 0.0250  0.0320  -0.0334 475 GLU A OE1 
767 O  OE2 A GLU A 89 ? 0.4663 0.4494 0.3960 0.0493  0.0316  -0.0454 475 GLU A OE2 
768 O  OE2 B GLU A 89 ? 0.4491 0.4905 0.4505 0.0395  0.0296  -0.0483 475 GLU A OE2 
769 N  N   . THR A 90 ? 0.2536 0.2672 0.3003 -0.0307 -0.0261 -0.0305 476 THR A N   
770 C  CA  . THR A 90 ? 0.2655 0.2908 0.2938 -0.0286 -0.0181 -0.0390 476 THR A CA  
771 C  C   . THR A 90 ? 0.3036 0.3220 0.3193 -0.0338 -0.0059 -0.0431 476 THR A C   
772 O  O   . THR A 90 ? 0.3338 0.3483 0.3493 -0.0409 0.0114  -0.0592 476 THR A O   
773 C  CB  . THR A 90 ? 0.2528 0.2723 0.2743 -0.0355 -0.0248 -0.0386 476 THR A CB  
774 O  OG1 . THR A 90 ? 0.2336 0.2381 0.3182 -0.0261 -0.0330 -0.0298 476 THR A OG1 
775 C  CG2 . THR A 90 ? 0.2258 0.2933 0.3033 -0.0461 -0.0254 -0.0066 476 THR A CG2 
776 N  N   . MSE A 91 ? 0.3120 0.3363 0.3291 -0.0323 -0.0009 -0.0553 477 MSE A N   
777 C  CA  . MSE A 91 ? 0.3401 0.3759 0.3466 -0.0278 -0.0054 -0.0473 477 MSE A CA  
778 C  C   . MSE A 91 ? 0.4082 0.4173 0.3750 -0.0267 -0.0085 -0.0325 477 MSE A C   
779 O  O   . MSE A 91 ? 0.4430 0.4479 0.3811 -0.0051 -0.0076 -0.0186 477 MSE A O   
780 C  CB  . MSE A 91 ? 0.2981 0.3485 0.3242 -0.0156 0.0000  -0.0594 477 MSE A CB  
781 C  CG  . MSE A 91 ? 0.2350 0.3571 0.3588 -0.0158 -0.0201 -0.0431 477 MSE A CG  
782 SE SE  . MSE A 91 ? 0.3864 0.3661 0.4623 0.0008  0.0532  -0.0818 477 MSE A SE  
783 C  CE  . MSE A 91 ? 0.4177 0.3517 0.4784 -0.0705 0.0512  -0.0256 477 MSE A CE  
784 N  N   . VAL A 92 ? 0.4550 0.4869 0.3914 -0.0396 -0.0260 -0.0370 478 VAL A N   
785 C  CA  . VAL A 92 ? 0.4973 0.5480 0.4393 -0.0318 -0.0421 -0.0161 478 VAL A CA  
786 C  C   . VAL A 92 ? 0.5269 0.5679 0.4330 -0.0389 -0.0352 -0.0205 478 VAL A C   
787 O  O   . VAL A 92 ? 0.5512 0.6216 0.4652 -0.0357 -0.0540 0.0064  478 VAL A O   
788 C  CB  . VAL A 92 ? 0.5044 0.5426 0.4437 -0.0365 -0.0429 -0.0181 478 VAL A CB  
789 C  CG1 . VAL A 92 ? 0.4973 0.5978 0.4598 -0.0330 -0.0513 -0.0303 478 VAL A CG1 
790 C  CG2 . VAL A 92 ? 0.5718 0.5548 0.4622 -0.0371 -0.0306 -0.0280 478 VAL A CG2 
791 O  O   . HOH B .  ? 0.2689 0.3158 0.3088 0.0078  -0.0342 0.0255  1   HOH A O   
792 O  O   . HOH B .  ? 0.3173 0.2930 0.2616 -0.0372 -0.0288 0.0013  2   HOH A O   
793 O  O   . HOH B .  ? 0.2873 0.3153 0.3142 -0.0543 -0.0415 -0.0422 3   HOH A O   
794 O  O   . HOH B .  ? 0.3152 0.2936 0.3383 -0.0139 -0.0252 0.0222  4   HOH A O   
795 O  O   . HOH B .  ? 0.2915 0.4358 0.2978 -0.0009 0.0141  -0.0442 5   HOH A O   
796 O  O   . HOH B .  ? 0.6046 0.3122 0.2868 -0.0387 -0.1132 0.0457  6   HOH A O   
797 O  O   . HOH B .  ? 0.4532 0.3086 0.3700 -0.1823 -0.0782 0.0209  7   HOH A O   
798 O  O   . HOH B .  ? 0.3931 0.3492 0.3415 -0.0440 -0.0110 -0.0195 8   HOH A O   
799 O  O   . HOH B .  ? 0.3582 0.3291 0.3591 -0.0069 0.0060  0.0181  9   HOH A O   
800 O  O   . HOH B .  ? 0.3977 0.3858 0.3724 -0.0301 -0.0050 0.0254  10  HOH A O   
801 O  O   . HOH B .  ? 0.3036 0.4759 0.3224 -0.0357 -0.0417 -0.0616 11  HOH A O   
802 O  O   . HOH B .  ? 0.4752 0.3082 0.3701 -0.0134 -0.0700 0.0033  12  HOH A O   
803 O  O   . HOH B .  ? 0.4867 0.3982 0.4816 -0.1156 -0.0779 0.0742  13  HOH A O   
804 O  O   . HOH B .  ? 0.3302 0.7550 0.4379 0.0124  0.0302  0.1271  14  HOH A O   
805 O  O   . HOH B .  ? 0.2823 0.3559 0.3328 0.0005  -0.0229 -0.0420 15  HOH A O   
806 O  O   . HOH B .  ? 0.2767 0.3396 0.4798 0.0217  0.0129  -0.0069 16  HOH A O   
807 O  O   . HOH B .  ? 0.3416 0.4228 0.3502 0.0262  -0.0037 -0.0147 17  HOH A O   
808 O  O   . HOH B .  ? 0.4016 0.5927 0.3659 -0.0701 0.0154  -0.1609 18  HOH A O   
809 O  O   . HOH B .  ? 0.3742 0.4579 0.5966 0.1524  0.0174  0.0177  19  HOH A O   
810 O  O   . HOH B .  ? 0.5472 0.3922 0.4026 -0.0018 -0.0230 0.0648  20  HOH A O   
811 O  O   . HOH B .  ? 0.3730 0.4853 0.6044 -0.0617 -0.0748 0.1896  21  HOH A O   
812 O  O   . HOH B .  ? 0.3134 0.5551 0.3814 -0.0109 -0.0767 0.0889  22  HOH A O   
813 O  O   . HOH B .  ? 0.3171 0.4592 0.5836 0.0654  -0.0898 0.0421  23  HOH A O   
814 O  O   . HOH B .  ? 0.3504 0.6087 0.4247 -0.1161 -0.1422 0.0747  24  HOH A O   
815 O  O   . HOH B .  ? 0.5481 0.4028 0.4569 -0.0497 -0.1089 0.1436  25  HOH A O   
816 O  O   . HOH B .  ? 0.5203 0.4759 0.4383 0.1875  -0.0674 -0.0711 26  HOH A O   
817 O  O   . HOH B .  ? 0.6149 0.3755 0.6103 -0.1974 -0.1701 0.2205  27  HOH A O   
818 O  O   . HOH B .  ? 0.6108 0.6054 0.3159 -0.1407 0.0241  -0.0557 28  HOH A O   
819 O  O   . HOH B .  ? 0.3904 0.4412 0.4778 -0.1482 -0.0778 0.1162  29  HOH A O   
820 O  O   . HOH B .  ? 0.6885 0.6352 0.6060 -0.1243 0.0054  -0.1907 30  HOH A O   
821 O  O   . HOH B .  ? 0.3472 0.6001 0.4708 -0.0168 -0.0394 -0.0638 31  HOH A O   
822 O  O   . HOH B .  ? 0.3451 0.6113 0.4292 0.0047  -0.0626 -0.1343 32  HOH A O   
823 O  O   . HOH B .  ? 0.3944 0.3255 0.3449 -0.0270 -0.0461 0.0495  33  HOH A O   
824 O  O   . HOH B .  ? 0.6298 0.4837 0.4727 0.1529  0.1276  0.1127  34  HOH A O   
825 O  O   . HOH B .  ? 0.5040 0.8382 0.4671 -0.1186 0.0798  0.0897  35  HOH A O   
826 O  O   . HOH B .  ? 0.7777 0.5059 0.3840 -0.2090 -0.0775 -0.0783 36  HOH A O   
827 O  O   . HOH B .  ? 0.4690 0.4273 0.5172 0.0338  -0.0317 -0.1143 37  HOH A O   
828 O  O   . HOH B .  ? 0.4767 0.4198 0.4799 -0.0622 0.0409  0.0508  38  HOH A O   
829 O  O   . HOH B .  ? 0.2324 0.4383 0.4197 -0.0723 -0.0459 0.1776  39  HOH A O   
830 O  O   . HOH B .  ? 0.4100 0.3380 0.4927 0.0315  -0.1512 -0.1162 40  HOH A O   
831 O  O   . HOH B .  ? 0.7966 0.6475 0.2644 0.1727  -0.0527 -0.0256 41  HOH A O   
832 O  O   . HOH B .  ? 0.4063 0.4182 0.4726 -0.0853 -0.0134 0.0249  42  HOH A O   
833 O  O   . HOH B .  ? 0.6319 0.5775 0.5723 0.0965  -0.1156 -0.0138 43  HOH A O   
834 O  O   . HOH B .  ? 0.7116 0.4749 0.3397 -0.0157 -0.0558 -0.0052 44  HOH A O   
835 O  O   . HOH B .  ? 0.3020 0.6589 0.4669 0.0188  -0.0059 0.0509  45  HOH A O   
836 O  O   . HOH B .  ? 0.3594 1.0907 0.4288 0.1597  0.1052  0.2033  46  HOH A O   
837 O  O   . HOH B .  ? 0.7923 0.5712 0.4809 0.2590  -0.0022 -0.0508 47  HOH A O   
838 O  O   . HOH B .  ? 0.5958 0.3928 0.5457 0.0336  0.1676  0.0187  48  HOH A O   
839 O  O   . HOH B .  ? 0.7865 0.5784 0.7907 -0.0848 -0.3088 0.2153  49  HOH A O   
840 O  O   . HOH B .  ? 0.5026 0.6322 0.5073 -0.1833 -0.0930 0.1420  50  HOH A O   
841 O  O   . HOH B .  ? 0.6316 0.6645 0.5227 -0.1887 0.1888  -0.2557 51  HOH A O   
842 O  O   . HOH B .  ? 0.4392 0.5475 0.5023 0.0846  -0.0131 0.0900  52  HOH A O   
843 O  O   . HOH B .  ? 0.4036 0.4612 0.7117 0.0337  0.0270  0.0365  53  HOH A O   
844 O  O   . HOH B .  ? 0.4700 0.5129 0.5514 -0.0557 -0.0753 -0.2181 54  HOH A O   
845 O  O   . HOH B .  ? 0.7526 0.5156 0.7686 -0.1245 0.0301  0.1967  55  HOH A O   
846 O  O   . HOH B .  ? 0.3532 0.6359 0.5965 0.1008  -0.0350 0.0164  56  HOH A O   
847 O  O   . HOH B .  ? 1.3026 0.5157 0.7070 -0.0518 -0.3181 -0.0236 57  HOH A O   
848 O  O   . HOH B .  ? 0.4645 0.5494 1.1175 0.0090  -0.1645 0.0902  58  HOH A O   
849 O  O   . HOH B .  ? 0.7609 0.4790 0.4627 0.0674  0.1335  0.1278  59  HOH A O   
850 O  O   . HOH B .  ? 0.5042 1.0798 0.5908 -0.0282 -0.0045 0.1887  60  HOH A O   
851 O  O   . HOH B .  ? 0.6986 0.9467 1.0696 -0.3001 0.2898  -0.0974 61  HOH A O   
852 O  O   . HOH B .  ? 0.5135 0.5662 0.4980 -0.0364 -0.0756 -0.0088 62  HOH A O   
853 O  O   . HOH B .  ? 0.4693 0.6261 0.7812 -0.0813 0.1639  -0.1132 63  HOH A O   
854 O  O   . HOH B .  ? 0.6103 0.4432 0.6081 -0.0040 0.0966  -0.1768 64  HOH A O   
855 O  O   . HOH B .  ? 0.7755 0.7482 0.6339 0.1917  -0.0225 0.0702  65  HOH A O   
856 O  O   . HOH B .  ? 0.8036 0.4078 0.4586 -0.0892 0.0545  0.1030  66  HOH A O   
857 O  O   . HOH B .  ? 0.4284 0.4658 0.4504 -0.1155 -0.1317 0.0776  67  HOH A O   
858 O  O   . HOH B .  ? 0.3884 0.7152 0.6147 -0.0207 -0.0887 0.0606  68  HOH A O   
859 O  O   . HOH B .  ? 2.3223 0.3844 0.3001 0.4050  -0.3170 -0.1699 69  HOH A O   
860 O  O   . HOH B .  ? 0.4389 0.6468 0.5822 0.0356  0.0163  -0.1428 70  HOH A O   
861 O  O   . HOH B .  ? 0.4472 0.6621 0.6007 -0.1613 0.0361  0.0838  71  HOH A O   
862 O  O   . HOH B .  ? 0.7062 1.4649 0.6437 -0.1935 0.0905  0.1985  72  HOH A O   
863 O  O   . HOH B .  ? 0.5283 0.6675 0.6384 0.0520  0.0508  -0.1461 73  HOH A O   
864 O  O   . HOH B .  ? 0.7107 0.6732 0.4288 -0.2338 -0.1081 0.0237  74  HOH A O   
865 O  O   . HOH B .  ? 0.6073 0.9901 0.6353 0.2839  0.0649  0.1149  75  HOH A O   
866 O  O   . HOH B .  ? 0.7818 0.4602 0.5266 0.1369  -0.0789 -0.1525 76  HOH A O   
867 O  O   . HOH B .  ? 0.4869 0.7652 0.7916 0.0871  -0.0481 -0.2273 77  HOH A O   
868 O  O   . HOH B .  ? 0.7230 0.9025 0.6692 -0.4209 -0.2941 0.3143  78  HOH A O   
869 O  O   . HOH B .  ? 0.4478 0.6177 0.6309 0.0682  -0.0520 -0.1802 79  HOH A O   
870 O  O   . HOH B .  ? 0.7896 0.4175 0.8384 0.0710  -0.0201 -0.1980 80  HOH A O   
871 O  O   . HOH B .  ? 0.3975 0.7679 0.7719 0.0642  0.0473  -0.1326 81  HOH A O   
872 O  O   . HOH B .  ? 0.6282 0.8428 0.5658 0.1127  0.0583  0.0587  82  HOH A O   
873 O  O   . HOH B .  ? 0.6311 0.5587 0.5342 -0.2713 -0.0679 -0.1144 83  HOH A O   
874 O  O   . HOH B .  ? 0.9478 0.8635 0.4932 0.6018  -0.0222 0.0707  84  HOH A O   
875 O  O   . HOH B .  ? 0.6518 0.3899 0.7953 -0.0274 0.0049  -0.1524 85  HOH A O   
876 O  O   . HOH B .  ? 0.6428 0.4710 0.7549 -0.0195 -0.0724 -0.0075 86  HOH A O   
877 O  O   . HOH B .  ? 0.4581 0.8058 0.6591 -0.0724 -0.0913 0.3628  87  HOH A O   
878 O  O   . HOH B .  ? 0.6412 0.9861 0.5686 -0.2644 -0.0941 0.2412  88  HOH A O   
879 O  O   . HOH B .  ? 1.0946 0.6751 0.3572 0.0683  0.0002  0.0015  89  HOH A O   
880 O  O   . HOH B .  ? 0.4908 0.3686 0.7597 0.0319  0.1425  0.0417  90  HOH A O   
881 O  O   . HOH B .  ? 0.5661 1.0407 0.6535 -0.3171 0.1320  -0.1688 91  HOH A O   
882 O  O   . HOH B .  ? 0.9074 0.7061 0.5456 -0.3526 -0.2419 0.1348  92  HOH A O   
883 O  O   . HOH B .  ? 0.6504 0.3754 0.4437 -0.0854 0.0246  -0.0770 93  HOH A O   
884 O  O   . HOH B .  ? 0.7150 0.4166 0.7886 -0.2282 -0.0770 0.0003  94  HOH A O   
885 O  O   . HOH B .  ? 0.7790 1.2500 1.0227 0.1804  0.3283  0.1288  95  HOH A O   
886 O  O   . HOH B .  ? 0.4542 0.9468 0.5242 -0.0044 -0.1087 -0.1147 96  HOH A O   
887 O  O   . HOH B .  ? 0.6579 0.6311 0.5068 0.0307  -0.0655 0.0075  97  HOH A O   
888 O  O   . HOH B .  ? 0.6839 0.7393 0.7429 -0.0795 -0.0971 0.3365  98  HOH A O   
889 O  O   . HOH B .  ? 0.7065 1.0855 0.5697 -0.1133 -0.0466 0.1431  99  HOH A O   
890 O  O   . HOH B .  ? 0.6808 1.2395 0.4438 0.2750  0.0285  0.0883  100 HOH A O   
891 O  O   . HOH B .  ? 0.6027 0.8137 0.6416 0.0783  -0.1149 -0.1390 101 HOH A O   
892 O  O   . HOH B .  ? 0.4333 0.5374 0.7114 -0.0199 -0.0401 -0.0291 102 HOH A O   
893 O  O   . HOH B .  ? 0.6563 0.7152 0.7619 0.0569  0.0600  0.0596  103 HOH A O   
894 O  O   . HOH B .  ? 0.6401 0.3563 0.7427 0.0492  -0.2625 -0.0434 104 HOH A O   
895 O  O   . HOH B .  ? 0.5078 0.6271 0.7283 0.0747  -0.0426 0.0185  105 HOH A O   
896 O  O   . HOH B .  ? 0.6306 0.5823 0.6624 0.0368  0.0120  -0.1343 106 HOH A O   
897 O  O   . HOH B .  ? 0.4580 0.6155 0.7677 -0.0827 -0.0306 0.0108  107 HOH A O   
898 O  O   . HOH B .  ? 0.8681 0.7545 0.5532 0.0217  0.0446  -0.0080 108 HOH A O   
899 O  O   . HOH B .  ? 0.4429 0.6957 0.5988 0.0712  0.0562  -0.0362 109 HOH A O   
900 O  O   . HOH B .  ? 0.5695 0.5290 0.6438 -0.0008 0.0020  -0.0158 110 HOH A O   
# 
